data_9CP1
#
_entry.id   9CP1
#
_cell.length_a   1.00
_cell.length_b   1.00
_cell.length_c   1.00
_cell.angle_alpha   90.00
_cell.angle_beta   90.00
_cell.angle_gamma   90.00
#
_symmetry.space_group_name_H-M   'P 1'
#
loop_
_entity.id
_entity.type
_entity.pdbx_description
1 polymer 'CRISPR-associated aCascade subunit Cas7/Csa2 2'
2 polymer 'CRISPR system aCascade subunit Cas5 1'
3 polymer 'RNA (38-MER)'
4 polymer "DNA (5'-D(P*CP*GP*GP*GP*TP*TP*TP*TP*CP*CP*T)-3')"
5 non-polymer 2-AMINO-2-HYDROXYMETHYL-PROPANE-1,3-DIOL
#
loop_
_entity_poly.entity_id
_entity_poly.type
_entity_poly.pdbx_seq_one_letter_code
_entity_poly.pdbx_strand_id
1 'polypeptide(L)'
;MISGSVRFLVNLESLNGVESIGNLTKHRTAPVVLKTSTGYLVRYVPVISGEALAHAYQASLVDIAKKEGLPVGSLSSQYE
FIKFSTDEALKIEGIKEPKDYNDARRFEVEVMLKDVIADVGGFMYAGGAPVRRTSRIKLGYMIPALRGDEIPAQLEAQFH
VRFSNKPVSGSQAIFNVEVSSALYTFSFELDEDLIAVPSTFGEKVKGEEELERQKAKRVKSAIKALYSLLSGNFGGKRSR
FLPSMKLMSLVVTKTDFPFMPEPAHDDDYIKTTIMRLGKAKGVLNGNLAKAYVINNEGIEVGEGVTVLSTVEDLVVKLEE
E
;
F,B,C,E,D,A
2 'polypeptide(L)'
;MIYSKVFLKLHWGFSVVKPLAAKAKPGFYLPPPTTLIGALSYGKFRGVDNINLGNVYGSPAYNFRNIMATARLESEGVYT
EDIIRNVISYFQRKERRENPRYIYGVIPTGKVYIPNGRLVVVYVTDSISKEELEKLCWSITRIGCKECLASVENVEVGEA
KKVSGRVKTRYYFRDTVKVVGRKEFLEYVTFWEENGYIWGKEGSPVRYILPITTYPLASKEVEVEAKEAYEVGGEYVVFS
;
G
3 'polyribonucleotide' AUUGAAAGUUCUGUUUCGAAGAAAACCCGCCUCAGAUUCAUUAUGGGGAUAAUCUCUUAUAGA S
4 'polydeoxyribonucleotide' (DC)(DG)(DG)(DG)(DT)(DT)(DT)(DT)(DC)(DC)(DT) M
#
loop_
_chem_comp.id
_chem_comp.type
_chem_comp.name
_chem_comp.formula
A RNA linking ADENOSINE-5'-MONOPHOSPHATE 'C10 H14 N5 O7 P'
C RNA linking CYTIDINE-5'-MONOPHOSPHATE 'C9 H14 N3 O8 P'
DC DNA linking 2'-DEOXYCYTIDINE-5'-MONOPHOSPHATE 'C9 H14 N3 O7 P'
DG DNA linking 2'-DEOXYGUANOSINE-5'-MONOPHOSPHATE 'C10 H14 N5 O7 P'
DT DNA linking THYMIDINE-5'-MONOPHOSPHATE 'C10 H15 N2 O8 P'
G RNA linking GUANOSINE-5'-MONOPHOSPHATE 'C10 H14 N5 O8 P'
TRS non-polymer 2-AMINO-2-HYDROXYMETHYL-PROPANE-1,3-DIOL 'C4 H12 N O3 1'
U RNA linking URIDINE-5'-MONOPHOSPHATE 'C9 H13 N2 O9 P'
#
# COMPACT_ATOMS: atom_id res chain seq x y z
N MET A 1 -28.13 -14.43 64.57
CA MET A 1 -28.52 -13.36 63.66
C MET A 1 -29.99 -12.99 63.85
N ILE A 2 -30.26 -11.69 63.97
CA ILE A 2 -31.60 -11.17 64.17
C ILE A 2 -31.91 -10.24 63.00
N SER A 3 -32.93 -10.60 62.22
CA SER A 3 -33.37 -9.80 61.09
C SER A 3 -34.82 -9.41 61.27
N GLY A 4 -35.27 -8.42 60.51
CA GLY A 4 -36.65 -8.00 60.63
C GLY A 4 -37.10 -7.12 59.49
N SER A 5 -38.40 -7.13 59.26
CA SER A 5 -39.07 -6.28 58.29
C SER A 5 -40.21 -5.54 58.97
N VAL A 6 -40.27 -4.22 58.78
CA VAL A 6 -41.17 -3.34 59.51
C VAL A 6 -41.92 -2.47 58.51
N ARG A 7 -43.21 -2.26 58.78
CA ARG A 7 -44.04 -1.34 58.00
C ARG A 7 -44.59 -0.27 58.92
N PHE A 8 -44.33 0.99 58.60
CA PHE A 8 -44.80 2.14 59.35
C PHE A 8 -45.79 2.94 58.51
N LEU A 9 -46.60 3.74 59.21
CA LEU A 9 -47.54 4.65 58.57
C LEU A 9 -47.31 6.05 59.10
N VAL A 10 -47.20 7.02 58.19
CA VAL A 10 -47.00 8.41 58.55
C VAL A 10 -47.93 9.31 57.76
N LYS A 26 -35.72 21.07 50.98
CA LYS A 26 -36.39 20.15 50.08
C LYS A 26 -36.39 18.73 50.63
N HIS A 27 -37.03 17.82 49.92
CA HIS A 27 -37.09 16.42 50.30
C HIS A 27 -36.37 15.59 49.24
N ARG A 28 -35.50 14.70 49.70
CA ARG A 28 -34.68 13.91 48.79
C ARG A 28 -35.56 12.97 47.96
N THR A 29 -35.24 12.87 46.67
CA THR A 29 -35.96 12.02 45.74
C THR A 29 -34.99 11.12 44.99
N ALA A 30 -35.41 9.90 44.71
CA ALA A 30 -34.59 8.89 44.06
C ALA A 30 -35.41 8.14 43.02
N PRO A 31 -34.76 7.56 42.03
CA PRO A 31 -35.49 6.79 41.01
C PRO A 31 -35.73 5.35 41.45
N VAL A 32 -36.93 4.85 41.13
CA VAL A 32 -37.31 3.47 41.41
C VAL A 32 -37.97 2.87 40.18
N VAL A 33 -38.04 1.54 40.18
CA VAL A 33 -38.68 0.78 39.12
C VAL A 33 -39.93 0.13 39.70
N LEU A 34 -41.07 0.36 39.06
CA LEU A 34 -42.37 -0.07 39.56
C LEU A 34 -43.01 -1.02 38.55
N LYS A 35 -43.69 -2.03 39.05
CA LYS A 35 -44.30 -3.07 38.21
C LYS A 35 -45.79 -2.85 38.08
N THR A 36 -46.27 -2.82 36.85
CA THR A 36 -47.69 -2.73 36.54
C THR A 36 -48.09 -3.88 35.62
N SER A 37 -49.40 -4.02 35.41
CA SER A 37 -49.89 -5.06 34.51
C SER A 37 -49.39 -4.85 33.08
N THR A 38 -48.96 -3.64 32.74
CA THR A 38 -48.41 -3.35 31.43
C THR A 38 -46.90 -3.57 31.35
N GLY A 39 -46.25 -3.87 32.47
CA GLY A 39 -44.82 -4.09 32.46
C GLY A 39 -44.08 -3.39 33.58
N TYR A 40 -43.05 -2.62 33.23
CA TYR A 40 -42.23 -1.93 34.21
C TYR A 40 -42.07 -0.47 33.83
N LEU A 41 -42.03 0.39 34.85
CA LEU A 41 -41.93 1.83 34.64
C LEU A 41 -40.88 2.42 35.57
N VAL A 42 -40.33 3.55 35.17
CA VAL A 42 -39.34 4.29 35.95
C VAL A 42 -40.02 5.51 36.55
N ARG A 43 -39.90 5.67 37.86
CA ARG A 43 -40.54 6.79 38.55
C ARG A 43 -39.55 7.43 39.50
N TYR A 44 -39.87 8.66 39.93
CA TYR A 44 -39.09 9.38 40.91
C TYR A 44 -39.93 9.51 42.18
N VAL A 45 -39.39 9.05 43.30
CA VAL A 45 -40.16 8.98 44.54
C VAL A 45 -39.31 9.58 45.68
N PRO A 46 -39.91 10.31 46.61
CA PRO A 46 -39.16 10.78 47.78
C PRO A 46 -38.64 9.60 48.60
N VAL A 47 -37.41 9.74 49.11
CA VAL A 47 -36.75 8.71 49.88
C VAL A 47 -36.11 9.32 51.12
N ILE A 48 -35.83 8.46 52.09
CA ILE A 48 -35.16 8.85 53.33
C ILE A 48 -33.93 7.99 53.51
N SER A 49 -32.77 8.62 53.65
CA SER A 49 -31.53 7.88 53.78
C SER A 49 -31.49 7.10 55.08
N GLY A 50 -30.91 5.91 55.03
CA GLY A 50 -30.76 5.10 56.23
C GLY A 50 -29.69 5.58 57.19
N GLU A 51 -28.82 6.49 56.75
CA GLU A 51 -27.78 7.02 57.63
C GLU A 51 -28.39 7.77 58.80
N ALA A 52 -29.51 8.46 58.58
CA ALA A 52 -30.20 9.12 59.69
C ALA A 52 -30.70 8.10 60.71
N LEU A 53 -31.26 6.99 60.23
CA LEU A 53 -31.71 5.93 61.14
C LEU A 53 -30.52 5.34 61.90
N ALA A 54 -29.39 5.15 61.22
CA ALA A 54 -28.19 4.65 61.89
C ALA A 54 -27.72 5.61 62.97
N HIS A 55 -27.74 6.91 62.66
CA HIS A 55 -27.34 7.91 63.66
C HIS A 55 -28.27 7.88 64.86
N ALA A 56 -29.59 7.78 64.62
CA ALA A 56 -30.53 7.73 65.73
C ALA A 56 -30.31 6.48 66.57
N TYR A 57 -30.10 5.34 65.93
CA TYR A 57 -29.86 4.10 66.67
C TYR A 57 -28.58 4.20 67.51
N GLN A 58 -27.52 4.77 66.93
CA GLN A 58 -26.27 4.90 67.68
C GLN A 58 -26.42 5.87 68.84
N ALA A 59 -27.20 6.94 68.66
CA ALA A 59 -27.47 7.85 69.77
C ALA A 59 -28.23 7.15 70.88
N SER A 60 -29.24 6.37 70.53
CA SER A 60 -29.98 5.62 71.55
C SER A 60 -29.09 4.62 72.25
N LEU A 61 -28.18 3.97 71.51
CA LEU A 61 -27.23 3.05 72.12
C LEU A 61 -26.29 3.77 73.08
N VAL A 62 -25.85 4.97 72.70
CA VAL A 62 -25.01 5.78 73.60
C VAL A 62 -25.77 6.07 74.88
N ASP A 63 -27.04 6.48 74.75
CA ASP A 63 -27.84 6.79 75.93
C ASP A 63 -28.00 5.58 76.83
N ILE A 64 -28.31 4.42 76.24
CA ILE A 64 -28.53 3.22 77.03
C ILE A 64 -27.24 2.78 77.71
N ALA A 65 -26.12 2.83 76.99
CA ALA A 65 -24.84 2.43 77.58
C ALA A 65 -24.45 3.36 78.72
N LYS A 66 -24.67 4.67 78.56
CA LYS A 66 -24.38 5.59 79.64
C LYS A 66 -25.28 5.34 80.84
N LYS A 67 -26.55 5.03 80.59
CA LYS A 67 -27.48 4.71 81.68
C LYS A 67 -27.04 3.47 82.43
N GLU A 68 -26.58 2.44 81.70
CA GLU A 68 -26.17 1.18 82.31
C GLU A 68 -24.71 1.18 82.74
N GLY A 69 -23.98 2.26 82.51
CA GLY A 69 -22.60 2.35 82.95
C GLY A 69 -21.58 1.67 82.06
N LEU A 70 -21.97 1.26 80.85
CA LEU A 70 -21.02 0.63 79.95
C LEU A 70 -20.02 1.67 79.44
N PRO A 71 -18.80 1.24 79.09
CA PRO A 71 -17.78 2.20 78.66
C PRO A 71 -18.20 2.97 77.41
N VAL A 72 -17.87 4.25 77.41
CA VAL A 72 -18.18 5.15 76.30
C VAL A 72 -16.96 6.01 76.03
N GLY A 73 -16.64 6.19 74.75
CA GLY A 73 -15.49 6.98 74.37
C GLY A 73 -15.67 8.46 74.66
N SER A 74 -14.55 9.19 74.51
CA SER A 74 -14.56 10.62 74.81
C SER A 74 -15.44 11.39 73.83
N LEU A 75 -15.13 11.29 72.53
CA LEU A 75 -15.91 12.00 71.53
C LEU A 75 -17.35 11.49 71.46
N SER A 76 -17.53 10.17 71.59
CA SER A 76 -18.86 9.59 71.56
C SER A 76 -19.69 9.96 72.79
N SER A 77 -19.07 10.50 73.84
CA SER A 77 -19.84 10.96 75.00
C SER A 77 -20.81 12.07 74.59
N GLN A 78 -20.34 13.02 73.79
CA GLN A 78 -21.25 13.90 73.09
C GLN A 78 -21.89 13.16 71.93
N TYR A 79 -23.08 13.62 71.54
CA TYR A 79 -23.85 12.95 70.49
C TYR A 79 -23.23 13.28 69.12
N GLU A 80 -22.02 12.78 68.94
CA GLU A 80 -21.28 12.90 67.68
C GLU A 80 -20.54 11.60 67.43
N PHE A 81 -20.69 11.06 66.23
CA PHE A 81 -20.09 9.77 65.87
C PHE A 81 -19.08 9.99 64.75
N ILE A 82 -17.84 10.27 65.16
CA ILE A 82 -16.73 10.37 64.21
C ILE A 82 -15.86 9.12 64.39
N LYS A 83 -15.87 8.57 65.61
CA LYS A 83 -15.10 7.38 65.97
C LYS A 83 -13.60 7.60 65.78
N PHE A 84 -12.81 6.56 66.00
CA PHE A 84 -11.35 6.67 65.96
C PHE A 84 -10.88 6.61 64.51
N SER A 85 -11.18 7.69 63.78
CA SER A 85 -10.90 7.75 62.35
C SER A 85 -9.52 8.34 62.05
N THR A 86 -9.28 9.58 62.47
CA THR A 86 -8.08 10.31 62.11
C THR A 86 -7.17 10.48 63.33
N ASP A 87 -6.07 11.20 63.12
CA ASP A 87 -5.09 11.41 64.17
C ASP A 87 -5.66 12.23 65.33
N GLU A 88 -6.47 13.23 65.01
CA GLU A 88 -7.00 14.12 66.05
C GLU A 88 -7.88 13.36 67.04
N ALA A 89 -8.74 12.46 66.53
CA ALA A 89 -9.57 11.66 67.42
C ALA A 89 -8.72 10.77 68.32
N LEU A 90 -7.67 10.16 67.75
CA LEU A 90 -6.79 9.33 68.55
C LEU A 90 -6.10 10.13 69.63
N LYS A 91 -5.63 11.34 69.29
CA LYS A 91 -4.97 12.18 70.27
C LYS A 91 -5.92 12.60 71.39
N ILE A 92 -7.16 12.93 71.03
CA ILE A 92 -8.14 13.32 72.04
C ILE A 92 -8.46 12.15 72.95
N GLU A 93 -8.71 10.97 72.37
CA GLU A 93 -9.04 9.81 73.19
C GLU A 93 -7.81 9.31 73.94
N GLY A 94 -6.63 9.40 73.33
CA GLY A 94 -5.40 9.02 74.00
C GLY A 94 -4.99 7.58 73.78
N ILE A 95 -4.90 7.16 72.52
CA ILE A 95 -4.47 5.82 72.16
C ILE A 95 -3.32 5.93 71.17
N LYS A 96 -2.24 5.20 71.43
CA LYS A 96 -1.10 5.19 70.52
C LYS A 96 -1.49 4.57 69.18
N GLU A 97 -0.91 5.10 68.11
CA GLU A 97 -1.18 4.57 66.79
C GLU A 97 -0.58 3.17 66.64
N PRO A 98 -1.19 2.32 65.82
CA PRO A 98 -0.63 0.98 65.61
C PRO A 98 0.73 1.05 64.93
N LYS A 99 1.60 0.10 65.30
CA LYS A 99 2.95 0.07 64.75
C LYS A 99 2.99 -0.66 63.42
N ASP A 100 2.58 -1.92 63.41
CA ASP A 100 2.60 -2.75 62.21
C ASP A 100 1.41 -3.71 62.26
N TYR A 101 1.35 -4.62 61.29
CA TYR A 101 0.27 -5.59 61.25
C TYR A 101 0.30 -6.50 62.48
N ASN A 102 1.50 -6.84 62.94
CA ASN A 102 1.61 -7.65 64.16
C ASN A 102 1.01 -6.93 65.35
N ASP A 103 1.04 -5.60 65.37
CA ASP A 103 0.52 -4.81 66.47
C ASP A 103 -0.91 -4.34 66.22
N ALA A 104 -1.53 -4.74 65.10
CA ALA A 104 -2.88 -4.30 64.80
C ALA A 104 -3.88 -4.80 65.83
N ARG A 105 -3.71 -6.06 66.26
CA ARG A 105 -4.63 -6.63 67.25
C ARG A 105 -4.59 -5.85 68.56
N ARG A 106 -3.43 -5.28 68.90
CA ARG A 106 -3.36 -4.42 70.08
C ARG A 106 -4.28 -3.22 69.94
N PHE A 107 -4.22 -2.55 68.80
CA PHE A 107 -5.08 -1.39 68.57
C PHE A 107 -6.55 -1.78 68.59
N GLU A 108 -6.88 -2.91 67.96
CA GLU A 108 -8.27 -3.36 68.00
C GLU A 108 -8.72 -3.66 69.42
N VAL A 109 -7.86 -4.30 70.22
CA VAL A 109 -8.22 -4.63 71.60
C VAL A 109 -8.45 -3.36 72.40
N GLU A 110 -7.58 -2.36 72.24
CA GLU A 110 -7.77 -1.11 72.99
C GLU A 110 -9.04 -0.39 72.59
N VAL A 111 -9.24 -0.21 71.28
CA VAL A 111 -10.42 0.52 70.80
C VAL A 111 -11.70 -0.20 71.20
N MET A 112 -11.73 -1.52 71.04
CA MET A 112 -12.91 -2.31 71.32
C MET A 112 -13.26 -2.34 72.80
N LEU A 113 -12.26 -2.15 73.67
CA LEU A 113 -12.50 -2.05 75.10
C LEU A 113 -12.72 -0.63 75.59
N LYS A 114 -12.47 0.38 74.76
CA LYS A 114 -12.69 1.75 75.20
C LYS A 114 -14.10 2.26 74.95
N ASP A 115 -14.69 1.95 73.80
CA ASP A 115 -16.03 2.43 73.46
C ASP A 115 -16.87 1.29 72.91
N VAL A 116 -18.17 1.31 73.25
CA VAL A 116 -19.07 0.29 72.76
C VAL A 116 -19.54 0.61 71.33
N ILE A 117 -19.71 1.89 71.01
CA ILE A 117 -20.19 2.28 69.69
C ILE A 117 -19.21 1.84 68.61
N ALA A 118 -17.91 2.02 68.85
CA ALA A 118 -16.91 1.57 67.90
C ALA A 118 -16.95 0.06 67.70
N ASP A 119 -17.52 -0.68 68.65
CA ASP A 119 -17.62 -2.13 68.51
C ASP A 119 -18.82 -2.52 67.65
N VAL A 120 -20.02 -2.14 68.08
CA VAL A 120 -21.23 -2.58 67.39
C VAL A 120 -21.31 -2.00 65.98
N GLY A 121 -20.86 -0.76 65.79
CA GLY A 121 -20.99 -0.10 64.51
C GLY A 121 -19.77 -0.18 63.63
N GLY A 122 -18.67 -0.71 64.15
CA GLY A 122 -17.45 -0.81 63.39
C GLY A 122 -16.79 0.53 63.18
N PHE A 123 -15.60 0.50 62.58
CA PHE A 123 -14.82 1.71 62.36
C PHE A 123 -13.76 1.42 61.30
N MET A 124 -12.95 2.42 61.01
CA MET A 124 -11.85 2.29 60.08
C MET A 124 -10.74 3.25 60.50
N TYR A 125 -9.51 2.91 60.14
CA TYR A 125 -8.37 3.80 60.36
C TYR A 125 -7.48 3.74 59.13
N ALA A 126 -7.58 4.75 58.26
CA ALA A 126 -6.70 4.82 57.11
C ALA A 126 -5.27 5.13 57.54
N GLY A 127 -4.31 4.53 56.86
CA GLY A 127 -2.92 4.76 57.17
C GLY A 127 -2.04 3.72 56.54
N GLY A 128 -0.79 3.67 57.01
CA GLY A 128 0.16 2.68 56.49
C GLY A 128 -0.28 1.25 56.78
N ALA A 129 -0.84 1.03 57.97
CA ALA A 129 -1.32 -0.28 58.38
C ALA A 129 -2.77 -0.13 58.82
N PRO A 130 -3.70 -0.06 57.87
CA PRO A 130 -5.09 0.22 58.22
C PRO A 130 -5.71 -0.89 59.05
N VAL A 131 -6.63 -0.49 59.92
CA VAL A 131 -7.42 -1.42 60.73
C VAL A 131 -8.89 -1.14 60.46
N ARG A 132 -9.65 -2.19 60.13
CA ARG A 132 -11.04 -2.06 59.73
C ARG A 132 -11.93 -2.90 60.65
N ARG A 133 -13.22 -2.58 60.62
CA ARG A 133 -14.21 -3.41 61.31
C ARG A 133 -15.56 -3.16 60.66
N THR A 134 -16.20 -4.22 60.20
CA THR A 134 -17.48 -4.09 59.51
C THR A 134 -18.61 -3.97 60.52
N SER A 135 -19.57 -3.09 60.22
CA SER A 135 -20.68 -2.85 61.12
C SER A 135 -21.51 -4.10 61.31
N ARG A 136 -21.93 -4.34 62.56
CA ARG A 136 -22.78 -5.49 62.86
C ARG A 136 -24.25 -5.20 62.60
N ILE A 137 -24.64 -3.94 62.44
CA ILE A 137 -26.02 -3.57 62.19
C ILE A 137 -26.11 -2.97 60.79
N LYS A 138 -27.06 -3.46 60.00
CA LYS A 138 -27.24 -3.04 58.62
C LYS A 138 -28.68 -2.59 58.37
N LEU A 139 -28.81 -1.50 57.64
CA LEU A 139 -30.08 -0.84 57.39
C LEU A 139 -30.14 -0.40 55.94
N GLY A 140 -31.36 -0.08 55.48
CA GLY A 140 -31.58 0.34 54.12
C GLY A 140 -32.43 1.60 54.05
N TYR A 141 -32.62 2.06 52.82
CA TYR A 141 -33.41 3.26 52.59
C TYR A 141 -34.86 3.05 52.98
N MET A 142 -35.49 4.13 53.46
CA MET A 142 -36.89 4.09 53.86
C MET A 142 -37.73 4.49 52.64
N ILE A 143 -38.12 3.50 51.86
CA ILE A 143 -38.86 3.70 50.61
C ILE A 143 -40.33 3.46 50.89
N PRO A 144 -41.23 4.36 50.45
CA PRO A 144 -42.66 4.08 50.57
C PRO A 144 -43.07 2.89 49.72
N ALA A 145 -44.03 2.12 50.22
CA ALA A 145 -44.51 0.94 49.53
C ALA A 145 -45.40 1.33 48.36
N LEU A 183 -47.34 5.70 53.88
CA LEU A 183 -46.91 4.33 54.17
C LEU A 183 -45.44 4.13 53.79
N TYR A 184 -44.69 3.49 54.68
CA TYR A 184 -43.28 3.22 54.45
C TYR A 184 -42.95 1.82 54.95
N THR A 185 -41.91 1.21 54.36
CA THR A 185 -41.45 -0.10 54.78
C THR A 185 -39.92 -0.12 54.75
N PHE A 186 -39.34 -0.87 55.67
CA PHE A 186 -37.88 -1.05 55.66
C PHE A 186 -37.51 -2.27 56.46
N SER A 187 -36.30 -2.78 56.19
CA SER A 187 -35.79 -3.98 56.84
C SER A 187 -34.48 -3.68 57.53
N PHE A 188 -34.20 -4.46 58.59
CA PHE A 188 -32.99 -4.26 59.38
C PHE A 188 -32.37 -5.61 59.69
N GLU A 189 -31.06 -5.59 59.93
CA GLU A 189 -30.29 -6.80 60.21
C GLU A 189 -29.26 -6.51 61.30
N LEU A 190 -29.02 -7.50 62.15
CA LEU A 190 -28.02 -7.35 63.21
C LEU A 190 -27.57 -8.74 63.64
N ASP A 191 -26.29 -9.06 63.43
CA ASP A 191 -25.75 -10.37 63.80
C ASP A 191 -25.09 -10.23 65.16
N GLU A 192 -25.76 -10.76 66.20
CA GLU A 192 -25.25 -10.63 67.57
C GLU A 192 -24.08 -11.57 67.84
N ASP A 193 -23.87 -12.58 66.99
CA ASP A 193 -22.84 -13.57 67.27
C ASP A 193 -21.44 -12.97 67.22
N LEU A 194 -21.25 -11.88 66.48
CA LEU A 194 -19.95 -11.24 66.35
C LEU A 194 -19.79 -10.07 67.32
N ILE A 195 -20.76 -9.83 68.19
CA ILE A 195 -20.62 -8.80 69.20
C ILE A 195 -19.60 -9.24 70.23
N ALA A 196 -18.68 -8.34 70.59
CA ALA A 196 -17.63 -8.62 71.57
C ALA A 196 -16.76 -9.80 71.12
N VAL A 197 -16.51 -9.88 69.82
CA VAL A 197 -15.60 -10.88 69.26
C VAL A 197 -14.60 -10.18 68.36
N PRO A 198 -13.29 -10.34 68.60
CA PRO A 198 -12.31 -9.70 67.71
C PRO A 198 -12.41 -10.23 66.29
N SER A 199 -12.13 -9.33 65.34
CA SER A 199 -12.23 -9.66 63.93
C SER A 199 -10.87 -9.93 63.29
N THR A 200 -9.89 -9.08 63.54
CA THR A 200 -8.56 -9.29 62.98
C THR A 200 -7.91 -10.52 63.58
N PHE A 201 -7.27 -11.33 62.74
CA PHE A 201 -6.61 -12.53 63.19
C PHE A 201 -5.20 -12.21 63.68
N GLY A 202 -4.66 -13.13 64.48
CA GLY A 202 -3.33 -12.95 65.04
C GLY A 202 -3.06 -13.83 66.24
N GLU A 203 -2.55 -13.23 67.31
CA GLU A 203 -2.23 -13.94 68.54
C GLU A 203 -2.98 -13.31 69.71
N LYS A 204 -3.14 -14.10 70.77
CA LYS A 204 -3.88 -13.63 71.93
C LYS A 204 -3.16 -12.47 72.62
N VAL A 205 -3.94 -11.46 73.01
CA VAL A 205 -3.42 -10.27 73.67
C VAL A 205 -4.24 -10.05 74.93
N LYS A 206 -3.60 -9.42 75.93
CA LYS A 206 -4.26 -9.17 77.20
C LYS A 206 -5.49 -8.30 77.02
N GLY A 207 -6.54 -8.61 77.79
CA GLY A 207 -7.78 -7.85 77.76
C GLY A 207 -8.95 -8.61 77.17
N GLU A 208 -8.74 -9.76 76.54
CA GLU A 208 -9.83 -10.52 75.98
C GLU A 208 -10.76 -11.07 77.05
N GLU A 209 -10.23 -11.29 78.26
CA GLU A 209 -11.07 -11.75 79.37
C GLU A 209 -12.13 -10.71 79.70
N GLU A 210 -11.76 -9.44 79.67
CA GLU A 210 -12.75 -8.38 79.92
C GLU A 210 -13.82 -8.36 78.84
N LEU A 211 -13.42 -8.58 77.58
CA LEU A 211 -14.41 -8.72 76.51
C LEU A 211 -15.37 -9.87 76.78
N GLU A 212 -14.83 -11.01 77.20
CA GLU A 212 -15.67 -12.16 77.49
C GLU A 212 -16.63 -11.86 78.63
N ARG A 213 -16.15 -11.13 79.64
CA ARG A 213 -17.02 -10.75 80.76
C ARG A 213 -18.13 -9.81 80.32
N GLN A 214 -17.80 -8.82 79.49
CA GLN A 214 -18.76 -7.78 79.10
C GLN A 214 -19.60 -8.16 77.89
N LYS A 215 -19.36 -9.33 77.30
CA LYS A 215 -20.10 -9.73 76.11
C LYS A 215 -21.60 -9.79 76.36
N ALA A 216 -22.01 -10.39 77.49
CA ALA A 216 -23.43 -10.53 77.77
C ALA A 216 -24.10 -9.17 77.94
N LYS A 217 -23.46 -8.27 78.68
CA LYS A 217 -24.01 -6.94 78.87
C LYS A 217 -24.10 -6.19 77.55
N ARG A 218 -23.06 -6.27 76.73
CA ARG A 218 -23.07 -5.59 75.44
C ARG A 218 -24.19 -6.12 74.55
N VAL A 219 -24.36 -7.45 74.52
CA VAL A 219 -25.41 -8.04 73.70
C VAL A 219 -26.79 -7.60 74.18
N LYS A 220 -26.99 -7.62 75.50
CA LYS A 220 -28.29 -7.22 76.03
C LYS A 220 -28.58 -5.75 75.74
N SER A 221 -27.57 -4.89 75.86
CA SER A 221 -27.76 -3.48 75.54
C SER A 221 -28.06 -3.28 74.05
N ALA A 222 -27.38 -4.02 73.19
CA ALA A 222 -27.66 -3.93 71.75
C ALA A 222 -29.08 -4.37 71.45
N ILE A 223 -29.55 -5.43 72.11
CA ILE A 223 -30.93 -5.87 71.93
C ILE A 223 -31.90 -4.78 72.40
N LYS A 224 -31.61 -4.16 73.54
CA LYS A 224 -32.49 -3.12 74.07
C LYS A 224 -32.53 -1.89 73.16
N ALA A 225 -31.41 -1.58 72.50
CA ALA A 225 -31.33 -0.35 71.71
C ALA A 225 -32.32 -0.31 70.56
N LEU A 226 -32.79 -1.47 70.08
CA LEU A 226 -33.67 -1.48 68.92
C LEU A 226 -35.05 -0.94 69.23
N TYR A 227 -35.43 -0.82 70.50
CA TYR A 227 -36.76 -0.33 70.86
C TYR A 227 -36.96 1.09 70.39
N SER A 228 -35.91 1.91 70.42
CA SER A 228 -36.04 3.30 69.99
C SER A 228 -36.43 3.39 68.52
N LEU A 229 -35.78 2.58 67.67
CA LEU A 229 -36.12 2.60 66.25
C LEU A 229 -37.48 1.94 66.00
N LEU A 230 -37.78 0.86 66.70
CA LEU A 230 -39.05 0.18 66.48
C LEU A 230 -40.24 1.05 66.88
N SER A 231 -40.11 1.79 67.98
CA SER A 231 -41.19 2.67 68.41
C SER A 231 -41.41 3.81 67.41
N GLY A 232 -40.33 4.40 66.91
CA GLY A 232 -40.44 5.52 66.00
C GLY A 232 -39.86 6.79 66.57
N ASN A 233 -38.90 6.65 67.47
CA ASN A 233 -38.30 7.80 68.16
C ASN A 233 -37.15 8.37 67.32
N PHE A 234 -37.52 8.89 66.15
CA PHE A 234 -36.56 9.51 65.25
C PHE A 234 -37.22 10.57 64.38
N SER A 244 -46.79 11.57 64.12
CA SER A 244 -47.71 10.44 64.24
C SER A 244 -47.15 9.21 63.53
N MET A 245 -46.78 8.20 64.32
CA MET A 245 -46.24 6.95 63.78
C MET A 245 -46.96 5.80 64.46
N LYS A 246 -47.82 5.11 63.71
CA LYS A 246 -48.53 3.94 64.21
C LYS A 246 -48.05 2.71 63.47
N LEU A 247 -47.57 1.71 64.21
CA LEU A 247 -47.06 0.50 63.61
C LEU A 247 -48.20 -0.31 63.00
N MET A 248 -48.01 -0.75 61.75
CA MET A 248 -49.01 -1.54 61.04
C MET A 248 -48.68 -3.03 61.02
N SER A 249 -47.42 -3.38 60.77
CA SER A 249 -47.03 -4.77 60.74
C SER A 249 -45.52 -4.88 60.96
N LEU A 250 -45.12 -5.98 61.59
CA LEU A 250 -43.72 -6.19 61.93
C LEU A 250 -43.44 -7.69 62.01
N VAL A 251 -42.31 -8.11 61.44
CA VAL A 251 -41.85 -9.48 61.53
C VAL A 251 -40.39 -9.47 61.96
N VAL A 252 -40.06 -10.21 63.02
CA VAL A 252 -38.70 -10.29 63.54
C VAL A 252 -38.31 -11.76 63.69
N THR A 253 -37.18 -12.13 63.12
CA THR A 253 -36.73 -13.52 63.12
C THR A 253 -35.32 -13.62 63.70
N LYS A 254 -35.13 -14.60 64.59
CA LYS A 254 -33.83 -14.89 65.17
C LYS A 254 -33.45 -16.32 64.81
N THR A 255 -32.31 -16.47 64.11
CA THR A 255 -31.86 -17.76 63.65
C THR A 255 -30.37 -17.91 63.91
N ASP A 256 -29.87 -19.14 63.78
CA ASP A 256 -28.45 -19.43 63.88
C ASP A 256 -27.76 -19.47 62.52
N PHE A 257 -28.50 -19.29 61.44
CA PHE A 257 -27.98 -19.27 60.09
C PHE A 257 -28.49 -18.04 59.37
N PRO A 258 -27.78 -17.59 58.33
CA PRO A 258 -28.21 -16.36 57.63
C PRO A 258 -29.62 -16.49 57.06
N PHE A 259 -30.38 -15.40 57.17
CA PHE A 259 -31.74 -15.36 56.68
C PHE A 259 -32.16 -13.90 56.51
N MET A 260 -32.98 -13.66 55.49
CA MET A 260 -33.51 -12.33 55.22
C MET A 260 -35.02 -12.44 55.00
N PRO A 261 -35.83 -11.78 55.81
CA PRO A 261 -37.29 -11.85 55.60
C PRO A 261 -37.71 -11.15 54.32
N GLU A 262 -38.87 -11.57 53.81
CA GLU A 262 -39.38 -10.99 52.58
C GLU A 262 -39.70 -9.51 52.80
N PRO A 263 -39.44 -8.66 51.80
CA PRO A 263 -39.80 -7.25 51.92
C PRO A 263 -41.31 -7.07 52.02
N ALA A 264 -41.71 -6.02 52.73
CA ALA A 264 -43.14 -5.73 52.94
C ALA A 264 -43.71 -4.95 51.76
N HIS A 265 -43.70 -5.61 50.59
CA HIS A 265 -44.25 -5.04 49.38
C HIS A 265 -45.51 -5.76 48.88
N ASP A 266 -45.69 -7.02 49.25
CA ASP A 266 -46.89 -7.77 48.94
C ASP A 266 -47.68 -8.00 50.22
N ASP A 267 -49.00 -8.21 50.07
CA ASP A 267 -49.85 -8.39 51.24
C ASP A 267 -49.53 -9.67 51.99
N ASP A 268 -49.34 -10.78 51.26
CA ASP A 268 -49.09 -12.07 51.88
C ASP A 268 -47.58 -12.29 51.96
N TYR A 269 -46.96 -11.72 52.99
CA TYR A 269 -45.54 -11.87 53.21
C TYR A 269 -45.22 -12.45 54.59
N ILE A 270 -46.22 -12.93 55.32
CA ILE A 270 -46.00 -13.55 56.62
C ILE A 270 -46.06 -15.07 56.54
N LYS A 271 -47.05 -15.61 55.82
CA LYS A 271 -47.08 -17.05 55.59
C LYS A 271 -45.89 -17.49 54.75
N THR A 272 -45.55 -16.71 53.72
CA THR A 272 -44.45 -17.07 52.84
C THR A 272 -43.13 -17.10 53.59
N THR A 273 -42.88 -16.09 54.42
CA THR A 273 -41.60 -16.04 55.15
C THR A 273 -41.53 -17.15 56.20
N ILE A 274 -42.68 -17.53 56.79
CA ILE A 274 -42.67 -18.64 57.74
C ILE A 274 -42.36 -19.95 57.02
N MET A 275 -42.97 -20.18 55.86
CA MET A 275 -42.66 -21.37 55.09
C MET A 275 -41.19 -21.40 54.69
N ARG A 276 -40.66 -20.25 54.25
CA ARG A 276 -39.26 -20.17 53.88
C ARG A 276 -38.35 -20.44 55.06
N LEU A 277 -38.70 -19.93 56.23
CA LEU A 277 -37.90 -20.18 57.43
C LEU A 277 -37.89 -21.65 57.78
N GLY A 278 -39.05 -22.29 57.73
CA GLY A 278 -39.11 -23.73 58.01
C GLY A 278 -38.28 -24.53 57.03
N LYS A 279 -38.42 -24.24 55.74
CA LYS A 279 -37.68 -24.97 54.73
C LYS A 279 -36.17 -24.73 54.85
N ALA A 280 -35.78 -23.50 55.16
CA ALA A 280 -34.36 -23.19 55.33
C ALA A 280 -33.78 -23.91 56.54
N LYS A 281 -34.52 -23.95 57.64
CA LYS A 281 -34.07 -24.70 58.81
C LYS A 281 -33.95 -26.18 58.49
N GLY A 282 -34.87 -26.70 57.66
CA GLY A 282 -34.78 -28.10 57.26
C GLY A 282 -33.57 -28.39 56.39
N VAL A 283 -33.28 -27.51 55.44
CA VAL A 283 -32.26 -27.82 54.45
C VAL A 283 -30.85 -27.51 54.96
N LEU A 284 -30.69 -26.41 55.70
CA LEU A 284 -29.36 -25.98 56.14
C LEU A 284 -28.90 -26.68 57.40
N ASN A 285 -29.71 -27.57 57.98
CA ASN A 285 -29.37 -28.27 59.21
C ASN A 285 -29.09 -27.30 60.35
N GLY A 286 -30.05 -26.40 60.59
CA GLY A 286 -29.94 -25.45 61.67
C GLY A 286 -30.32 -26.05 63.01
N ASN A 287 -30.15 -25.24 64.06
CA ASN A 287 -30.45 -25.67 65.41
C ASN A 287 -31.31 -24.70 66.19
N LEU A 288 -31.63 -23.53 65.62
CA LEU A 288 -32.43 -22.54 66.34
C LEU A 288 -33.03 -21.58 65.32
N ALA A 289 -34.35 -21.43 65.36
CA ALA A 289 -35.04 -20.53 64.44
C ALA A 289 -36.39 -20.16 65.05
N LYS A 290 -36.56 -18.89 65.41
CA LYS A 290 -37.80 -18.42 65.98
C LYS A 290 -38.24 -17.14 65.26
N ALA A 291 -39.56 -16.96 65.18
CA ALA A 291 -40.13 -15.80 64.51
C ALA A 291 -41.25 -15.22 65.37
N TYR A 292 -41.37 -13.89 65.33
CA TYR A 292 -42.42 -13.17 66.03
C TYR A 292 -43.05 -12.18 65.09
N VAL A 293 -44.38 -12.09 65.14
CA VAL A 293 -45.16 -11.25 64.22
C VAL A 293 -46.06 -10.35 65.03
N ILE A 294 -46.05 -9.06 64.73
CA ILE A 294 -46.97 -8.08 65.29
C ILE A 294 -47.85 -7.57 64.15
N ASN A 295 -49.17 -7.72 64.32
CA ASN A 295 -50.14 -7.40 63.29
C ASN A 295 -51.11 -6.34 63.82
N ASN A 296 -51.46 -5.40 62.94
CA ASN A 296 -52.43 -4.37 63.26
C ASN A 296 -53.45 -4.15 62.14
N GLU A 297 -53.45 -4.99 61.12
CA GLU A 297 -54.40 -4.90 60.03
C GLU A 297 -55.19 -6.19 59.80
N GLY A 298 -54.94 -7.23 60.57
CA GLY A 298 -55.69 -8.47 60.44
C GLY A 298 -55.51 -9.17 59.11
N ILE A 299 -54.28 -9.27 58.63
CA ILE A 299 -54.01 -9.95 57.38
C ILE A 299 -53.64 -11.40 57.63
N VAL A 307 -47.51 -14.95 68.55
CA VAL A 307 -47.99 -13.61 68.27
C VAL A 307 -47.89 -12.73 69.51
N LEU A 308 -47.23 -11.59 69.38
CA LEU A 308 -47.07 -10.64 70.48
C LEU A 308 -48.05 -9.49 70.30
N SER A 309 -47.98 -8.53 71.21
CA SER A 309 -48.89 -7.39 71.22
C SER A 309 -48.18 -6.04 71.13
N THR A 310 -47.07 -5.87 71.83
CA THR A 310 -46.38 -4.59 71.87
C THR A 310 -44.89 -4.78 71.59
N VAL A 311 -44.23 -3.67 71.26
CA VAL A 311 -42.80 -3.69 71.00
C VAL A 311 -42.03 -4.07 72.27
N GLU A 312 -42.52 -3.63 73.43
CA GLU A 312 -41.85 -3.95 74.69
C GLU A 312 -41.84 -5.46 74.93
N ASP A 313 -42.94 -6.13 74.62
CA ASP A 313 -42.98 -7.59 74.75
C ASP A 313 -41.96 -8.24 73.84
N LEU A 314 -41.84 -7.75 72.60
CA LEU A 314 -40.86 -8.29 71.67
C LEU A 314 -39.43 -8.09 72.20
N VAL A 315 -39.14 -6.91 72.73
CA VAL A 315 -37.80 -6.63 73.25
C VAL A 315 -37.50 -7.53 74.44
N VAL A 316 -38.47 -7.71 75.34
CA VAL A 316 -38.28 -8.57 76.50
C VAL A 316 -38.04 -10.01 76.07
N LYS A 317 -38.83 -10.50 75.10
CA LYS A 317 -38.64 -11.85 74.61
C LYS A 317 -37.27 -12.02 73.96
N LEU A 318 -36.83 -11.03 73.20
CA LEU A 318 -35.50 -11.09 72.59
C LEU A 318 -34.41 -11.13 73.64
N GLU A 319 -34.56 -10.35 74.71
CA GLU A 319 -33.58 -10.40 75.79
C GLU A 319 -33.53 -11.77 76.44
N GLU A 320 -34.70 -12.39 76.63
CA GLU A 320 -34.79 -13.70 77.26
C GLU A 320 -34.12 -14.78 76.42
N MET B 1 2.65 20.11 -40.36
CA MET B 1 3.10 19.18 -39.34
C MET B 1 2.11 19.09 -38.19
N ILE B 2 2.23 18.01 -37.41
CA ILE B 2 1.47 17.82 -36.18
C ILE B 2 2.46 17.44 -35.10
N SER B 3 2.55 18.26 -34.05
CA SER B 3 3.51 18.04 -32.98
C SER B 3 2.76 18.01 -31.65
N GLY B 4 3.14 17.08 -30.78
CA GLY B 4 2.38 16.87 -29.56
C GLY B 4 3.26 16.55 -28.37
N SER B 5 2.76 16.93 -27.19
CA SER B 5 3.35 16.55 -25.91
C SER B 5 2.25 15.98 -25.02
N VAL B 6 2.54 14.84 -24.39
CA VAL B 6 1.55 14.05 -23.68
C VAL B 6 2.11 13.62 -22.33
N ARG B 7 1.26 13.63 -21.30
CA ARG B 7 1.63 13.23 -19.96
C ARG B 7 0.71 12.10 -19.49
N PHE B 8 1.31 10.99 -19.03
CA PHE B 8 0.59 9.79 -18.62
C PHE B 8 0.94 9.46 -17.18
N LEU B 9 0.05 8.75 -16.50
CA LEU B 9 0.28 8.27 -15.14
C LEU B 9 0.04 6.76 -15.10
N VAL B 10 1.09 6.00 -14.80
CA VAL B 10 1.04 4.54 -14.88
C VAL B 10 1.40 3.96 -13.52
N ASN B 11 0.66 2.92 -13.11
CA ASN B 11 0.86 2.27 -11.83
C ASN B 11 0.97 0.76 -12.02
N LEU B 12 1.93 0.15 -11.33
CA LEU B 12 2.13 -1.30 -11.30
C LEU B 12 2.31 -1.84 -12.71
N GLU B 13 3.42 -1.43 -13.30
CA GLU B 13 3.68 -1.55 -14.73
C GLU B 13 4.95 -2.34 -14.99
N SER B 14 4.93 -3.14 -16.05
CA SER B 14 6.15 -3.76 -16.58
C SER B 14 5.95 -3.93 -18.09
N LEU B 15 6.42 -2.93 -18.85
CA LEU B 15 6.15 -2.88 -20.29
C LEU B 15 7.38 -3.08 -21.15
N ASN B 16 8.56 -2.72 -20.67
CA ASN B 16 9.79 -2.89 -21.43
C ASN B 16 10.83 -3.59 -20.57
N GLY B 17 11.44 -4.63 -21.12
CA GLY B 17 12.36 -5.45 -20.37
C GLY B 17 13.72 -5.53 -21.05
N VAL B 18 14.70 -6.00 -20.29
CA VAL B 18 16.08 -6.08 -20.72
C VAL B 18 16.61 -7.44 -20.27
N GLU B 19 17.91 -7.67 -20.50
CA GLU B 19 18.53 -8.95 -20.17
C GLU B 19 18.27 -9.33 -18.72
N SER B 20 18.18 -10.64 -18.48
CA SER B 20 17.82 -11.19 -17.17
C SER B 20 19.06 -11.73 -16.46
N ILE B 21 19.04 -11.63 -15.13
CA ILE B 21 20.11 -12.13 -14.28
C ILE B 21 19.51 -13.15 -13.32
N GLY B 22 20.01 -14.38 -13.38
CA GLY B 22 19.49 -15.42 -12.50
C GLY B 22 18.02 -15.69 -12.81
N ASN B 23 17.19 -15.62 -11.77
CA ASN B 23 15.75 -15.75 -11.92
C ASN B 23 15.04 -14.40 -11.84
N LEU B 24 15.73 -13.32 -12.24
CA LEU B 24 15.20 -11.98 -12.15
C LEU B 24 15.11 -11.37 -13.54
N THR B 25 13.94 -10.81 -13.86
CA THR B 25 13.73 -10.08 -15.11
C THR B 25 13.74 -8.60 -14.80
N LYS B 26 14.58 -7.85 -15.53
CA LYS B 26 14.87 -6.46 -15.17
C LYS B 26 14.14 -5.49 -16.08
N HIS B 27 13.91 -4.29 -15.56
CA HIS B 27 13.27 -3.20 -16.28
C HIS B 27 14.32 -2.24 -16.81
N ARG B 28 14.08 -1.70 -18.00
CA ARG B 28 15.01 -0.77 -18.61
C ARG B 28 15.16 0.48 -17.74
N THR B 29 16.40 0.90 -17.52
CA THR B 29 16.70 2.08 -16.73
C THR B 29 17.75 2.92 -17.44
N ALA B 30 17.70 4.22 -17.19
CA ALA B 30 18.60 5.17 -17.84
C ALA B 30 18.96 6.29 -16.88
N PRO B 31 20.10 6.96 -17.10
CA PRO B 31 20.46 8.09 -16.25
C PRO B 31 19.89 9.40 -16.77
N VAL B 32 19.52 10.27 -15.83
CA VAL B 32 19.01 11.60 -16.14
C VAL B 32 19.77 12.62 -15.30
N VAL B 33 19.96 13.81 -15.86
CA VAL B 33 20.56 14.94 -15.15
C VAL B 33 19.43 15.87 -14.75
N LEU B 34 19.35 16.20 -13.47
CA LEU B 34 18.24 16.96 -12.92
C LEU B 34 18.79 18.17 -12.18
N LYS B 35 18.06 19.29 -12.24
CA LYS B 35 18.45 20.50 -11.54
C LYS B 35 17.65 20.64 -10.26
N THR B 36 18.37 20.75 -9.14
CA THR B 36 17.79 21.02 -7.84
C THR B 36 18.32 22.35 -7.32
N SER B 37 17.74 22.79 -6.20
CA SER B 37 18.18 24.04 -5.58
C SER B 37 19.64 24.00 -5.17
N THR B 38 20.21 22.81 -5.00
CA THR B 38 21.61 22.64 -4.64
C THR B 38 22.53 22.48 -5.83
N GLY B 39 22.01 22.51 -7.05
CA GLY B 39 22.85 22.37 -8.22
C GLY B 39 22.33 21.37 -9.24
N TYR B 40 23.19 20.49 -9.72
CA TYR B 40 22.83 19.50 -10.72
C TYR B 40 23.23 18.11 -10.24
N LEU B 41 22.34 17.14 -10.44
CA LEU B 41 22.52 15.79 -9.93
C LEU B 41 22.25 14.78 -11.05
N VAL B 42 22.71 13.56 -10.82
CA VAL B 42 22.53 12.46 -11.76
C VAL B 42 21.76 11.35 -11.05
N ARG B 43 20.74 10.82 -11.71
CA ARG B 43 19.90 9.78 -11.13
C ARG B 43 19.66 8.67 -12.16
N TYR B 44 19.29 7.49 -11.64
CA TYR B 44 18.93 6.34 -12.48
C TYR B 44 17.44 6.09 -12.35
N VAL B 45 16.74 6.08 -13.48
CA VAL B 45 15.28 6.07 -13.48
C VAL B 45 14.77 5.07 -14.51
N PRO B 46 13.66 4.37 -14.23
CA PRO B 46 13.06 3.51 -15.26
C PRO B 46 12.54 4.30 -16.44
N VAL B 47 12.67 3.72 -17.64
CA VAL B 47 12.21 4.32 -18.89
C VAL B 47 11.57 3.25 -19.76
N ILE B 48 10.86 3.71 -20.78
CA ILE B 48 10.30 2.84 -21.82
C ILE B 48 10.83 3.32 -23.16
N SER B 49 11.37 2.38 -23.95
CA SER B 49 12.02 2.75 -25.19
C SER B 49 11.01 3.21 -26.23
N GLY B 50 11.54 3.87 -27.27
CA GLY B 50 10.69 4.37 -28.34
C GLY B 50 10.39 3.38 -29.45
N GLU B 51 11.20 2.35 -29.60
CA GLU B 51 10.95 1.36 -30.64
C GLU B 51 9.71 0.53 -30.33
N ALA B 52 9.41 0.30 -29.05
CA ALA B 52 8.16 -0.35 -28.70
C ALA B 52 6.96 0.47 -29.15
N LEU B 53 7.01 1.78 -28.93
CA LEU B 53 5.94 2.65 -29.39
C LEU B 53 5.84 2.63 -30.91
N ALA B 54 6.98 2.63 -31.60
CA ALA B 54 6.96 2.56 -33.06
C ALA B 54 6.33 1.26 -33.54
N HIS B 55 6.66 0.14 -32.87
CA HIS B 55 6.07 -1.14 -33.24
C HIS B 55 4.56 -1.13 -33.05
N ALA B 56 4.08 -0.59 -31.92
CA ALA B 56 2.64 -0.53 -31.70
C ALA B 56 1.95 0.33 -32.75
N TYR B 57 2.54 1.49 -33.06
CA TYR B 57 1.97 2.36 -34.08
C TYR B 57 1.90 1.66 -35.42
N GLN B 58 2.98 0.98 -35.82
CA GLN B 58 2.99 0.34 -37.12
C GLN B 58 2.04 -0.84 -37.19
N ALA B 59 1.88 -1.57 -36.09
CA ALA B 59 0.90 -2.66 -36.06
C ALA B 59 -0.52 -2.13 -36.24
N SER B 60 -0.86 -1.05 -35.54
CA SER B 60 -2.18 -0.45 -35.72
C SER B 60 -2.36 0.03 -37.15
N LEU B 61 -1.31 0.59 -37.74
CA LEU B 61 -1.37 1.04 -39.13
C LEU B 61 -1.62 -0.13 -40.06
N VAL B 62 -0.98 -1.27 -39.81
CA VAL B 62 -1.21 -2.47 -40.63
C VAL B 62 -2.68 -2.87 -40.55
N ASP B 63 -3.23 -2.89 -39.33
CA ASP B 63 -4.62 -3.29 -39.16
C ASP B 63 -5.55 -2.36 -39.95
N ILE B 64 -5.37 -1.05 -39.78
CA ILE B 64 -6.25 -0.09 -40.47
C ILE B 64 -6.09 -0.20 -41.99
N ALA B 65 -4.85 -0.32 -42.46
CA ALA B 65 -4.61 -0.40 -43.90
C ALA B 65 -5.26 -1.64 -44.51
N LYS B 66 -5.17 -2.78 -43.82
CA LYS B 66 -5.85 -3.97 -44.32
C LYS B 66 -7.35 -3.79 -44.31
N LYS B 67 -7.88 -3.10 -43.28
CA LYS B 67 -9.33 -2.93 -43.21
C LYS B 67 -9.84 -2.01 -44.32
N GLU B 68 -9.07 -1.00 -44.69
CA GLU B 68 -9.55 0.02 -45.63
C GLU B 68 -9.21 -0.28 -47.08
N GLY B 69 -8.58 -1.42 -47.38
CA GLY B 69 -8.32 -1.79 -48.76
C GLY B 69 -6.99 -1.34 -49.32
N LEU B 70 -6.16 -0.64 -48.55
CA LEU B 70 -4.85 -0.25 -49.03
C LEU B 70 -3.92 -1.47 -49.09
N PRO B 71 -2.96 -1.48 -50.01
CA PRO B 71 -2.07 -2.65 -50.10
C PRO B 71 -1.15 -2.76 -48.88
N VAL B 72 -0.83 -4.00 -48.53
CA VAL B 72 0.09 -4.29 -47.43
C VAL B 72 1.05 -5.38 -47.90
N GLY B 73 2.32 -5.25 -47.54
CA GLY B 73 3.33 -6.19 -48.00
C GLY B 73 3.10 -7.58 -47.44
N SER B 74 3.72 -8.57 -48.11
CA SER B 74 3.53 -9.96 -47.72
C SER B 74 4.15 -10.25 -46.35
N LEU B 75 5.42 -9.87 -46.16
CA LEU B 75 6.05 -10.11 -44.87
C LEU B 75 5.43 -9.27 -43.77
N SER B 76 5.10 -8.01 -44.06
CA SER B 76 4.55 -7.14 -43.04
C SER B 76 3.09 -7.46 -42.72
N SER B 77 2.44 -8.30 -43.53
CA SER B 77 1.10 -8.76 -43.18
C SER B 77 1.11 -9.51 -41.86
N GLN B 78 2.03 -10.44 -41.71
CA GLN B 78 2.41 -10.92 -40.39
C GLN B 78 3.25 -9.84 -39.72
N TYR B 79 3.04 -9.65 -38.43
CA TYR B 79 3.62 -8.50 -37.73
C TYR B 79 5.12 -8.71 -37.55
N GLU B 80 5.84 -8.66 -38.67
CA GLU B 80 7.29 -8.80 -38.71
C GLU B 80 7.83 -7.72 -39.63
N PHE B 81 8.31 -6.63 -39.04
CA PHE B 81 8.71 -5.46 -39.82
C PHE B 81 10.20 -5.49 -40.15
N ILE B 82 10.60 -6.52 -40.92
CA ILE B 82 11.92 -6.48 -41.52
C ILE B 82 11.92 -5.54 -42.71
N LYS B 83 10.75 -5.25 -43.27
CA LYS B 83 10.59 -4.34 -44.41
C LYS B 83 11.40 -4.92 -45.56
N PHE B 84 12.20 -4.13 -46.26
CA PHE B 84 12.93 -4.59 -47.44
C PHE B 84 14.43 -4.41 -47.25
N SER B 85 14.93 -4.79 -46.07
CA SER B 85 16.34 -4.58 -45.76
C SER B 85 17.23 -5.59 -46.44
N THR B 86 16.99 -6.88 -46.20
CA THR B 86 17.86 -7.94 -46.71
C THR B 86 17.35 -8.45 -48.04
N ASP B 87 18.17 -9.32 -48.67
CA ASP B 87 17.79 -9.85 -49.97
C ASP B 87 16.71 -10.92 -49.86
N GLU B 88 16.63 -11.60 -48.73
CA GLU B 88 15.61 -12.63 -48.56
C GLU B 88 14.21 -12.03 -48.59
N ALA B 89 14.05 -10.85 -47.98
CA ALA B 89 12.76 -10.17 -48.03
C ALA B 89 12.40 -9.80 -49.46
N LEU B 90 13.37 -9.31 -50.23
CA LEU B 90 13.12 -8.99 -51.63
C LEU B 90 12.71 -10.21 -52.42
N LYS B 91 13.39 -11.34 -52.18
CA LYS B 91 13.04 -12.57 -52.89
C LYS B 91 11.64 -13.04 -52.52
N ILE B 92 11.28 -12.96 -51.25
CA ILE B 92 9.95 -13.38 -50.83
C ILE B 92 8.88 -12.49 -51.45
N GLU B 93 9.09 -11.17 -51.42
CA GLU B 93 8.08 -10.26 -51.96
C GLU B 93 8.06 -10.29 -53.48
N GLY B 94 9.22 -10.42 -54.11
CA GLY B 94 9.28 -10.49 -55.56
C GLY B 94 9.56 -9.16 -56.23
N ILE B 95 10.58 -8.45 -55.75
CA ILE B 95 10.97 -7.15 -56.30
C ILE B 95 12.44 -7.22 -56.68
N LYS B 96 12.75 -6.80 -57.91
CA LYS B 96 14.13 -6.84 -58.37
C LYS B 96 14.97 -5.77 -57.68
N GLU B 97 16.20 -6.11 -57.37
CA GLU B 97 17.10 -5.15 -56.75
C GLU B 97 17.50 -4.07 -57.75
N PRO B 98 17.83 -2.87 -57.28
CA PRO B 98 18.25 -1.81 -58.19
C PRO B 98 19.57 -2.15 -58.88
N LYS B 99 19.71 -1.66 -60.11
CA LYS B 99 20.92 -1.91 -60.89
C LYS B 99 21.97 -0.83 -60.64
N ASP B 100 21.62 0.43 -60.89
CA ASP B 100 22.56 1.54 -60.71
C ASP B 100 21.88 2.68 -59.94
N TYR B 101 22.57 3.83 -59.87
CA TYR B 101 22.01 4.98 -59.16
C TYR B 101 20.74 5.48 -59.85
N ASN B 102 20.73 5.49 -61.18
CA ASN B 102 19.57 6.01 -61.91
C ASN B 102 18.33 5.16 -61.70
N ASP B 103 18.49 3.90 -61.32
CA ASP B 103 17.36 3.00 -61.11
C ASP B 103 16.79 3.07 -59.70
N ALA B 104 17.38 3.90 -58.82
CA ALA B 104 16.96 3.94 -57.43
C ALA B 104 15.51 4.40 -57.29
N ARG B 105 15.12 5.41 -58.07
CA ARG B 105 13.77 5.95 -57.98
C ARG B 105 12.73 4.88 -58.35
N ARG B 106 13.02 4.10 -59.38
CA ARG B 106 12.13 3.00 -59.76
C ARG B 106 11.94 2.03 -58.61
N PHE B 107 13.03 1.63 -57.96
CA PHE B 107 12.94 0.70 -56.85
C PHE B 107 12.14 1.30 -55.70
N GLU B 108 12.37 2.57 -55.39
CA GLU B 108 11.65 3.21 -54.29
C GLU B 108 10.15 3.26 -54.58
N VAL B 109 9.78 3.61 -55.81
CA VAL B 109 8.36 3.68 -56.14
C VAL B 109 7.74 2.29 -56.13
N GLU B 110 8.46 1.29 -56.64
CA GLU B 110 7.92 -0.07 -56.66
C GLU B 110 7.69 -0.60 -55.25
N VAL B 111 8.65 -0.40 -54.36
CA VAL B 111 8.48 -0.81 -52.97
C VAL B 111 7.36 0.00 -52.32
N MET B 112 7.22 1.26 -52.69
CA MET B 112 6.29 2.17 -52.05
C MET B 112 4.84 1.95 -52.48
N LEU B 113 4.61 1.26 -53.59
CA LEU B 113 3.27 0.92 -54.04
C LEU B 113 2.78 -0.42 -53.51
N LYS B 114 3.60 -1.15 -52.75
CA LYS B 114 3.21 -2.47 -52.26
C LYS B 114 2.96 -2.49 -50.76
N ASP B 115 3.62 -1.65 -49.99
CA ASP B 115 3.48 -1.65 -48.53
C ASP B 115 3.37 -0.21 -48.05
N VAL B 116 2.25 0.11 -47.40
CA VAL B 116 2.10 1.43 -46.81
C VAL B 116 3.06 1.62 -45.65
N ILE B 117 3.43 0.53 -44.96
CA ILE B 117 4.34 0.63 -43.84
C ILE B 117 5.70 1.15 -44.27
N ALA B 118 6.20 0.66 -45.40
CA ALA B 118 7.47 1.17 -45.92
C ALA B 118 7.36 2.63 -46.30
N ASP B 119 6.21 3.05 -46.82
CA ASP B 119 6.02 4.44 -47.21
C ASP B 119 6.03 5.36 -45.99
N VAL B 120 5.26 5.02 -44.95
CA VAL B 120 5.11 5.92 -43.82
C VAL B 120 6.31 5.83 -42.88
N GLY B 121 6.69 4.61 -42.50
CA GLY B 121 7.78 4.43 -41.57
C GLY B 121 9.18 4.37 -42.15
N GLY B 122 9.32 4.55 -43.45
CA GLY B 122 10.64 4.57 -44.06
C GLY B 122 11.28 3.20 -44.15
N PHE B 123 12.43 3.10 -44.81
CA PHE B 123 13.11 1.82 -44.97
C PHE B 123 14.53 2.08 -45.44
N MET B 124 15.30 1.00 -45.53
CA MET B 124 16.69 1.06 -45.97
C MET B 124 17.06 -0.20 -46.71
N TYR B 125 17.75 -0.05 -47.83
CA TYR B 125 18.34 -1.17 -48.56
C TYR B 125 19.82 -0.91 -48.76
N ALA B 126 20.65 -1.85 -48.35
CA ALA B 126 22.10 -1.75 -48.45
C ALA B 126 22.59 -2.67 -49.56
N GLY B 127 23.46 -2.15 -50.41
CA GLY B 127 23.97 -2.93 -51.53
C GLY B 127 24.80 -2.07 -52.45
N GLY B 128 24.81 -2.47 -53.73
CA GLY B 128 25.53 -1.68 -54.72
C GLY B 128 24.99 -0.27 -54.85
N ALA B 129 23.67 -0.12 -54.78
CA ALA B 129 23.00 1.17 -54.84
C ALA B 129 22.09 1.29 -53.63
N PRO B 130 22.62 1.78 -52.50
CA PRO B 130 21.80 1.89 -51.28
C PRO B 130 20.65 2.85 -51.48
N VAL B 131 19.53 2.55 -50.83
CA VAL B 131 18.32 3.36 -50.90
C VAL B 131 17.85 3.64 -49.48
N ARG B 132 17.58 4.91 -49.18
CA ARG B 132 17.17 5.32 -47.86
C ARG B 132 15.83 6.04 -47.93
N ARG B 133 15.03 5.88 -46.88
CA ARG B 133 13.80 6.67 -46.74
C ARG B 133 13.55 6.88 -45.27
N THR B 134 13.68 8.13 -44.82
CA THR B 134 13.50 8.47 -43.42
C THR B 134 12.03 8.31 -43.01
N SER B 135 11.82 7.86 -41.77
CA SER B 135 10.47 7.71 -41.26
C SER B 135 9.77 9.05 -41.21
N ARG B 136 8.45 9.03 -41.41
CA ARG B 136 7.65 10.24 -41.37
C ARG B 136 7.00 10.47 -40.02
N ILE B 137 7.22 9.59 -39.04
CA ILE B 137 6.77 9.79 -37.68
C ILE B 137 7.97 9.64 -36.75
N LYS B 138 8.11 10.57 -35.81
CA LYS B 138 9.29 10.64 -34.96
C LYS B 138 8.87 10.55 -33.49
N LEU B 139 9.50 9.64 -32.76
CA LEU B 139 9.20 9.36 -31.38
C LEU B 139 10.48 9.40 -30.56
N GLY B 140 10.34 9.33 -29.24
CA GLY B 140 11.48 9.32 -28.35
C GLY B 140 11.20 8.47 -27.14
N TYR B 141 12.21 8.33 -26.29
CA TYR B 141 12.05 7.55 -25.07
C TYR B 141 10.99 8.18 -24.17
N MET B 142 10.36 7.35 -23.36
CA MET B 142 9.34 7.79 -22.43
C MET B 142 9.98 8.00 -21.07
N ILE B 143 10.09 9.25 -20.64
CA ILE B 143 10.78 9.63 -19.41
C ILE B 143 9.77 10.17 -18.41
N PRO B 144 9.90 9.87 -17.13
CA PRO B 144 9.06 10.53 -16.13
C PRO B 144 9.43 11.99 -15.98
N ALA B 145 8.47 12.77 -15.50
CA ALA B 145 8.65 14.22 -15.39
C ALA B 145 9.78 14.55 -14.44
N LEU B 146 10.67 15.44 -14.88
CA LEU B 146 11.78 15.92 -14.05
C LEU B 146 11.42 17.26 -13.40
N ARG B 147 10.41 17.20 -12.53
CA ARG B 147 9.87 18.37 -11.87
C ARG B 147 10.30 18.41 -10.42
N GLY B 148 10.68 19.59 -9.95
CA GLY B 148 11.06 19.73 -8.56
C GLY B 148 12.36 19.01 -8.25
N ASP B 149 12.52 18.67 -6.97
CA ASP B 149 13.72 17.99 -6.49
C ASP B 149 13.54 16.49 -6.36
N GLU B 150 12.31 15.99 -6.37
CA GLU B 150 12.03 14.56 -6.22
C GLU B 150 11.41 14.03 -7.49
N ILE B 151 11.98 12.95 -8.02
CA ILE B 151 11.45 12.30 -9.21
C ILE B 151 10.27 11.42 -8.81
N PRO B 152 9.10 11.62 -9.39
CA PRO B 152 7.92 10.79 -9.02
C PRO B 152 7.91 9.46 -9.76
N ALA B 153 8.78 8.55 -9.32
CA ALA B 153 8.85 7.22 -9.90
C ALA B 153 9.40 6.26 -8.86
N GLN B 154 9.03 4.98 -8.99
CA GLN B 154 9.51 3.97 -8.07
C GLN B 154 9.56 2.62 -8.79
N LEU B 155 10.53 1.79 -8.38
CA LEU B 155 10.76 0.48 -8.97
C LEU B 155 11.07 -0.52 -7.88
N GLU B 156 10.54 -1.74 -8.01
CA GLU B 156 10.72 -2.76 -6.99
C GLU B 156 10.70 -4.13 -7.65
N ALA B 157 10.98 -5.16 -6.86
CA ALA B 157 10.98 -6.54 -7.32
C ALA B 157 9.88 -7.33 -6.62
N GLN B 158 9.33 -8.31 -7.33
CA GLN B 158 8.22 -9.11 -6.84
C GLN B 158 8.53 -10.59 -7.01
N PHE B 159 7.97 -11.38 -6.10
CA PHE B 159 8.25 -12.80 -5.92
C PHE B 159 7.10 -13.63 -6.49
N HIS B 160 7.41 -14.66 -7.28
CA HIS B 160 6.38 -15.51 -7.83
C HIS B 160 6.87 -16.95 -7.87
N VAL B 161 5.91 -17.88 -7.77
CA VAL B 161 6.19 -19.31 -7.67
C VAL B 161 5.35 -20.04 -8.70
N ARG B 162 5.79 -21.25 -9.07
CA ARG B 162 5.00 -22.17 -9.88
C ARG B 162 4.71 -23.42 -9.06
N PHE B 163 3.44 -23.82 -9.02
CA PHE B 163 3.01 -24.95 -8.22
C PHE B 163 3.37 -26.28 -8.88
N SER B 164 3.66 -27.29 -8.07
CA SER B 164 3.92 -28.63 -8.56
C SER B 164 3.72 -29.60 -7.41
N ASN B 165 3.29 -30.83 -7.73
CA ASN B 165 3.05 -31.83 -6.70
C ASN B 165 4.30 -32.61 -6.32
N LYS B 166 5.36 -32.53 -7.13
CA LYS B 166 6.59 -33.29 -6.91
C LYS B 166 7.76 -32.32 -6.97
N PRO B 167 8.08 -31.64 -5.88
CA PRO B 167 9.18 -30.67 -5.89
C PRO B 167 10.50 -31.34 -6.28
N VAL B 168 11.27 -30.62 -7.11
CA VAL B 168 12.54 -31.12 -7.59
C VAL B 168 13.59 -30.02 -7.56
N ALA B 173 11.40 -23.16 -10.01
CA ALA B 173 9.97 -22.98 -9.78
C ALA B 173 9.70 -21.68 -9.04
N ILE B 174 10.72 -20.81 -8.98
CA ILE B 174 10.63 -19.52 -8.33
C ILE B 174 11.26 -18.48 -9.26
N PHE B 175 10.60 -17.33 -9.41
CA PHE B 175 11.15 -16.27 -10.23
C PHE B 175 10.77 -14.92 -9.65
N ASN B 176 11.45 -13.89 -10.13
CA ASN B 176 11.28 -12.52 -9.65
C ASN B 176 11.09 -11.60 -10.84
N VAL B 177 10.25 -10.59 -10.67
CA VAL B 177 9.88 -9.68 -11.75
C VAL B 177 9.91 -8.25 -11.23
N GLU B 178 10.53 -7.35 -11.98
CA GLU B 178 10.60 -5.95 -11.59
C GLU B 178 9.35 -5.19 -12.06
N VAL B 179 8.79 -4.38 -11.17
CA VAL B 179 7.54 -3.66 -11.41
C VAL B 179 7.74 -2.21 -11.01
N SER B 180 7.19 -1.29 -11.82
CA SER B 180 7.42 0.13 -11.66
C SER B 180 6.11 0.89 -11.60
N SER B 181 6.18 2.10 -11.05
CA SER B 181 5.06 3.04 -11.02
C SER B 181 5.59 4.44 -11.18
N ALA B 182 5.04 5.21 -12.12
CA ALA B 182 5.64 6.49 -12.45
C ALA B 182 4.63 7.41 -13.14
N LEU B 183 5.10 8.63 -13.42
CA LEU B 183 4.40 9.67 -14.16
C LEU B 183 5.19 9.94 -15.43
N TYR B 184 4.83 9.29 -16.52
CA TYR B 184 5.62 9.34 -17.74
C TYR B 184 5.23 10.53 -18.61
N THR B 185 6.14 10.93 -19.48
CA THR B 185 5.91 12.01 -20.44
C THR B 185 6.57 11.64 -21.75
N PHE B 186 5.95 12.07 -22.86
CA PHE B 186 6.60 11.87 -24.16
C PHE B 186 6.01 12.81 -25.19
N SER B 187 6.80 13.07 -26.24
CA SER B 187 6.43 13.99 -27.30
C SER B 187 6.65 13.32 -28.65
N PHE B 188 5.91 13.81 -29.65
CA PHE B 188 5.92 13.18 -30.97
C PHE B 188 5.76 14.23 -32.06
N GLU B 189 6.12 13.84 -33.29
CA GLU B 189 6.06 14.70 -34.46
C GLU B 189 5.69 13.88 -35.68
N LEU B 190 4.77 14.40 -36.49
CA LEU B 190 4.26 13.72 -37.67
C LEU B 190 4.05 14.74 -38.79
N ASP B 191 4.83 14.64 -39.86
CA ASP B 191 4.70 15.55 -41.00
C ASP B 191 3.92 14.83 -42.10
N GLU B 192 2.64 15.18 -42.24
CA GLU B 192 1.77 14.53 -43.22
C GLU B 192 1.88 15.15 -44.60
N ASP B 193 2.67 16.20 -44.77
CA ASP B 193 2.84 16.81 -46.08
C ASP B 193 3.80 16.04 -46.98
N LEU B 194 4.50 15.05 -46.44
CA LEU B 194 5.44 14.26 -47.23
C LEU B 194 5.00 12.82 -47.39
N ILE B 195 3.83 12.45 -46.87
CA ILE B 195 3.33 11.10 -47.03
C ILE B 195 2.91 10.88 -48.47
N ALA B 196 3.22 9.68 -49.00
CA ALA B 196 2.93 9.34 -50.39
C ALA B 196 3.66 10.28 -51.36
N VAL B 197 4.89 10.65 -51.02
CA VAL B 197 5.72 11.49 -51.86
C VAL B 197 7.10 10.83 -51.98
N PRO B 198 7.58 10.52 -53.18
CA PRO B 198 8.93 9.97 -53.31
C PRO B 198 9.98 10.95 -52.83
N SER B 199 11.07 10.41 -52.29
CA SER B 199 12.13 11.24 -51.70
C SER B 199 13.42 11.26 -52.51
N THR B 200 13.71 10.20 -53.27
CA THR B 200 14.95 10.17 -54.04
C THR B 200 14.81 11.04 -55.28
N PHE B 201 15.82 11.89 -55.51
CA PHE B 201 15.77 12.80 -56.64
C PHE B 201 16.02 12.06 -57.95
N GLY B 202 15.31 12.49 -58.99
CA GLY B 202 15.43 11.84 -60.29
C GLY B 202 14.37 12.36 -61.24
N GLU B 203 14.08 11.55 -62.25
CA GLU B 203 13.06 11.88 -63.24
C GLU B 203 11.74 11.21 -62.88
N LYS B 204 10.69 11.61 -63.59
CA LYS B 204 9.38 11.01 -63.36
C LYS B 204 9.38 9.54 -63.79
N VAL B 205 8.67 8.72 -63.04
CA VAL B 205 8.57 7.29 -63.29
C VAL B 205 7.10 6.90 -63.26
N LYS B 206 6.67 6.10 -64.24
CA LYS B 206 5.29 5.64 -64.29
C LYS B 206 4.93 4.92 -62.99
N GLY B 207 3.74 5.21 -62.48
CA GLY B 207 3.30 4.72 -61.19
C GLY B 207 3.09 5.81 -60.16
N GLU B 208 3.53 7.04 -60.43
CA GLU B 208 3.30 8.13 -59.49
C GLU B 208 1.84 8.60 -59.51
N GLU B 209 1.12 8.35 -60.61
CA GLU B 209 -0.29 8.71 -60.66
C GLU B 209 -1.09 7.94 -59.63
N GLU B 210 -0.78 6.65 -59.45
CA GLU B 210 -1.47 5.87 -58.43
C GLU B 210 -1.18 6.42 -57.04
N LEU B 211 0.07 6.82 -56.78
CA LEU B 211 0.40 7.41 -55.50
C LEU B 211 -0.38 8.70 -55.27
N GLU B 212 -0.49 9.53 -56.32
CA GLU B 212 -1.26 10.76 -56.20
C GLU B 212 -2.73 10.47 -55.91
N ARG B 213 -3.26 9.40 -56.51
CA ARG B 213 -4.64 9.00 -56.24
C ARG B 213 -4.82 8.55 -54.80
N GLN B 214 -3.86 7.78 -54.27
CA GLN B 214 -3.99 7.19 -52.95
C GLN B 214 -3.50 8.08 -51.81
N LYS B 215 -2.97 9.26 -52.13
CA LYS B 215 -2.38 10.13 -51.11
C LYS B 215 -3.37 10.47 -50.01
N ALA B 216 -4.62 10.80 -50.38
CA ALA B 216 -5.59 11.21 -49.37
C ALA B 216 -5.88 10.08 -48.40
N LYS B 217 -6.10 8.87 -48.91
CA LYS B 217 -6.36 7.73 -48.04
C LYS B 217 -5.16 7.41 -47.17
N ARG B 218 -3.95 7.52 -47.73
CA ARG B 218 -2.75 7.24 -46.93
C ARG B 218 -2.61 8.23 -45.78
N VAL B 219 -2.87 9.52 -46.05
CA VAL B 219 -2.80 10.52 -45.00
C VAL B 219 -3.86 10.25 -43.94
N LYS B 220 -5.08 9.92 -44.37
CA LYS B 220 -6.15 9.64 -43.42
C LYS B 220 -5.78 8.46 -42.53
N SER B 221 -5.24 7.39 -43.11
CA SER B 221 -4.85 6.23 -42.32
C SER B 221 -3.71 6.55 -41.37
N ALA B 222 -2.74 7.33 -41.82
CA ALA B 222 -1.62 7.69 -40.95
C ALA B 222 -2.10 8.49 -39.75
N ILE B 223 -3.02 9.43 -39.96
CA ILE B 223 -3.56 10.19 -38.84
C ILE B 223 -4.37 9.30 -37.91
N LYS B 224 -5.17 8.39 -38.49
CA LYS B 224 -5.99 7.49 -37.67
C LYS B 224 -5.13 6.58 -36.80
N ALA B 225 -3.93 6.23 -37.28
CA ALA B 225 -3.09 5.29 -36.54
C ALA B 225 -2.60 5.85 -35.21
N LEU B 226 -2.70 7.16 -34.99
CA LEU B 226 -2.24 7.75 -33.74
C LEU B 226 -3.16 7.45 -32.56
N TYR B 227 -4.36 6.95 -32.83
CA TYR B 227 -5.30 6.67 -31.74
C TYR B 227 -4.76 5.60 -30.80
N SER B 228 -4.07 4.60 -31.35
CA SER B 228 -3.49 3.56 -30.51
C SER B 228 -2.48 4.14 -29.53
N LEU B 229 -1.55 4.95 -30.02
CA LEU B 229 -0.55 5.54 -29.13
C LEU B 229 -1.18 6.47 -28.11
N LEU B 230 -2.13 7.31 -28.55
CA LEU B 230 -2.77 8.22 -27.62
C LEU B 230 -3.71 7.51 -26.65
N SER B 231 -4.06 6.25 -26.90
CA SER B 231 -4.95 5.51 -26.02
C SER B 231 -4.18 4.67 -25.00
N GLY B 232 -3.10 4.02 -25.42
CA GLY B 232 -2.29 3.26 -24.49
C GLY B 232 -2.11 1.79 -24.81
N ASN B 233 -2.23 1.43 -26.09
CA ASN B 233 -2.04 0.04 -26.50
C ASN B 233 -0.59 -0.14 -26.96
N PHE B 234 0.30 -0.32 -25.99
CA PHE B 234 1.70 -0.56 -26.29
C PHE B 234 2.33 -1.31 -25.12
N GLY B 235 3.52 -1.85 -25.37
CA GLY B 235 4.27 -2.56 -24.35
C GLY B 235 3.94 -4.04 -24.28
N GLY B 236 4.77 -4.76 -23.54
CA GLY B 236 4.64 -6.20 -23.38
C GLY B 236 4.17 -6.58 -21.99
N LYS B 237 4.11 -7.90 -21.78
CA LYS B 237 3.65 -8.49 -20.52
C LYS B 237 2.28 -7.96 -20.13
N ARG B 238 1.40 -7.82 -21.11
CA ARG B 238 0.04 -7.36 -20.87
C ARG B 238 -0.92 -8.49 -20.52
N SER B 239 -0.48 -9.74 -20.57
CA SER B 239 -1.37 -10.84 -20.27
C SER B 239 -1.58 -10.98 -18.77
N ARG B 240 -0.55 -10.75 -17.98
CA ARG B 240 -0.64 -10.89 -16.54
C ARG B 240 -0.31 -9.62 -15.77
N PHE B 241 0.27 -8.61 -16.42
CA PHE B 241 0.66 -7.36 -15.79
C PHE B 241 0.03 -6.17 -16.51
N LEU B 242 -1.27 -6.25 -16.74
CA LEU B 242 -1.99 -5.20 -17.43
C LEU B 242 -1.92 -3.91 -16.62
N PRO B 243 -1.44 -2.82 -17.20
CA PRO B 243 -1.24 -1.59 -16.42
C PRO B 243 -2.52 -0.80 -16.25
N SER B 244 -2.45 0.17 -15.35
CA SER B 244 -3.55 1.09 -15.06
C SER B 244 -3.13 2.49 -15.53
N MET B 245 -3.61 2.89 -16.71
CA MET B 245 -3.19 4.12 -17.35
C MET B 245 -4.29 5.17 -17.24
N LYS B 246 -3.87 6.44 -17.28
CA LYS B 246 -4.81 7.55 -17.19
C LYS B 246 -4.14 8.80 -17.75
N LEU B 247 -4.76 9.42 -18.75
CA LEU B 247 -4.23 10.64 -19.34
C LEU B 247 -4.38 11.81 -18.37
N MET B 248 -3.43 12.73 -18.40
CA MET B 248 -3.46 13.91 -17.55
C MET B 248 -3.42 15.21 -18.31
N SER B 249 -2.59 15.31 -19.35
CA SER B 249 -2.46 16.56 -20.09
C SER B 249 -1.94 16.26 -21.49
N LEU B 250 -2.44 17.01 -22.47
CA LEU B 250 -2.06 16.80 -23.85
C LEU B 250 -2.12 18.12 -24.61
N VAL B 251 -1.08 18.41 -25.39
CA VAL B 251 -1.06 19.58 -26.27
C VAL B 251 -0.68 19.12 -27.67
N VAL B 252 -1.50 19.47 -28.66
CA VAL B 252 -1.26 19.09 -30.04
C VAL B 252 -1.36 20.34 -30.91
N THR B 253 -0.35 20.55 -31.76
CA THR B 253 -0.23 21.77 -32.55
C THR B 253 -0.11 21.40 -34.02
N LYS B 254 -0.90 22.09 -34.85
CA LYS B 254 -0.89 21.92 -36.30
C LYS B 254 -0.36 23.20 -36.94
N THR B 255 0.71 23.07 -37.71
CA THR B 255 1.38 24.23 -38.30
C THR B 255 1.77 23.94 -39.74
N ASP B 256 2.24 24.98 -40.42
CA ASP B 256 2.78 24.89 -41.77
C ASP B 256 4.30 25.05 -41.80
N PHE B 257 4.93 25.24 -40.65
CA PHE B 257 6.35 25.49 -40.53
C PHE B 257 6.91 24.65 -39.40
N PRO B 258 8.22 24.40 -39.39
CA PRO B 258 8.81 23.60 -38.30
C PRO B 258 8.56 24.24 -36.95
N PHE B 259 8.27 23.41 -35.95
CA PHE B 259 7.94 23.88 -34.62
C PHE B 259 8.02 22.70 -33.65
N MET B 260 8.41 23.00 -32.41
CA MET B 260 8.51 21.99 -31.38
C MET B 260 8.00 22.51 -30.05
N PRO B 261 6.92 21.97 -29.52
CA PRO B 261 6.41 22.43 -28.22
C PRO B 261 7.33 22.03 -27.08
N GLU B 262 7.12 22.68 -25.94
CA GLU B 262 7.97 22.45 -24.78
C GLU B 262 7.77 21.03 -24.26
N PRO B 263 8.81 20.41 -23.72
CA PRO B 263 8.65 19.11 -23.07
C PRO B 263 7.76 19.21 -21.84
N ALA B 264 7.06 18.13 -21.53
CA ALA B 264 6.09 18.13 -20.44
C ALA B 264 6.76 17.91 -19.10
N HIS B 265 7.77 18.71 -18.77
CA HIS B 265 8.49 18.57 -17.50
C HIS B 265 8.09 19.60 -16.47
N ASP B 266 7.66 20.80 -16.88
CA ASP B 266 7.25 21.84 -15.96
C ASP B 266 5.74 21.94 -15.92
N ASP B 267 5.22 22.37 -14.76
CA ASP B 267 3.78 22.50 -14.60
C ASP B 267 3.18 23.52 -15.56
N ASP B 268 3.98 24.50 -15.99
CA ASP B 268 3.54 25.51 -16.95
C ASP B 268 4.27 25.25 -18.26
N TYR B 269 3.70 24.37 -19.08
CA TYR B 269 4.25 24.11 -20.41
C TYR B 269 3.20 24.23 -21.50
N ILE B 270 1.98 24.63 -21.16
CA ILE B 270 0.93 24.89 -22.14
C ILE B 270 0.87 26.35 -22.52
N LYS B 271 0.95 27.24 -21.52
CA LYS B 271 0.98 28.68 -21.82
C LYS B 271 2.23 29.03 -22.62
N THR B 272 3.37 28.48 -22.23
CA THR B 272 4.64 28.82 -22.88
C THR B 272 4.63 28.42 -24.34
N THR B 273 4.12 27.22 -24.65
CA THR B 273 4.15 26.77 -26.03
C THR B 273 3.16 27.55 -26.89
N ILE B 274 2.06 28.03 -26.31
CA ILE B 274 1.12 28.83 -27.07
C ILE B 274 1.71 30.21 -27.39
N MET B 275 2.35 30.83 -26.40
CA MET B 275 3.02 32.11 -26.66
C MET B 275 4.10 31.94 -27.71
N ARG B 276 4.90 30.88 -27.59
CA ARG B 276 5.95 30.64 -28.56
C ARG B 276 5.38 30.36 -29.95
N LEU B 277 4.24 29.67 -30.02
CA LEU B 277 3.62 29.39 -31.31
C LEU B 277 3.17 30.69 -31.98
N GLY B 278 2.54 31.58 -31.21
CA GLY B 278 2.15 32.86 -31.78
C GLY B 278 3.33 33.65 -32.31
N LYS B 279 4.38 33.76 -31.48
CA LYS B 279 5.54 34.54 -31.92
C LYS B 279 6.26 33.88 -33.10
N ALA B 280 6.32 32.55 -33.12
CA ALA B 280 6.99 31.85 -34.21
C ALA B 280 6.22 32.01 -35.52
N LYS B 281 4.88 31.96 -35.47
CA LYS B 281 4.10 32.24 -36.67
C LYS B 281 4.34 33.68 -37.13
N GLY B 282 4.43 34.60 -36.18
CA GLY B 282 4.74 35.98 -36.54
C GLY B 282 6.08 36.14 -37.24
N VAL B 283 7.09 35.39 -36.77
CA VAL B 283 8.46 35.63 -37.23
C VAL B 283 8.82 34.81 -38.47
N LEU B 284 8.27 33.62 -38.64
CA LEU B 284 8.66 32.76 -39.75
C LEU B 284 7.77 32.92 -40.98
N ASN B 285 6.84 33.87 -40.96
CA ASN B 285 5.95 34.12 -42.09
C ASN B 285 5.13 32.88 -42.44
N GLY B 286 4.53 32.30 -41.41
CA GLY B 286 3.66 31.16 -41.58
C GLY B 286 2.27 31.58 -42.04
N ASN B 287 1.42 30.57 -42.23
CA ASN B 287 0.05 30.84 -42.65
C ASN B 287 -0.99 29.98 -41.95
N LEU B 288 -0.59 29.16 -40.98
CA LEU B 288 -1.54 28.30 -40.28
C LEU B 288 -0.93 27.88 -38.95
N ALA B 289 -1.69 28.05 -37.87
CA ALA B 289 -1.21 27.67 -36.55
C ALA B 289 -2.42 27.43 -35.66
N LYS B 290 -2.68 26.16 -35.34
CA LYS B 290 -3.79 25.80 -34.48
C LYS B 290 -3.28 24.94 -33.33
N ALA B 291 -3.94 25.08 -32.17
CA ALA B 291 -3.56 24.35 -30.98
C ALA B 291 -4.78 23.73 -30.33
N TYR B 292 -4.62 22.52 -29.82
CA TYR B 292 -5.66 21.81 -29.10
C TYR B 292 -5.09 21.31 -27.78
N VAL B 293 -5.89 21.41 -26.72
CA VAL B 293 -5.44 21.13 -25.37
C VAL B 293 -6.44 20.21 -24.70
N ILE B 294 -5.95 19.15 -24.06
CA ILE B 294 -6.74 18.30 -23.18
C ILE B 294 -6.17 18.46 -21.78
N ASN B 295 -7.01 18.89 -20.84
CA ASN B 295 -6.59 19.22 -19.49
C ASN B 295 -7.47 18.50 -18.48
N ASN B 296 -6.85 17.75 -17.58
CA ASN B 296 -7.58 17.01 -16.55
C ASN B 296 -6.99 17.17 -15.16
N GLU B 297 -5.96 18.01 -15.00
CA GLU B 297 -5.35 18.23 -13.70
C GLU B 297 -5.41 19.68 -13.23
N GLY B 298 -6.16 20.53 -13.91
CA GLY B 298 -6.38 21.89 -13.44
C GLY B 298 -5.14 22.75 -13.37
N ILE B 299 -4.33 22.75 -14.43
CA ILE B 299 -3.17 23.61 -14.50
C ILE B 299 -3.47 24.77 -15.45
N GLU B 300 -2.59 25.77 -15.44
CA GLU B 300 -2.83 26.97 -16.23
C GLU B 300 -2.77 26.65 -17.72
N VAL B 301 -3.70 27.22 -18.48
CA VAL B 301 -3.81 26.98 -19.91
C VAL B 301 -3.53 28.24 -20.68
N GLY B 302 -4.35 29.27 -20.46
CA GLY B 302 -4.23 30.52 -21.19
C GLY B 302 -5.57 31.04 -21.66
N GLU B 303 -5.57 31.77 -22.77
CA GLU B 303 -6.80 32.30 -23.33
C GLU B 303 -6.85 32.04 -24.84
N GLY B 304 -8.06 31.90 -25.36
CA GLY B 304 -8.24 31.68 -26.78
C GLY B 304 -7.67 30.36 -27.27
N VAL B 305 -7.92 29.28 -26.53
CA VAL B 305 -7.41 27.95 -26.88
C VAL B 305 -8.58 26.99 -26.94
N THR B 306 -8.64 26.19 -27.99
CA THR B 306 -9.68 25.16 -28.09
C THR B 306 -9.45 24.10 -27.03
N VAL B 307 -10.51 23.78 -26.28
CA VAL B 307 -10.44 22.81 -25.19
C VAL B 307 -11.34 21.64 -25.55
N LEU B 308 -10.77 20.43 -25.56
CA LEU B 308 -11.49 19.23 -25.90
C LEU B 308 -11.84 18.46 -24.61
N SER B 309 -12.42 17.28 -24.79
CA SER B 309 -12.77 16.43 -23.67
C SER B 309 -12.10 15.07 -23.70
N THR B 310 -12.04 14.42 -24.86
CA THR B 310 -11.41 13.12 -25.00
C THR B 310 -10.41 13.11 -26.14
N VAL B 311 -9.90 11.94 -26.49
CA VAL B 311 -8.95 11.83 -27.58
C VAL B 311 -9.65 11.58 -28.93
N GLU B 312 -10.83 10.96 -28.90
CA GLU B 312 -11.56 10.71 -30.14
C GLU B 312 -11.95 12.01 -30.82
N ASP B 313 -12.35 13.02 -30.04
CA ASP B 313 -12.64 14.33 -30.60
C ASP B 313 -11.40 14.93 -31.25
N LEU B 314 -10.25 14.78 -30.60
CA LEU B 314 -9.01 15.29 -31.19
C LEU B 314 -8.71 14.61 -32.51
N VAL B 315 -8.88 13.28 -32.57
CA VAL B 315 -8.60 12.55 -33.80
C VAL B 315 -9.55 12.99 -34.92
N VAL B 316 -10.83 13.16 -34.59
CA VAL B 316 -11.80 13.59 -35.59
C VAL B 316 -11.44 14.98 -36.10
N LYS B 317 -11.09 15.89 -35.19
CA LYS B 317 -10.74 17.26 -35.60
C LYS B 317 -9.48 17.26 -36.47
N LEU B 318 -8.50 16.42 -36.14
CA LEU B 318 -7.32 16.33 -36.99
C LEU B 318 -7.67 15.79 -38.37
N GLU B 319 -8.55 14.79 -38.43
CA GLU B 319 -8.94 14.23 -39.72
C GLU B 319 -9.64 15.25 -40.59
N GLU B 320 -10.60 15.99 -40.00
CA GLU B 320 -11.44 16.89 -40.79
C GLU B 320 -10.61 18.00 -41.43
N GLU B 321 -9.66 18.56 -40.69
CA GLU B 321 -8.83 19.63 -41.22
C GLU B 321 -7.69 19.06 -42.07
N MET C 1 -14.50 -8.57 -28.60
CA MET C 1 -13.81 -8.51 -27.32
C MET C 1 -14.77 -8.21 -26.19
N ILE C 2 -14.41 -8.64 -24.98
CA ILE C 2 -15.15 -8.36 -23.77
C ILE C 2 -14.18 -7.72 -22.78
N SER C 3 -14.43 -6.48 -22.41
CA SER C 3 -13.53 -5.73 -21.55
C SER C 3 -14.30 -5.17 -20.36
N GLY C 4 -13.76 -5.32 -19.17
CA GLY C 4 -14.52 -4.99 -17.97
C GLY C 4 -13.67 -4.29 -16.93
N SER C 5 -14.35 -3.49 -16.10
CA SER C 5 -13.78 -2.85 -14.93
C SER C 5 -14.68 -3.13 -13.73
N VAL C 6 -14.07 -3.54 -12.61
CA VAL C 6 -14.79 -4.07 -11.45
C VAL C 6 -14.23 -3.44 -10.19
N ARG C 7 -15.11 -3.14 -9.23
CA ARG C 7 -14.74 -2.58 -7.94
C ARG C 7 -15.27 -3.47 -6.82
N PHE C 8 -14.40 -3.83 -5.88
CA PHE C 8 -14.70 -4.73 -4.77
C PHE C 8 -14.37 -4.05 -3.46
N LEU C 9 -14.98 -4.52 -2.37
CA LEU C 9 -14.70 -4.03 -1.03
C LEU C 9 -14.40 -5.21 -0.12
N VAL C 10 -13.16 -5.29 0.37
CA VAL C 10 -12.69 -6.47 1.10
C VAL C 10 -12.25 -6.04 2.49
N ASN C 11 -12.62 -6.83 3.50
CA ASN C 11 -12.31 -6.53 4.90
C ASN C 11 -11.70 -7.76 5.57
N LEU C 12 -10.64 -7.53 6.34
CA LEU C 12 -9.98 -8.55 7.15
C LEU C 12 -9.54 -9.73 6.27
N GLU C 13 -8.59 -9.41 5.40
CA GLU C 13 -8.22 -10.26 4.27
C GLU C 13 -6.74 -10.60 4.31
N SER C 14 -6.41 -11.81 3.87
CA SER C 14 -5.03 -12.19 3.57
C SER C 14 -5.10 -13.23 2.45
N LEU C 15 -5.02 -12.76 1.21
CA LEU C 15 -5.24 -13.62 0.06
C LEU C 15 -4.00 -13.92 -0.76
N ASN C 16 -3.00 -13.05 -0.73
CA ASN C 16 -1.75 -13.29 -1.42
C ASN C 16 -0.60 -13.09 -0.44
N GLY C 17 0.39 -13.99 -0.51
CA GLY C 17 1.50 -13.94 0.41
C GLY C 17 2.82 -13.83 -0.32
N VAL C 18 3.86 -13.52 0.45
CA VAL C 18 5.22 -13.38 -0.05
C VAL C 18 6.15 -14.01 0.99
N GLU C 19 7.45 -13.96 0.73
CA GLU C 19 8.43 -14.55 1.64
C GLU C 19 8.26 -14.02 3.06
N SER C 20 8.54 -14.89 4.03
CA SER C 20 8.33 -14.59 5.44
C SER C 20 9.63 -14.25 6.13
N ILE C 21 9.52 -13.44 7.18
CA ILE C 21 10.66 -13.03 8.00
C ILE C 21 10.36 -13.43 9.44
N GLY C 22 11.24 -14.21 10.04
CA GLY C 22 11.02 -14.67 11.40
C GLY C 22 9.74 -15.48 11.50
N ASN C 23 8.93 -15.17 12.50
CA ASN C 23 7.62 -15.78 12.67
C ASN C 23 6.50 -14.90 12.15
N LEU C 24 6.76 -14.13 11.10
CA LEU C 24 5.80 -13.19 10.54
C LEU C 24 5.55 -13.55 9.09
N THR C 25 4.27 -13.71 8.73
CA THR C 25 3.87 -13.93 7.35
C THR C 25 3.45 -12.59 6.76
N LYS C 26 3.99 -12.25 5.61
CA LYS C 26 3.84 -10.91 5.06
C LYS C 26 2.87 -10.89 3.88
N HIS C 27 2.25 -9.74 3.69
CA HIS C 27 1.30 -9.51 2.61
C HIS C 27 1.97 -8.72 1.51
N ARG C 28 1.61 -9.00 0.26
CA ARG C 28 2.22 -8.34 -0.88
C ARG C 28 1.95 -6.84 -0.84
N THR C 29 2.99 -6.04 -1.10
CA THR C 29 2.88 -4.59 -1.12
C THR C 29 3.63 -4.04 -2.32
N ALA C 30 3.18 -2.89 -2.80
CA ALA C 30 3.75 -2.27 -3.99
C ALA C 30 3.72 -0.74 -3.85
N PRO C 31 4.59 -0.04 -4.56
CA PRO C 31 4.55 1.42 -4.55
C PRO C 31 3.62 1.96 -5.62
N VAL C 32 2.88 3.00 -5.26
CA VAL C 32 1.95 3.67 -6.17
C VAL C 32 2.20 5.17 -6.13
N VAL C 33 2.03 5.81 -7.28
CA VAL C 33 2.17 7.26 -7.43
C VAL C 33 0.77 7.86 -7.43
N LEU C 34 0.54 8.84 -6.57
CA LEU C 34 -0.78 9.40 -6.36
C LEU C 34 -0.71 10.92 -6.44
N LYS C 35 -1.77 11.53 -6.95
CA LYS C 35 -1.84 12.98 -7.09
C LYS C 35 -2.73 13.58 -6.01
N THR C 36 -2.17 14.50 -5.22
CA THR C 36 -2.90 15.27 -4.24
C THR C 36 -2.88 16.74 -4.63
N SER C 37 -3.63 17.55 -3.87
CA SER C 37 -3.68 18.98 -4.14
C SER C 37 -2.31 19.63 -4.03
N THR C 38 -1.38 19.01 -3.30
CA THR C 38 -0.04 19.55 -3.14
C THR C 38 0.95 19.00 -4.16
N GLY C 39 0.53 18.14 -5.07
CA GLY C 39 1.43 17.62 -6.07
C GLY C 39 1.35 16.11 -6.25
N TYR C 40 2.50 15.45 -6.30
CA TYR C 40 2.57 14.01 -6.51
C TYR C 40 3.36 13.36 -5.40
N LEU C 41 2.89 12.19 -4.95
CA LEU C 41 3.49 11.49 -3.83
C LEU C 41 3.62 10.01 -4.18
N VAL C 42 4.49 9.33 -3.44
CA VAL C 42 4.71 7.90 -3.58
C VAL C 42 4.33 7.22 -2.27
N ARG C 43 3.53 6.16 -2.35
CA ARG C 43 3.06 5.46 -1.17
C ARG C 43 3.25 3.96 -1.34
N TYR C 44 3.28 3.24 -0.24
CA TYR C 44 3.40 1.79 -0.22
C TYR C 44 2.07 1.19 0.22
N VAL C 45 1.47 0.35 -0.63
CA VAL C 45 0.10 -0.08 -0.42
C VAL C 45 -0.02 -1.58 -0.67
N PRO C 46 -0.85 -2.31 0.08
CA PRO C 46 -1.07 -3.73 -0.23
C PRO C 46 -1.74 -3.92 -1.58
N VAL C 47 -1.34 -5.00 -2.26
CA VAL C 47 -1.90 -5.36 -3.57
C VAL C 47 -2.07 -6.88 -3.62
N ILE C 48 -2.74 -7.35 -4.68
CA ILE C 48 -2.88 -8.77 -4.97
C ILE C 48 -2.46 -9.00 -6.41
N SER C 49 -1.60 -9.98 -6.64
CA SER C 49 -1.06 -10.22 -7.96
C SER C 49 -2.14 -10.78 -8.89
N GLY C 50 -1.86 -10.74 -10.18
CA GLY C 50 -2.77 -11.26 -11.19
C GLY C 50 -2.66 -12.74 -11.46
N GLU C 51 -1.54 -13.36 -11.07
CA GLU C 51 -1.36 -14.78 -11.36
C GLU C 51 -2.25 -15.64 -10.49
N ALA C 52 -2.57 -15.19 -9.27
CA ALA C 52 -3.57 -15.89 -8.48
C ALA C 52 -4.92 -15.91 -9.18
N LEU C 53 -5.33 -14.77 -9.75
CA LEU C 53 -6.58 -14.71 -10.49
C LEU C 53 -6.54 -15.60 -11.71
N ALA C 54 -5.41 -15.63 -12.42
CA ALA C 54 -5.27 -16.51 -13.57
C ALA C 54 -5.40 -17.97 -13.17
N HIS C 55 -4.78 -18.35 -12.05
CA HIS C 55 -4.90 -19.73 -11.59
C HIS C 55 -6.33 -20.08 -11.23
N ALA C 56 -7.04 -19.17 -10.55
CA ALA C 56 -8.44 -19.43 -10.21
C ALA C 56 -9.28 -19.60 -11.47
N TYR C 57 -9.09 -18.72 -12.45
CA TYR C 57 -9.85 -18.81 -13.68
C TYR C 57 -9.58 -20.12 -14.41
N GLN C 58 -8.32 -20.53 -14.48
CA GLN C 58 -8.00 -21.77 -15.20
C GLN C 58 -8.51 -23.00 -14.46
N ALA C 59 -8.49 -22.97 -13.13
CA ALA C 59 -9.06 -24.09 -12.38
C ALA C 59 -10.57 -24.22 -12.62
N SER C 60 -11.28 -23.09 -12.60
CA SER C 60 -12.71 -23.15 -12.89
C SER C 60 -12.97 -23.64 -14.31
N LEU C 61 -12.13 -23.22 -15.25
CA LEU C 61 -12.27 -23.69 -16.63
C LEU C 61 -12.05 -25.20 -16.72
N VAL C 62 -11.08 -25.72 -15.97
CA VAL C 62 -10.87 -27.18 -15.93
C VAL C 62 -12.13 -27.87 -15.43
N ASP C 63 -12.71 -27.36 -14.33
CA ASP C 63 -13.91 -27.99 -13.79
C ASP C 63 -15.03 -28.01 -14.81
N ILE C 64 -15.31 -26.87 -15.43
CA ILE C 64 -16.41 -26.79 -16.38
C ILE C 64 -16.15 -27.65 -17.61
N ALA C 65 -14.91 -27.65 -18.11
CA ALA C 65 -14.58 -28.43 -19.30
C ALA C 65 -14.75 -29.92 -19.04
N LYS C 66 -14.29 -30.40 -17.87
CA LYS C 66 -14.52 -31.80 -17.53
C LYS C 66 -16.01 -32.09 -17.41
N LYS C 67 -16.77 -31.14 -16.85
CA LYS C 67 -18.21 -31.38 -16.70
C LYS C 67 -18.92 -31.49 -18.05
N GLU C 68 -18.49 -30.71 -19.03
CA GLU C 68 -19.19 -30.64 -20.31
C GLU C 68 -18.61 -31.56 -21.38
N GLY C 69 -17.58 -32.34 -21.06
CA GLY C 69 -17.07 -33.32 -22.00
C GLY C 69 -15.95 -32.86 -22.91
N LEU C 70 -15.51 -31.62 -22.80
CA LEU C 70 -14.40 -31.16 -23.61
C LEU C 70 -13.10 -31.82 -23.14
N PRO C 71 -12.14 -32.02 -24.04
CA PRO C 71 -10.90 -32.71 -23.65
C PRO C 71 -10.08 -31.87 -22.68
N VAL C 72 -9.39 -32.55 -21.77
CA VAL C 72 -8.53 -31.92 -20.78
C VAL C 72 -7.24 -32.71 -20.69
N GLY C 73 -6.11 -32.00 -20.56
CA GLY C 73 -4.83 -32.65 -20.52
C GLY C 73 -4.64 -33.49 -19.27
N SER C 74 -3.64 -34.38 -19.33
CA SER C 74 -3.40 -35.30 -18.22
C SER C 74 -2.82 -34.57 -17.01
N LEU C 75 -1.72 -33.84 -17.21
CA LEU C 75 -1.13 -33.08 -16.11
C LEU C 75 -2.08 -31.97 -15.64
N SER C 76 -2.77 -31.32 -16.58
CA SER C 76 -3.69 -30.27 -16.21
C SER C 76 -5.01 -30.80 -15.65
N SER C 77 -5.27 -32.11 -15.77
CA SER C 77 -6.37 -32.69 -15.02
C SER C 77 -6.15 -32.51 -13.52
N GLN C 78 -4.93 -32.78 -13.07
CA GLN C 78 -4.47 -32.29 -11.78
C GLN C 78 -4.22 -30.80 -11.90
N TYR C 79 -4.53 -30.07 -10.83
CA TYR C 79 -4.45 -28.60 -10.89
C TYR C 79 -2.99 -28.16 -10.83
N GLU C 80 -2.26 -28.46 -11.92
CA GLU C 80 -0.85 -28.11 -12.05
C GLU C 80 -0.63 -27.61 -13.48
N PHE C 81 -0.58 -26.30 -13.64
CA PHE C 81 -0.55 -25.69 -14.97
C PHE C 81 0.88 -25.44 -15.43
N ILE C 82 1.64 -26.53 -15.56
CA ILE C 82 2.91 -26.45 -16.27
C ILE C 82 2.68 -26.43 -17.77
N LYS C 83 1.51 -26.88 -18.22
CA LYS C 83 1.13 -26.91 -19.63
C LYS C 83 2.15 -27.77 -20.37
N PHE C 84 2.71 -27.33 -21.48
CA PHE C 84 3.61 -28.15 -22.28
C PHE C 84 4.98 -27.49 -22.40
N SER C 85 5.50 -27.00 -21.28
CA SER C 85 6.73 -26.22 -21.31
C SER C 85 7.97 -27.10 -21.47
N THR C 86 8.16 -28.06 -20.57
CA THR C 86 9.36 -28.89 -20.54
C THR C 86 9.13 -30.20 -21.29
N ASP C 87 10.21 -30.95 -21.44
CA ASP C 87 10.12 -32.23 -22.15
C ASP C 87 9.44 -33.30 -21.31
N GLU C 88 9.52 -33.19 -19.98
CA GLU C 88 8.87 -34.18 -19.13
C GLU C 88 7.36 -34.19 -19.31
N ALA C 89 6.76 -32.99 -19.42
CA ALA C 89 5.33 -32.92 -19.67
C ALA C 89 4.96 -33.53 -21.02
N LEU C 90 5.78 -33.26 -22.04
CA LEU C 90 5.54 -33.86 -23.34
C LEU C 90 5.62 -35.38 -23.28
N LYS C 91 6.59 -35.90 -22.55
CA LYS C 91 6.71 -37.36 -22.42
C LYS C 91 5.51 -37.94 -21.68
N ILE C 92 5.04 -37.25 -20.64
CA ILE C 92 3.88 -37.74 -19.90
C ILE C 92 2.63 -37.75 -20.78
N GLU C 93 2.39 -36.64 -21.50
CA GLU C 93 1.18 -36.55 -22.32
C GLU C 93 1.30 -37.42 -23.56
N GLY C 94 2.50 -37.57 -24.11
CA GLY C 94 2.71 -38.42 -25.26
C GLY C 94 2.63 -37.70 -26.59
N ILE C 95 3.32 -36.56 -26.69
CA ILE C 95 3.30 -35.74 -27.90
C ILE C 95 4.73 -35.60 -28.40
N LYS C 96 4.94 -35.84 -29.69
CA LYS C 96 6.27 -35.71 -30.26
C LYS C 96 6.64 -34.24 -30.42
N GLU C 97 7.90 -33.93 -30.13
CA GLU C 97 8.37 -32.56 -30.21
C GLU C 97 8.46 -32.11 -31.66
N PRO C 98 8.28 -30.81 -31.93
CA PRO C 98 8.38 -30.32 -33.31
C PRO C 98 9.78 -30.53 -33.87
N LYS C 99 9.82 -30.86 -35.16
CA LYS C 99 11.09 -31.11 -35.84
C LYS C 99 11.69 -29.83 -36.42
N ASP C 100 10.90 -29.12 -37.24
CA ASP C 100 11.39 -27.93 -37.91
C ASP C 100 10.38 -26.79 -37.78
N TYR C 101 10.62 -25.68 -38.49
CA TYR C 101 9.66 -24.59 -38.51
C TYR C 101 8.38 -24.99 -39.21
N ASN C 102 8.49 -25.80 -40.28
CA ASN C 102 7.31 -26.21 -41.03
C ASN C 102 6.39 -27.10 -40.21
N ASP C 103 6.92 -27.80 -39.21
CA ASP C 103 6.14 -28.72 -38.40
C ASP C 103 5.50 -28.06 -37.19
N ALA C 104 5.71 -26.75 -37.00
CA ALA C 104 5.21 -26.08 -35.81
C ALA C 104 3.68 -26.12 -35.75
N ARG C 105 3.02 -25.91 -36.89
CA ARG C 105 1.56 -25.86 -36.91
C ARG C 105 0.96 -27.19 -36.47
N ARG C 106 1.55 -28.29 -36.93
CA ARG C 106 1.07 -29.61 -36.52
C ARG C 106 1.17 -29.78 -35.01
N PHE C 107 2.31 -29.40 -34.43
CA PHE C 107 2.47 -29.51 -32.98
C PHE C 107 1.46 -28.65 -32.24
N GLU C 108 1.24 -27.43 -32.71
CA GLU C 108 0.28 -26.55 -32.05
C GLU C 108 -1.12 -27.13 -32.11
N VAL C 109 -1.50 -27.70 -33.27
CA VAL C 109 -2.83 -28.29 -33.38
C VAL C 109 -2.97 -29.51 -32.47
N GLU C 110 -1.93 -30.36 -32.42
CA GLU C 110 -1.99 -31.54 -31.57
C GLU C 110 -2.11 -31.17 -30.11
N VAL C 111 -1.32 -30.20 -29.65
CA VAL C 111 -1.44 -29.73 -28.28
C VAL C 111 -2.81 -29.10 -28.05
N MET C 112 -3.34 -28.43 -29.06
CA MET C 112 -4.57 -27.66 -28.94
C MET C 112 -5.81 -28.54 -29.01
N LEU C 113 -5.67 -29.80 -29.45
CA LEU C 113 -6.78 -30.74 -29.51
C LEU C 113 -6.84 -31.66 -28.30
N LYS C 114 -5.99 -31.46 -27.29
CA LYS C 114 -6.01 -32.30 -26.10
C LYS C 114 -6.34 -31.56 -24.83
N ASP C 115 -5.98 -30.28 -24.74
CA ASP C 115 -6.17 -29.51 -23.50
C ASP C 115 -6.77 -28.16 -23.85
N VAL C 116 -7.97 -27.88 -23.35
CA VAL C 116 -8.59 -26.58 -23.56
C VAL C 116 -7.80 -25.50 -22.85
N ILE C 117 -7.13 -25.84 -21.74
CA ILE C 117 -6.36 -24.85 -20.99
C ILE C 117 -5.25 -24.28 -21.84
N ALA C 118 -4.53 -25.13 -22.57
CA ALA C 118 -3.49 -24.64 -23.46
C ALA C 118 -4.07 -23.79 -24.58
N ASP C 119 -5.31 -24.07 -24.98
CA ASP C 119 -5.94 -23.31 -26.05
C ASP C 119 -6.33 -21.91 -25.59
N VAL C 120 -6.94 -21.79 -24.42
CA VAL C 120 -7.46 -20.51 -23.98
C VAL C 120 -6.37 -19.67 -23.30
N GLY C 121 -5.61 -20.28 -22.40
CA GLY C 121 -4.62 -19.54 -21.64
C GLY C 121 -3.25 -19.42 -22.24
N GLY C 122 -3.05 -19.91 -23.46
CA GLY C 122 -1.75 -19.77 -24.11
C GLY C 122 -0.71 -20.70 -23.55
N PHE C 123 0.43 -20.83 -24.24
CA PHE C 123 1.49 -21.72 -23.81
C PHE C 123 2.77 -21.36 -24.54
N MET C 124 3.88 -21.94 -24.07
CA MET C 124 5.18 -21.72 -24.67
C MET C 124 5.99 -23.01 -24.66
N TYR C 125 6.63 -23.32 -25.77
CA TYR C 125 7.61 -24.39 -25.83
C TYR C 125 8.90 -23.85 -26.41
N ALA C 126 10.00 -24.02 -25.68
CA ALA C 126 11.30 -23.50 -26.07
C ALA C 126 12.20 -24.66 -26.48
N GLY C 127 12.88 -24.50 -27.61
CA GLY C 127 13.75 -25.56 -28.11
C GLY C 127 14.31 -25.20 -29.46
N GLY C 128 14.57 -26.23 -30.27
CA GLY C 128 15.07 -25.99 -31.62
C GLY C 128 14.12 -25.16 -32.45
N ALA C 129 12.82 -25.39 -32.30
CA ALA C 129 11.79 -24.63 -33.00
C ALA C 129 10.78 -24.15 -31.97
N PRO C 130 11.01 -22.96 -31.39
CA PRO C 130 10.10 -22.46 -30.36
C PRO C 130 8.70 -22.24 -30.90
N VAL C 131 7.71 -22.48 -30.04
CA VAL C 131 6.31 -22.30 -30.37
C VAL C 131 5.67 -21.46 -29.28
N ARG C 132 4.94 -20.41 -29.67
CA ARG C 132 4.34 -19.48 -28.74
C ARG C 132 2.85 -19.38 -29.02
N ARG C 133 2.07 -19.18 -27.96
CA ARG C 133 0.66 -18.88 -28.10
C ARG C 133 0.26 -17.94 -26.97
N THR C 134 -0.06 -16.70 -27.31
CA THR C 134 -0.42 -15.70 -26.33
C THR C 134 -1.76 -16.04 -25.68
N SER C 135 -1.90 -15.68 -24.41
CA SER C 135 -3.14 -15.95 -23.69
C SER C 135 -4.29 -15.15 -24.30
N ARG C 136 -5.48 -15.74 -24.27
CA ARG C 136 -6.67 -15.07 -24.75
C ARG C 136 -7.42 -14.32 -23.65
N ILE C 137 -6.95 -14.40 -22.41
CA ILE C 137 -7.49 -13.65 -21.29
C ILE C 137 -6.36 -12.90 -20.62
N LYS C 138 -6.58 -11.62 -20.32
CA LYS C 138 -5.55 -10.74 -19.81
C LYS C 138 -6.01 -10.10 -18.52
N LEU C 139 -5.17 -10.17 -17.49
CA LEU C 139 -5.48 -9.70 -16.15
C LEU C 139 -4.37 -8.79 -15.67
N GLY C 140 -4.63 -8.10 -14.55
CA GLY C 140 -3.66 -7.20 -13.98
C GLY C 140 -3.71 -7.22 -12.47
N TYR C 141 -2.77 -6.49 -11.87
CA TYR C 141 -2.70 -6.43 -10.41
C TYR C 141 -3.96 -5.79 -9.85
N MET C 142 -4.32 -6.19 -8.64
CA MET C 142 -5.48 -5.65 -7.95
C MET C 142 -5.02 -4.55 -7.01
N ILE C 143 -5.49 -3.33 -7.26
CA ILE C 143 -5.02 -2.14 -6.54
C ILE C 143 -6.20 -1.49 -5.84
N PRO C 144 -6.02 -0.92 -4.65
CA PRO C 144 -7.07 -0.05 -4.10
C PRO C 144 -7.18 1.24 -4.88
N ALA C 145 -8.38 1.81 -4.86
CA ALA C 145 -8.65 3.00 -5.66
C ALA C 145 -7.87 4.19 -5.14
N LEU C 146 -7.17 4.88 -6.05
CA LEU C 146 -6.38 6.06 -5.70
C LEU C 146 -7.20 7.33 -5.91
N ARG C 147 -8.29 7.42 -5.16
CA ARG C 147 -9.21 8.54 -5.22
C ARG C 147 -8.92 9.52 -4.09
N GLY C 148 -8.95 10.81 -4.40
CA GLY C 148 -8.78 11.81 -3.37
C GLY C 148 -7.35 11.87 -2.85
N ASP C 149 -7.23 12.31 -1.60
CA ASP C 149 -5.94 12.51 -0.96
C ASP C 149 -5.57 11.39 0.00
N GLU C 150 -6.52 10.58 0.44
CA GLU C 150 -6.27 9.51 1.39
C GLU C 150 -6.63 8.17 0.75
N ILE C 151 -5.70 7.23 0.78
CA ILE C 151 -5.92 5.90 0.22
C ILE C 151 -6.78 5.11 1.20
N PRO C 152 -7.92 4.57 0.76
CA PRO C 152 -8.78 3.79 1.68
C PRO C 152 -8.31 2.35 1.84
N ALA C 153 -7.13 2.18 2.42
CA ALA C 153 -6.57 0.85 2.65
C ALA C 153 -5.80 0.87 3.96
N GLN C 154 -5.68 -0.31 4.58
CA GLN C 154 -4.95 -0.42 5.83
C GLN C 154 -4.41 -1.83 5.98
N LEU C 155 -3.26 -1.95 6.66
CA LEU C 155 -2.59 -3.22 6.87
C LEU C 155 -2.08 -3.26 8.30
N GLU C 156 -2.16 -4.44 8.94
CA GLU C 156 -1.72 -4.58 10.31
C GLU C 156 -1.28 -6.02 10.55
N ALA C 157 -0.70 -6.28 11.72
CA ALA C 157 -0.24 -7.60 12.10
C ALA C 157 -1.02 -8.10 13.31
N GLN C 158 -1.24 -9.42 13.35
CA GLN C 158 -2.04 -10.05 14.40
C GLN C 158 -1.25 -11.19 15.02
N PHE C 159 -1.57 -11.45 16.28
CA PHE C 159 -0.83 -12.36 17.17
C PHE C 159 -1.63 -13.65 17.33
N HIS C 160 -0.97 -14.80 17.13
CA HIS C 160 -1.66 -16.07 17.24
C HIS C 160 -0.75 -17.08 17.94
N VAL C 161 -1.37 -18.01 18.67
CA VAL C 161 -0.68 -18.95 19.53
C VAL C 161 -1.17 -20.37 19.26
N ARG C 162 -0.30 -21.35 19.47
CA ARG C 162 -0.68 -22.75 19.44
C ARG C 162 -0.55 -23.33 20.85
N PHE C 163 -1.66 -23.84 21.37
CA PHE C 163 -1.72 -24.32 22.74
C PHE C 163 -1.03 -25.66 22.88
N SER C 164 -0.45 -25.91 24.05
CA SER C 164 0.21 -27.18 24.33
C SER C 164 0.28 -27.37 25.84
N ASN C 165 0.22 -28.63 26.28
CA ASN C 165 0.30 -28.96 27.69
C ASN C 165 1.73 -29.06 28.21
N LYS C 166 2.71 -29.21 27.34
CA LYS C 166 4.11 -29.38 27.72
C LYS C 166 4.95 -28.37 26.94
N PRO C 167 4.93 -27.10 27.34
CA PRO C 167 5.69 -26.09 26.61
C PRO C 167 7.18 -26.41 26.59
N VAL C 168 7.81 -26.13 25.46
CA VAL C 168 9.25 -26.36 25.32
C VAL C 168 9.91 -25.12 24.72
N ALA C 173 5.29 -21.93 18.77
CA ALA C 173 4.00 -21.85 19.45
C ALA C 173 3.39 -20.47 19.33
N ILE C 174 4.12 -19.56 18.68
CA ILE C 174 3.68 -18.19 18.48
C ILE C 174 3.98 -17.80 17.03
N PHE C 175 3.01 -17.17 16.38
CA PHE C 175 3.22 -16.66 15.03
C PHE C 175 2.40 -15.39 14.84
N ASN C 176 2.76 -14.63 13.81
CA ASN C 176 2.12 -13.37 13.50
C ASN C 176 1.71 -13.37 12.04
N VAL C 177 0.52 -12.83 11.76
CA VAL C 177 -0.07 -12.89 10.43
C VAL C 177 -0.51 -11.48 10.03
N GLU C 178 -0.18 -11.08 8.80
CA GLU C 178 -0.55 -9.76 8.32
C GLU C 178 -1.94 -9.78 7.68
N VAL C 179 -2.78 -8.83 8.09
CA VAL C 179 -4.17 -8.76 7.68
C VAL C 179 -4.45 -7.38 7.13
N SER C 180 -5.20 -7.31 6.03
CA SER C 180 -5.43 -6.08 5.29
C SER C 180 -6.93 -5.82 5.15
N SER C 181 -7.26 -4.57 4.84
CA SER C 181 -8.62 -4.15 4.55
C SER C 181 -8.58 -3.03 3.53
N ALA C 182 -9.30 -3.18 2.43
CA ALA C 182 -9.13 -2.25 1.31
C ALA C 182 -10.38 -2.22 0.45
N LEU C 183 -10.37 -1.28 -0.51
CA LEU C 183 -11.38 -1.17 -1.55
C LEU C 183 -10.66 -1.39 -2.88
N TYR C 184 -10.70 -2.61 -3.37
CA TYR C 184 -9.88 -3.02 -4.50
C TYR C 184 -10.57 -2.73 -5.82
N THR C 185 -9.77 -2.56 -6.87
CA THR C 185 -10.28 -2.34 -8.22
C THR C 185 -9.42 -3.11 -9.21
N PHE C 186 -10.05 -3.63 -10.26
CA PHE C 186 -9.26 -4.29 -11.30
C PHE C 186 -10.06 -4.38 -12.58
N SER C 187 -9.33 -4.59 -13.69
CA SER C 187 -9.92 -4.64 -15.02
C SER C 187 -9.38 -5.85 -15.78
N PHE C 188 -10.19 -6.34 -16.72
CA PHE C 188 -9.89 -7.57 -17.43
C PHE C 188 -10.31 -7.45 -18.89
N GLU C 189 -9.80 -8.37 -19.71
CA GLU C 189 -10.08 -8.40 -21.14
C GLU C 189 -10.03 -9.84 -21.65
N LEU C 190 -11.00 -10.18 -22.50
CA LEU C 190 -11.15 -11.53 -23.06
C LEU C 190 -11.60 -11.42 -24.50
N ASP C 191 -10.77 -11.86 -25.44
CA ASP C 191 -11.10 -11.84 -26.86
C ASP C 191 -11.58 -13.22 -27.33
N GLU C 192 -12.89 -13.37 -27.46
CA GLU C 192 -13.47 -14.65 -27.81
C GLU C 192 -13.50 -14.92 -29.30
N ASP C 193 -13.08 -13.95 -30.13
CA ASP C 193 -13.08 -14.16 -31.56
C ASP C 193 -11.87 -14.95 -32.05
N LEU C 194 -10.91 -15.24 -31.17
CA LEU C 194 -9.74 -16.01 -31.54
C LEU C 194 -9.66 -17.36 -30.85
N ILE C 195 -10.64 -17.71 -30.04
CA ILE C 195 -10.64 -19.01 -29.36
C ILE C 195 -10.84 -20.11 -30.38
N ALA C 196 -10.11 -21.21 -30.21
CA ALA C 196 -10.16 -22.34 -31.14
C ALA C 196 -9.74 -21.93 -32.55
N VAL C 197 -8.75 -21.04 -32.63
CA VAL C 197 -8.17 -20.61 -33.89
C VAL C 197 -6.65 -20.75 -33.79
N PRO C 198 -6.01 -21.52 -34.66
CA PRO C 198 -4.54 -21.64 -34.60
C PRO C 198 -3.87 -20.30 -34.86
N SER C 199 -2.68 -20.13 -34.26
CA SER C 199 -1.95 -18.89 -34.35
C SER C 199 -0.71 -18.95 -35.23
N THR C 200 -0.01 -20.07 -35.27
CA THR C 200 1.21 -20.16 -36.05
C THR C 200 0.88 -20.21 -37.54
N PHE C 201 1.61 -19.44 -38.32
CA PHE C 201 1.34 -19.34 -39.75
C PHE C 201 1.88 -20.56 -40.49
N GLY C 202 1.15 -20.99 -41.51
CA GLY C 202 1.56 -22.16 -42.27
C GLY C 202 0.43 -22.62 -43.19
N GLU C 203 0.47 -23.90 -43.52
CA GLU C 203 -0.53 -24.52 -44.37
C GLU C 203 -1.58 -25.24 -43.54
N LYS C 204 -2.66 -25.65 -44.20
CA LYS C 204 -3.72 -26.37 -43.53
C LYS C 204 -3.24 -27.75 -43.11
N VAL C 205 -3.70 -28.21 -41.95
CA VAL C 205 -3.33 -29.49 -41.39
C VAL C 205 -4.59 -30.23 -40.97
N LYS C 206 -4.64 -31.53 -41.26
CA LYS C 206 -5.79 -32.33 -40.86
C LYS C 206 -5.98 -32.28 -39.35
N GLY C 207 -7.24 -32.18 -38.94
CA GLY C 207 -7.60 -32.02 -37.54
C GLY C 207 -8.22 -30.68 -37.21
N GLU C 208 -8.21 -29.71 -38.13
CA GLU C 208 -8.83 -28.42 -37.87
C GLU C 208 -10.35 -28.48 -37.92
N GLU C 209 -10.91 -29.49 -38.61
CA GLU C 209 -12.36 -29.63 -38.66
C GLU C 209 -12.94 -29.89 -37.27
N GLU C 210 -12.25 -30.72 -36.48
CA GLU C 210 -12.70 -30.96 -35.11
C GLU C 210 -12.68 -29.68 -34.29
N LEU C 211 -11.64 -28.86 -34.47
CA LEU C 211 -11.59 -27.58 -33.77
C LEU C 211 -12.75 -26.69 -34.18
N GLU C 212 -13.05 -26.66 -35.49
CA GLU C 212 -14.17 -25.84 -35.95
C GLU C 212 -15.49 -26.33 -35.36
N ARG C 213 -15.64 -27.65 -35.22
CA ARG C 213 -16.84 -28.18 -34.58
C ARG C 213 -16.93 -27.78 -33.11
N GLN C 214 -15.82 -27.83 -32.40
CA GLN C 214 -15.82 -27.59 -30.96
C GLN C 214 -15.72 -26.11 -30.58
N LYS C 215 -15.56 -25.23 -31.58
CA LYS C 215 -15.38 -23.80 -31.30
C LYS C 215 -16.49 -23.22 -30.43
N ALA C 216 -17.74 -23.53 -30.76
CA ALA C 216 -18.85 -22.94 -30.03
C ALA C 216 -18.84 -23.35 -28.55
N LYS C 217 -18.64 -24.64 -28.29
CA LYS C 217 -18.59 -25.11 -26.91
C LYS C 217 -17.41 -24.52 -26.16
N ARG C 218 -16.24 -24.41 -26.82
CA ARG C 218 -15.09 -23.83 -26.15
C ARG C 218 -15.34 -22.37 -25.78
N VAL C 219 -15.94 -21.61 -26.69
CA VAL C 219 -16.26 -20.21 -26.38
C VAL C 219 -17.26 -20.12 -25.24
N LYS C 220 -18.29 -20.97 -25.27
CA LYS C 220 -19.29 -20.95 -24.19
C LYS C 220 -18.65 -21.25 -22.85
N SER C 221 -17.78 -22.26 -22.80
CA SER C 221 -17.12 -22.61 -21.55
C SER C 221 -16.20 -21.49 -21.07
N ALA C 222 -15.46 -20.86 -21.98
CA ALA C 222 -14.58 -19.76 -21.59
C ALA C 222 -15.38 -18.60 -21.02
N ILE C 223 -16.52 -18.27 -21.64
CA ILE C 223 -17.34 -17.20 -21.11
C ILE C 223 -17.92 -17.58 -19.75
N LYS C 224 -18.30 -18.85 -19.58
CA LYS C 224 -18.82 -19.30 -18.30
C LYS C 224 -17.77 -19.20 -17.20
N ALA C 225 -16.51 -19.44 -17.53
CA ALA C 225 -15.47 -19.51 -16.49
C ALA C 225 -15.27 -18.18 -15.76
N LEU C 226 -15.73 -17.06 -16.32
CA LEU C 226 -15.55 -15.77 -15.67
C LEU C 226 -16.39 -15.61 -14.42
N TYR C 227 -17.38 -16.47 -14.19
CA TYR C 227 -18.26 -16.33 -13.04
C TYR C 227 -17.49 -16.50 -11.74
N SER C 228 -16.48 -17.38 -11.73
CA SER C 228 -15.68 -17.57 -10.53
C SER C 228 -14.93 -16.29 -10.16
N LEU C 229 -14.29 -15.66 -11.14
CA LEU C 229 -13.56 -14.42 -10.86
C LEU C 229 -14.52 -13.30 -10.44
N LEU C 230 -15.66 -13.18 -11.13
CA LEU C 230 -16.60 -12.14 -10.78
C LEU C 230 -17.36 -12.42 -9.48
N SER C 231 -17.28 -13.64 -8.96
CA SER C 231 -17.95 -13.97 -7.71
C SER C 231 -17.06 -13.78 -6.49
N GLY C 232 -15.78 -14.16 -6.58
CA GLY C 232 -14.88 -13.97 -5.46
C GLY C 232 -14.20 -15.23 -4.98
N ASN C 233 -14.07 -16.24 -5.85
CA ASN C 233 -13.39 -17.48 -5.50
C ASN C 233 -11.94 -17.41 -6.00
N PHE C 234 -11.11 -16.71 -5.24
CA PHE C 234 -9.68 -16.66 -5.54
C PHE C 234 -8.92 -16.36 -4.27
N GLY C 235 -7.61 -16.59 -4.33
CA GLY C 235 -6.73 -16.33 -3.21
C GLY C 235 -6.61 -17.51 -2.27
N GLY C 236 -5.58 -17.44 -1.41
CA GLY C 236 -5.28 -18.48 -0.46
C GLY C 236 -5.66 -18.10 0.96
N LYS C 237 -5.33 -19.02 1.87
CA LYS C 237 -5.61 -18.87 3.31
C LYS C 237 -7.10 -18.62 3.55
N ARG C 238 -7.94 -19.38 2.86
CA ARG C 238 -9.39 -19.25 3.00
C ARG C 238 -9.97 -20.17 4.06
N SER C 239 -9.18 -21.07 4.64
CA SER C 239 -9.74 -22.00 5.61
C SER C 239 -9.97 -21.33 6.97
N ARG C 240 -9.09 -20.41 7.35
CA ARG C 240 -9.23 -19.72 8.62
C ARG C 240 -9.31 -18.20 8.50
N PHE C 241 -9.09 -17.65 7.31
CA PHE C 241 -9.19 -16.21 7.05
C PHE C 241 -10.12 -15.96 5.87
N LEU C 242 -11.30 -16.57 5.92
CA LEU C 242 -12.28 -16.38 4.86
C LEU C 242 -12.68 -14.91 4.79
N PRO C 243 -12.55 -14.26 3.64
CA PRO C 243 -12.77 -12.81 3.57
C PRO C 243 -14.24 -12.46 3.41
N SER C 244 -14.53 -11.19 3.66
CA SER C 244 -15.86 -10.62 3.48
C SER C 244 -15.84 -9.72 2.26
N MET C 245 -16.44 -10.18 1.17
CA MET C 245 -16.41 -9.46 -0.10
C MET C 245 -17.80 -8.94 -0.43
N LYS C 246 -17.84 -7.86 -1.22
CA LYS C 246 -19.08 -7.27 -1.66
C LYS C 246 -18.82 -6.46 -2.92
N LEU C 247 -19.63 -6.68 -3.95
CA LEU C 247 -19.49 -5.93 -5.20
C LEU C 247 -20.13 -4.55 -5.07
N MET C 248 -19.53 -3.56 -5.73
CA MET C 248 -20.03 -2.19 -5.69
C MET C 248 -20.32 -1.60 -7.05
N SER C 249 -19.47 -1.87 -8.04
CA SER C 249 -19.66 -1.28 -9.36
C SER C 249 -18.98 -2.14 -10.40
N LEU C 250 -19.62 -2.27 -11.57
CA LEU C 250 -19.10 -3.11 -12.63
C LEU C 250 -19.54 -2.57 -13.98
N VAL C 251 -18.60 -2.46 -14.91
CA VAL C 251 -18.89 -2.10 -16.29
C VAL C 251 -18.28 -3.14 -17.21
N VAL C 252 -19.09 -3.68 -18.13
CA VAL C 252 -18.63 -4.68 -19.07
C VAL C 252 -19.04 -4.25 -20.47
N THR C 253 -18.09 -4.27 -21.40
CA THR C 253 -18.30 -3.76 -22.74
C THR C 253 -17.94 -4.82 -23.77
N LYS C 254 -18.81 -5.00 -24.75
CA LYS C 254 -18.63 -5.95 -25.85
C LYS C 254 -18.52 -5.17 -27.16
N THR C 255 -17.40 -5.34 -27.86
CA THR C 255 -17.13 -4.59 -29.08
C THR C 255 -16.54 -5.50 -30.14
N ASP C 256 -16.45 -4.96 -31.36
CA ASP C 256 -15.77 -5.61 -32.48
C ASP C 256 -14.43 -4.97 -32.80
N PHE C 257 -14.01 -3.99 -32.02
CA PHE C 257 -12.79 -3.22 -32.24
C PHE C 257 -12.07 -3.07 -30.90
N PRO C 258 -10.76 -2.81 -30.92
CA PRO C 258 -10.03 -2.64 -29.66
C PRO C 258 -10.58 -1.48 -28.84
N PHE C 259 -10.67 -1.69 -27.53
CA PHE C 259 -11.23 -0.70 -26.62
C PHE C 259 -10.83 -1.05 -25.20
N MET C 260 -10.59 -0.02 -24.40
CA MET C 260 -10.20 -0.20 -23.01
C MET C 260 -10.97 0.77 -22.12
N PRO C 261 -11.81 0.28 -21.22
CA PRO C 261 -12.58 1.18 -20.36
C PRO C 261 -11.69 1.87 -19.34
N GLU C 262 -12.26 2.89 -18.71
CA GLU C 262 -11.50 3.67 -17.74
C GLU C 262 -11.23 2.86 -16.48
N PRO C 263 -10.10 3.07 -15.82
CA PRO C 263 -9.86 2.41 -14.53
C PRO C 263 -10.85 2.89 -13.49
N ALA C 264 -11.11 2.03 -12.50
CA ALA C 264 -12.10 2.36 -11.49
C ALA C 264 -11.49 3.14 -10.33
N HIS C 265 -10.78 4.22 -10.64
CA HIS C 265 -10.19 5.07 -9.61
C HIS C 265 -11.02 6.29 -9.29
N ASP C 266 -11.62 6.92 -10.29
CA ASP C 266 -12.44 8.11 -10.10
C ASP C 266 -13.90 7.72 -9.96
N ASP C 267 -14.64 8.51 -9.17
CA ASP C 267 -16.04 8.21 -8.93
C ASP C 267 -16.87 8.29 -10.21
N ASP C 268 -16.38 9.03 -11.20
CA ASP C 268 -17.06 9.16 -12.49
C ASP C 268 -16.23 8.43 -13.54
N TYR C 269 -16.46 7.13 -13.67
CA TYR C 269 -15.79 6.34 -14.69
C TYR C 269 -16.76 5.49 -15.50
N ILE C 270 -18.07 5.63 -15.27
CA ILE C 270 -19.08 4.96 -16.07
C ILE C 270 -19.59 5.86 -17.18
N LYS C 271 -19.80 7.14 -16.89
CA LYS C 271 -20.20 8.09 -17.92
C LYS C 271 -19.11 8.27 -18.97
N THR C 272 -17.87 8.46 -18.50
CA THR C 272 -16.76 8.73 -19.40
C THR C 272 -16.53 7.58 -20.37
N THR C 273 -16.59 6.34 -19.86
CA THR C 273 -16.31 5.20 -20.73
C THR C 273 -17.42 5.00 -21.75
N ILE C 274 -18.67 5.34 -21.40
CA ILE C 274 -19.75 5.21 -22.36
C ILE C 274 -19.62 6.26 -23.47
N MET C 275 -19.33 7.50 -23.10
CA MET C 275 -19.11 8.52 -24.13
C MET C 275 -17.94 8.14 -25.03
N ARG C 276 -16.85 7.66 -24.43
CA ARG C 276 -15.70 7.24 -25.21
C ARG C 276 -16.04 6.07 -26.12
N LEU C 277 -16.88 5.14 -25.64
CA LEU C 277 -17.27 4.01 -26.47
C LEU C 277 -18.05 4.47 -27.69
N GLY C 278 -19.01 5.39 -27.49
CA GLY C 278 -19.75 5.90 -28.63
C GLY C 278 -18.84 6.57 -29.65
N LYS C 279 -17.97 7.46 -29.18
CA LYS C 279 -17.10 8.17 -30.12
C LYS C 279 -16.09 7.23 -30.79
N ALA C 280 -15.61 6.22 -30.06
CA ALA C 280 -14.66 5.28 -30.64
C ALA C 280 -15.31 4.42 -31.72
N LYS C 281 -16.55 3.98 -31.48
CA LYS C 281 -17.26 3.25 -32.52
C LYS C 281 -17.47 4.15 -33.74
N GLY C 282 -17.78 5.42 -33.51
CA GLY C 282 -17.89 6.35 -34.62
C GLY C 282 -16.61 6.49 -35.42
N VAL C 283 -15.47 6.55 -34.74
CA VAL C 283 -14.22 6.90 -35.41
C VAL C 283 -13.51 5.69 -36.01
N LEU C 284 -13.67 4.50 -35.44
CA LEU C 284 -12.94 3.32 -35.93
C LEU C 284 -13.74 2.49 -36.92
N ASN C 285 -14.94 2.92 -37.30
CA ASN C 285 -15.79 2.20 -38.25
C ASN C 285 -16.09 0.79 -37.77
N GLY C 286 -16.60 0.70 -36.54
CA GLY C 286 -17.05 -0.55 -35.99
C GLY C 286 -18.48 -0.86 -36.41
N ASN C 287 -18.95 -2.02 -35.96
CA ASN C 287 -20.32 -2.43 -36.27
C ASN C 287 -21.07 -3.00 -35.08
N LEU C 288 -20.47 -3.00 -33.88
CA LEU C 288 -21.13 -3.56 -32.71
C LEU C 288 -20.49 -2.96 -31.47
N ALA C 289 -21.32 -2.47 -30.55
CA ALA C 289 -20.83 -1.89 -29.30
C ALA C 289 -21.95 -1.93 -28.29
N LYS C 290 -21.80 -2.75 -27.24
CA LYS C 290 -22.79 -2.85 -26.19
C LYS C 290 -22.13 -2.69 -24.83
N ALA C 291 -22.87 -2.13 -23.88
CA ALA C 291 -22.37 -1.90 -22.54
C ALA C 291 -23.39 -2.34 -21.52
N TYR C 292 -22.90 -2.95 -20.44
CA TYR C 292 -23.73 -3.38 -19.31
C TYR C 292 -23.13 -2.83 -18.03
N VAL C 293 -24.00 -2.37 -17.14
CA VAL C 293 -23.60 -1.68 -15.92
C VAL C 293 -24.31 -2.31 -14.73
N ILE C 294 -23.56 -2.60 -13.67
CA ILE C 294 -24.12 -2.97 -12.38
C ILE C 294 -23.69 -1.91 -11.38
N ASN C 295 -24.67 -1.27 -10.74
CA ASN C 295 -24.43 -0.16 -9.82
C ASN C 295 -25.09 -0.47 -8.48
N ASN C 296 -24.31 -0.41 -7.41
CA ASN C 296 -24.84 -0.67 -6.07
C ASN C 296 -24.42 0.41 -5.08
N GLU C 297 -23.80 1.50 -5.55
CA GLU C 297 -23.41 2.60 -4.68
C GLU C 297 -24.05 3.93 -5.07
N GLY C 298 -24.92 3.94 -6.07
CA GLY C 298 -25.64 5.14 -6.44
C GLY C 298 -24.77 6.28 -6.97
N ILE C 299 -23.85 5.97 -7.88
CA ILE C 299 -23.04 6.97 -8.52
C ILE C 299 -23.61 7.25 -9.92
N GLU C 300 -23.15 8.32 -10.54
CA GLU C 300 -23.71 8.75 -11.81
C GLU C 300 -23.43 7.71 -12.90
N VAL C 301 -24.44 7.46 -13.73
CA VAL C 301 -24.35 6.44 -14.77
C VAL C 301 -24.50 7.09 -16.14
N GLY C 302 -25.63 7.75 -16.37
CA GLY C 302 -25.92 8.34 -17.65
C GLY C 302 -27.32 8.04 -18.13
N GLU C 303 -27.50 7.89 -19.45
CA GLU C 303 -28.80 7.62 -20.03
C GLU C 303 -28.66 6.56 -21.12
N GLY C 304 -29.75 5.82 -21.34
CA GLY C 304 -29.77 4.79 -22.36
C GLY C 304 -28.79 3.66 -22.12
N VAL C 305 -28.73 3.16 -20.89
CA VAL C 305 -27.79 2.12 -20.51
C VAL C 305 -28.55 0.98 -19.85
N THR C 306 -28.25 -0.25 -20.26
CA THR C 306 -28.85 -1.41 -19.62
C THR C 306 -28.31 -1.54 -18.19
N VAL C 307 -29.23 -1.74 -17.24
CA VAL C 307 -28.87 -1.88 -15.84
C VAL C 307 -29.28 -3.27 -15.38
N LEU C 308 -28.33 -4.04 -14.88
CA LEU C 308 -28.58 -5.39 -14.41
C LEU C 308 -28.75 -5.39 -12.90
N SER C 309 -28.90 -6.58 -12.33
CA SER C 309 -29.05 -6.74 -10.89
C SER C 309 -27.94 -7.56 -10.26
N THR C 310 -27.62 -8.71 -10.85
CA THR C 310 -26.57 -9.59 -10.32
C THR C 310 -25.55 -9.90 -11.41
N VAL C 311 -24.65 -10.84 -11.12
CA VAL C 311 -23.64 -11.23 -12.09
C VAL C 311 -24.11 -12.39 -12.96
N GLU C 312 -25.02 -13.22 -12.45
CA GLU C 312 -25.54 -14.33 -13.23
C GLU C 312 -26.30 -13.84 -14.45
N ASP C 313 -27.07 -12.75 -14.30
CA ASP C 313 -27.74 -12.15 -15.44
C ASP C 313 -26.73 -11.69 -16.48
N LEU C 314 -25.63 -11.08 -16.04
CA LEU C 314 -24.61 -10.64 -16.96
C LEU C 314 -23.99 -11.81 -17.70
N VAL C 315 -23.72 -12.91 -17.00
CA VAL C 315 -23.13 -14.08 -17.64
C VAL C 315 -24.09 -14.66 -18.67
N VAL C 316 -25.37 -14.75 -18.33
CA VAL C 316 -26.36 -15.27 -19.27
C VAL C 316 -26.44 -14.38 -20.50
N LYS C 317 -26.47 -13.06 -20.30
CA LYS C 317 -26.56 -12.15 -21.44
C LYS C 317 -25.33 -12.25 -22.33
N LEU C 318 -24.15 -12.38 -21.73
CA LEU C 318 -22.93 -12.54 -22.53
C LEU C 318 -22.97 -13.84 -23.32
N GLU C 319 -23.47 -14.92 -22.71
CA GLU C 319 -23.56 -16.18 -23.43
C GLU C 319 -24.53 -16.10 -24.59
N GLU C 320 -25.71 -15.50 -24.37
CA GLU C 320 -26.75 -15.52 -25.39
C GLU C 320 -26.32 -14.77 -26.65
N GLU C 321 -25.69 -13.62 -26.48
CA GLU C 321 -25.26 -12.83 -27.64
C GLU C 321 -23.97 -13.39 -28.22
N MET D 1 -24.59 -31.44 34.07
CA MET D 1 -24.45 -30.00 34.20
C MET D 1 -25.71 -29.36 34.78
N ILE D 2 -25.54 -28.21 35.42
CA ILE D 2 -26.65 -27.43 35.95
C ILE D 2 -26.51 -26.02 35.41
N SER D 3 -27.49 -25.58 34.62
CA SER D 3 -27.45 -24.27 33.99
C SER D 3 -28.71 -23.50 34.35
N GLY D 4 -28.57 -22.22 34.64
CA GLY D 4 -29.70 -21.46 35.13
C GLY D 4 -29.72 -20.04 34.60
N SER D 5 -30.93 -19.51 34.47
CA SER D 5 -31.16 -18.10 34.17
C SER D 5 -32.07 -17.54 35.25
N VAL D 6 -31.74 -16.34 35.73
CA VAL D 6 -32.39 -15.74 36.90
C VAL D 6 -32.67 -14.27 36.62
N ARG D 7 -33.81 -13.79 37.10
CA ARG D 7 -34.20 -12.39 36.98
C ARG D 7 -34.49 -11.82 38.36
N PHE D 8 -33.95 -10.65 38.65
CA PHE D 8 -34.09 -9.97 39.94
C PHE D 8 -34.55 -8.54 39.71
N LEU D 9 -35.14 -7.93 40.74
CA LEU D 9 -35.53 -6.53 40.71
C LEU D 9 -34.91 -5.82 41.91
N VAL D 10 -34.06 -4.82 41.64
CA VAL D 10 -33.31 -4.14 42.70
C VAL D 10 -33.59 -2.65 42.64
N ASN D 11 -33.79 -2.05 43.80
CA ASN D 11 -34.08 -0.62 43.90
C ASN D 11 -33.14 0.03 44.89
N LEU D 12 -32.62 1.20 44.52
CA LEU D 12 -31.77 2.03 45.37
C LEU D 12 -30.54 1.23 45.83
N GLU D 13 -29.71 0.91 44.85
CA GLU D 13 -28.63 -0.06 45.00
C GLU D 13 -27.28 0.59 44.74
N SER D 14 -26.27 0.13 45.47
CA SER D 14 -24.87 0.42 45.13
C SER D 14 -24.04 -0.75 45.70
N LEU D 15 -23.80 -1.76 44.86
CA LEU D 15 -23.11 -2.96 45.29
C LEU D 15 -21.70 -3.11 44.72
N ASN D 16 -21.41 -2.48 43.59
CA ASN D 16 -20.09 -2.56 42.99
C ASN D 16 -19.56 -1.15 42.74
N GLY D 17 -18.28 -0.94 43.07
CA GLY D 17 -17.68 0.37 42.97
C GLY D 17 -16.44 0.34 42.10
N VAL D 18 -16.06 1.53 41.65
CA VAL D 18 -14.92 1.73 40.77
C VAL D 18 -14.15 2.95 41.29
N GLU D 19 -13.11 3.35 40.56
CA GLU D 19 -12.33 4.52 40.94
C GLU D 19 -13.21 5.75 41.09
N SER D 20 -12.93 6.54 42.11
CA SER D 20 -13.72 7.72 42.44
C SER D 20 -13.01 8.99 42.00
N ILE D 21 -13.79 10.00 41.66
CA ILE D 21 -13.27 11.31 41.24
C ILE D 21 -13.78 12.35 42.23
N GLY D 22 -12.86 13.11 42.80
CA GLY D 22 -13.23 14.12 43.78
C GLY D 22 -13.89 13.48 44.99
N ASN D 23 -15.04 14.02 45.39
CA ASN D 23 -15.82 13.49 46.51
C ASN D 23 -17.02 12.69 46.04
N LEU D 24 -16.94 12.10 44.85
CA LEU D 24 -18.02 11.32 44.27
C LEU D 24 -17.57 9.88 44.07
N THR D 25 -18.33 8.95 44.64
CA THR D 25 -18.09 7.52 44.45
C THR D 25 -18.97 7.03 43.32
N LYS D 26 -18.36 6.42 42.31
CA LYS D 26 -19.05 6.07 41.08
C LYS D 26 -19.50 4.61 41.10
N HIS D 27 -20.56 4.35 40.35
CA HIS D 27 -21.05 2.99 40.11
C HIS D 27 -20.54 2.52 38.76
N ARG D 28 -20.21 1.23 38.67
CA ARG D 28 -19.67 0.69 37.44
C ARG D 28 -20.68 0.83 36.30
N THR D 29 -20.20 1.29 35.15
CA THR D 29 -21.03 1.50 33.98
C THR D 29 -20.37 0.86 32.76
N ALA D 30 -21.21 0.39 31.84
CA ALA D 30 -20.74 -0.34 30.68
C ALA D 30 -21.57 -0.01 29.46
N PRO D 31 -21.03 -0.19 28.26
CA PRO D 31 -21.82 0.03 27.04
C PRO D 31 -22.55 -1.24 26.61
N VAL D 32 -23.76 -1.05 26.11
CA VAL D 32 -24.60 -2.13 25.61
C VAL D 32 -25.22 -1.73 24.28
N VAL D 33 -25.33 -2.70 23.37
CA VAL D 33 -25.94 -2.51 22.06
C VAL D 33 -27.36 -3.05 22.14
N LEU D 34 -28.33 -2.21 21.78
CA LEU D 34 -29.74 -2.53 21.95
C LEU D 34 -30.46 -2.38 20.62
N LYS D 35 -31.50 -3.19 20.41
CA LYS D 35 -32.29 -3.15 19.19
C LYS D 35 -33.65 -2.50 19.47
N THR D 36 -33.96 -1.46 18.71
CA THR D 36 -35.26 -0.81 18.74
C THR D 36 -35.87 -0.84 17.34
N SER D 37 -37.12 -0.37 17.26
CA SER D 37 -37.81 -0.33 15.98
C SER D 37 -37.10 0.51 14.94
N THR D 38 -36.26 1.45 15.37
CA THR D 38 -35.51 2.30 14.45
C THR D 38 -34.14 1.74 14.11
N GLY D 39 -33.75 0.60 14.67
CA GLY D 39 -32.46 0.03 14.35
C GLY D 39 -31.67 -0.42 15.57
N TYR D 40 -30.40 -0.05 15.63
CA TYR D 40 -29.51 -0.47 16.71
C TYR D 40 -28.83 0.74 17.32
N LEU D 41 -28.77 0.76 18.65
CA LEU D 41 -28.25 1.91 19.40
C LEU D 41 -27.23 1.45 20.43
N VAL D 42 -26.42 2.38 20.88
CA VAL D 42 -25.41 2.16 21.91
C VAL D 42 -25.77 2.99 23.13
N ARG D 43 -25.77 2.36 24.30
CA ARG D 43 -26.16 3.03 25.53
C ARG D 43 -25.18 2.69 26.64
N TYR D 44 -25.14 3.54 27.67
CA TYR D 44 -24.31 3.34 28.84
C TYR D 44 -25.21 3.06 30.03
N VAL D 45 -25.00 1.92 30.69
CA VAL D 45 -25.89 1.44 31.74
C VAL D 45 -25.07 0.96 32.93
N PRO D 46 -25.53 1.14 34.16
CA PRO D 46 -24.82 0.55 35.31
C PRO D 46 -24.85 -0.97 35.25
N VAL D 47 -23.76 -1.59 35.73
CA VAL D 47 -23.61 -3.04 35.76
C VAL D 47 -22.95 -3.43 37.08
N ILE D 48 -22.93 -4.74 37.34
CA ILE D 48 -22.22 -5.33 38.47
C ILE D 48 -21.41 -6.50 37.96
N SER D 49 -20.12 -6.50 38.26
CA SER D 49 -19.23 -7.53 37.71
C SER D 49 -19.50 -8.88 38.35
N GLY D 50 -18.99 -9.92 37.70
CA GLY D 50 -19.17 -11.28 38.19
C GLY D 50 -18.19 -11.72 39.25
N GLU D 51 -17.09 -11.00 39.43
CA GLU D 51 -16.10 -11.41 40.42
C GLU D 51 -16.60 -11.21 41.84
N ALA D 52 -17.44 -10.19 42.08
CA ALA D 52 -18.09 -10.08 43.38
C ALA D 52 -18.97 -11.28 43.67
N LEU D 53 -19.72 -11.74 42.66
CA LEU D 53 -20.53 -12.93 42.82
C LEU D 53 -19.66 -14.15 43.10
N ALA D 54 -18.52 -14.26 42.40
CA ALA D 54 -17.61 -15.36 42.66
C ALA D 54 -17.11 -15.34 44.09
N HIS D 55 -16.75 -14.16 44.60
CA HIS D 55 -16.29 -14.05 45.97
C HIS D 55 -17.38 -14.47 46.95
N ALA D 56 -18.62 -14.02 46.72
CA ALA D 56 -19.71 -14.41 47.62
C ALA D 56 -19.92 -15.92 47.62
N TYR D 57 -19.94 -16.52 46.43
CA TYR D 57 -20.14 -17.95 46.33
C TYR D 57 -19.02 -18.71 47.03
N GLN D 58 -17.77 -18.29 46.82
CA GLN D 58 -16.65 -19.00 47.43
C GLN D 58 -16.64 -18.83 48.95
N ALA D 59 -17.03 -17.66 49.45
CA ALA D 59 -17.12 -17.47 50.89
C ALA D 59 -18.17 -18.39 51.50
N SER D 60 -19.34 -18.47 50.86
CA SER D 60 -20.37 -19.38 51.36
C SER D 60 -19.90 -20.82 51.31
N LEU D 61 -19.17 -21.19 50.25
CA LEU D 61 -18.65 -22.55 50.15
C LEU D 61 -17.66 -22.84 51.27
N VAL D 62 -16.80 -21.86 51.61
CA VAL D 62 -15.88 -22.04 52.73
C VAL D 62 -16.65 -22.26 54.02
N ASP D 63 -17.68 -21.45 54.26
CA ASP D 63 -18.47 -21.61 55.47
C ASP D 63 -19.06 -23.01 55.57
N ILE D 64 -19.70 -23.46 54.49
CA ILE D 64 -20.35 -24.78 54.51
C ILE D 64 -19.32 -25.89 54.68
N ALA D 65 -18.20 -25.79 53.98
CA ALA D 65 -17.17 -26.82 54.05
C ALA D 65 -16.61 -26.93 55.47
N LYS D 66 -16.32 -25.80 56.11
CA LYS D 66 -15.83 -25.85 57.47
C LYS D 66 -16.90 -26.38 58.42
N LYS D 67 -18.16 -26.07 58.15
CA LYS D 67 -19.24 -26.58 59.02
C LYS D 67 -19.35 -28.10 58.91
N GLU D 68 -19.14 -28.65 57.71
CA GLU D 68 -19.35 -30.07 57.48
C GLU D 68 -18.07 -30.91 57.64
N GLY D 69 -16.95 -30.29 57.99
CA GLY D 69 -15.74 -31.03 58.28
C GLY D 69 -14.81 -31.28 57.12
N LEU D 70 -15.13 -30.78 55.92
CA LEU D 70 -14.25 -30.94 54.79
C LEU D 70 -12.99 -30.09 54.97
N PRO D 71 -11.87 -30.53 54.40
CA PRO D 71 -10.61 -29.77 54.58
C PRO D 71 -10.71 -28.40 53.93
N VAL D 72 -10.10 -27.41 54.59
CA VAL D 72 -10.02 -26.05 54.09
C VAL D 72 -8.60 -25.54 54.26
N GLY D 73 -8.08 -24.86 53.25
CA GLY D 73 -6.72 -24.36 53.30
C GLY D 73 -6.54 -23.28 54.35
N SER D 74 -5.29 -23.08 54.75
CA SER D 74 -4.98 -22.12 55.80
C SER D 74 -5.26 -20.69 55.34
N LEU D 75 -4.73 -20.31 54.17
CA LEU D 75 -4.95 -18.95 53.68
C LEU D 75 -6.42 -18.72 53.37
N SER D 76 -7.09 -19.68 52.74
CA SER D 76 -8.49 -19.51 52.38
C SER D 76 -9.42 -19.64 53.58
N SER D 77 -8.91 -20.10 54.72
CA SER D 77 -9.72 -20.08 55.94
C SER D 77 -10.12 -18.65 56.30
N GLN D 78 -9.16 -17.73 56.24
CA GLN D 78 -9.48 -16.32 56.14
C GLN D 78 -9.91 -16.03 54.71
N TYR D 79 -10.88 -15.13 54.56
CA TYR D 79 -11.52 -14.92 53.27
C TYR D 79 -10.59 -14.13 52.35
N GLU D 80 -9.49 -14.79 51.96
CA GLU D 80 -8.51 -14.23 51.05
C GLU D 80 -8.17 -15.32 50.03
N PHE D 81 -8.77 -15.23 48.85
CA PHE D 81 -8.68 -16.29 47.86
C PHE D 81 -7.54 -16.03 46.87
N ILE D 82 -6.32 -15.95 47.43
CA ILE D 82 -5.14 -15.97 46.58
C ILE D 82 -4.85 -17.38 46.10
N LYS D 83 -5.38 -18.38 46.79
CA LYS D 83 -5.22 -19.80 46.42
C LYS D 83 -3.72 -20.12 46.46
N PHE D 84 -3.17 -20.77 45.45
CA PHE D 84 -1.77 -21.19 45.47
C PHE D 84 -1.01 -20.58 44.30
N SER D 85 -1.23 -19.30 44.04
CA SER D 85 -0.64 -18.65 42.88
C SER D 85 0.84 -18.35 43.10
N THR D 86 1.15 -17.63 44.17
CA THR D 86 2.50 -17.16 44.44
C THR D 86 3.26 -18.15 45.32
N ASP D 87 4.58 -17.93 45.41
CA ASP D 87 5.41 -18.82 46.21
C ASP D 87 5.22 -18.60 47.70
N GLU D 88 4.84 -17.38 48.10
CA GLU D 88 4.58 -17.11 49.52
C GLU D 88 3.43 -17.96 50.03
N ALA D 89 2.38 -18.10 49.23
CA ALA D 89 1.26 -18.96 49.62
C ALA D 89 1.70 -20.41 49.76
N LEU D 90 2.54 -20.89 48.84
CA LEU D 90 3.05 -22.26 48.95
C LEU D 90 3.87 -22.43 50.22
N LYS D 91 4.71 -21.45 50.56
CA LYS D 91 5.50 -21.54 51.78
C LYS D 91 4.60 -21.55 53.01
N ILE D 92 3.57 -20.71 53.03
CA ILE D 92 2.67 -20.64 54.18
C ILE D 92 1.92 -21.96 54.35
N GLU D 93 1.37 -22.48 53.26
CA GLU D 93 0.60 -23.73 53.35
C GLU D 93 1.51 -24.92 53.59
N GLY D 94 2.72 -24.91 53.00
CA GLY D 94 3.67 -25.97 53.22
C GLY D 94 3.62 -27.07 52.18
N ILE D 95 3.65 -26.70 50.90
CA ILE D 95 3.63 -27.65 49.80
C ILE D 95 4.82 -27.37 48.89
N LYS D 96 5.56 -28.42 48.55
CA LYS D 96 6.70 -28.27 47.66
C LYS D 96 6.24 -27.96 46.25
N GLU D 97 7.00 -27.12 45.55
CA GLU D 97 6.69 -26.80 44.16
C GLU D 97 6.93 -28.02 43.28
N PRO D 98 6.20 -28.14 42.18
CA PRO D 98 6.47 -29.23 41.23
C PRO D 98 7.86 -29.10 40.63
N LYS D 99 8.50 -30.25 40.40
CA LYS D 99 9.84 -30.29 39.85
C LYS D 99 9.82 -30.28 38.31
N ASP D 100 9.13 -31.24 37.72
CA ASP D 100 9.04 -31.33 36.26
C ASP D 100 7.59 -31.55 35.83
N TYR D 101 7.37 -31.75 34.53
CA TYR D 101 6.03 -32.01 34.04
C TYR D 101 5.47 -33.30 34.64
N ASN D 102 6.31 -34.32 34.79
CA ASN D 102 5.85 -35.60 35.31
C ASN D 102 5.39 -35.51 36.76
N ASP D 103 5.82 -34.47 37.49
CA ASP D 103 5.42 -34.29 38.89
C ASP D 103 4.19 -33.40 39.04
N ALA D 104 3.64 -32.89 37.94
CA ALA D 104 2.52 -31.96 38.02
C ALA D 104 1.30 -32.61 38.68
N ARG D 105 1.03 -33.88 38.33
CA ARG D 105 -0.13 -34.57 38.86
C ARG D 105 -0.05 -34.70 40.38
N ARG D 106 1.14 -35.01 40.90
CA ARG D 106 1.31 -35.11 42.34
C ARG D 106 1.01 -33.78 43.02
N PHE D 107 1.52 -32.69 42.47
CA PHE D 107 1.27 -31.38 43.07
C PHE D 107 -0.21 -31.04 43.02
N GLU D 108 -0.87 -31.34 41.90
CA GLU D 108 -2.30 -31.06 41.79
C GLU D 108 -3.10 -31.84 42.82
N VAL D 109 -2.75 -33.11 43.03
CA VAL D 109 -3.45 -33.92 44.01
C VAL D 109 -3.16 -33.41 45.43
N GLU D 110 -1.92 -33.03 45.70
CA GLU D 110 -1.57 -32.50 47.02
C GLU D 110 -2.35 -31.24 47.35
N VAL D 111 -2.42 -30.31 46.39
CA VAL D 111 -3.20 -29.09 46.58
C VAL D 111 -4.67 -29.42 46.70
N MET D 112 -5.13 -30.41 45.93
CA MET D 112 -6.54 -30.73 45.81
C MET D 112 -7.08 -31.47 47.02
N LEU D 113 -6.22 -32.05 47.85
CA LEU D 113 -6.64 -32.74 49.05
C LEU D 113 -6.64 -31.85 50.29
N LYS D 114 -6.24 -30.59 50.17
CA LYS D 114 -6.16 -29.71 51.32
C LYS D 114 -7.24 -28.63 51.33
N ASP D 115 -7.58 -28.07 50.17
CA ASP D 115 -8.56 -27.00 50.10
C ASP D 115 -9.59 -27.33 49.03
N VAL D 116 -10.86 -27.39 49.43
CA VAL D 116 -11.93 -27.65 48.47
C VAL D 116 -12.11 -26.48 47.52
N ILE D 117 -11.76 -25.26 47.97
CA ILE D 117 -11.92 -24.08 47.12
C ILE D 117 -11.06 -24.19 45.88
N ALA D 118 -9.81 -24.64 46.03
CA ALA D 118 -8.95 -24.83 44.88
C ALA D 118 -9.51 -25.90 43.95
N ASP D 119 -10.19 -26.91 44.52
CA ASP D 119 -10.76 -27.97 43.70
C ASP D 119 -11.93 -27.46 42.87
N VAL D 120 -12.86 -26.73 43.49
CA VAL D 120 -14.07 -26.32 42.78
C VAL D 120 -13.80 -25.11 41.90
N GLY D 121 -13.21 -24.05 42.47
CA GLY D 121 -12.97 -22.83 41.72
C GLY D 121 -11.73 -22.81 40.88
N GLY D 122 -10.95 -23.89 40.87
CA GLY D 122 -9.77 -23.94 40.03
C GLY D 122 -8.65 -23.06 40.52
N PHE D 123 -7.48 -23.18 39.90
CA PHE D 123 -6.32 -22.40 40.31
C PHE D 123 -5.27 -22.44 39.22
N MET D 124 -4.19 -21.71 39.45
CA MET D 124 -3.08 -21.64 38.50
C MET D 124 -1.78 -21.43 39.28
N TYR D 125 -0.75 -22.17 38.90
CA TYR D 125 0.59 -21.96 39.40
C TYR D 125 1.51 -21.68 38.24
N ALA D 126 2.27 -20.58 38.35
CA ALA D 126 3.17 -20.12 37.30
C ALA D 126 4.60 -20.42 37.71
N GLY D 127 5.40 -20.89 36.76
CA GLY D 127 6.78 -21.22 37.06
C GLY D 127 7.39 -22.07 35.97
N GLY D 128 8.39 -22.87 36.35
CA GLY D 128 9.03 -23.75 35.39
C GLY D 128 8.07 -24.79 34.84
N ALA D 129 7.17 -25.28 35.68
CA ALA D 129 6.17 -26.28 35.27
C ALA D 129 4.80 -25.75 35.67
N PRO D 130 4.21 -24.89 34.83
CA PRO D 130 2.91 -24.30 35.19
C PRO D 130 1.83 -25.35 35.32
N VAL D 131 0.88 -25.10 36.21
CA VAL D 131 -0.23 -26.00 36.48
C VAL D 131 -1.51 -25.20 36.40
N ARG D 132 -2.53 -25.77 35.76
CA ARG D 132 -3.79 -25.08 35.52
C ARG D 132 -4.95 -25.97 35.93
N ARG D 133 -6.03 -25.33 36.39
CA ARG D 133 -7.28 -26.04 36.65
C ARG D 133 -8.41 -25.03 36.52
N THR D 134 -9.15 -25.12 35.42
CA THR D 134 -10.23 -24.18 35.14
C THR D 134 -11.33 -24.32 36.18
N SER D 135 -11.97 -23.19 36.50
CA SER D 135 -13.03 -23.19 37.48
C SER D 135 -14.20 -24.05 37.02
N ARG D 136 -14.85 -24.72 37.96
CA ARG D 136 -16.01 -25.54 37.66
C ARG D 136 -17.32 -24.78 37.76
N ILE D 137 -17.29 -23.50 38.12
CA ILE D 137 -18.46 -22.65 38.17
C ILE D 137 -18.19 -21.41 37.34
N LYS D 138 -19.16 -21.03 36.50
CA LYS D 138 -18.98 -19.95 35.54
C LYS D 138 -20.08 -18.92 35.71
N LEU D 139 -19.70 -17.65 35.82
CA LEU D 139 -20.61 -16.55 36.07
C LEU D 139 -20.33 -15.44 35.08
N GLY D 140 -21.20 -14.43 35.07
CA GLY D 140 -21.05 -13.30 34.17
C GLY D 140 -21.50 -12.02 34.84
N TYR D 141 -21.40 -10.92 34.09
CA TYR D 141 -21.84 -9.63 34.59
C TYR D 141 -23.35 -9.64 34.80
N MET D 142 -23.82 -8.73 35.65
CA MET D 142 -25.24 -8.60 35.95
C MET D 142 -25.78 -7.37 35.23
N ILE D 143 -26.47 -7.60 34.12
CA ILE D 143 -26.98 -6.53 33.25
C ILE D 143 -28.49 -6.45 33.40
N PRO D 144 -29.09 -5.26 33.32
CA PRO D 144 -30.54 -5.18 33.23
C PRO D 144 -31.03 -5.71 31.89
N ALA D 145 -32.28 -6.16 31.88
CA ALA D 145 -32.85 -6.78 30.69
C ALA D 145 -33.00 -5.76 29.57
N LEU D 146 -32.57 -6.15 28.37
CA LEU D 146 -32.66 -5.29 27.18
C LEU D 146 -33.95 -5.58 26.41
N ARG D 147 -35.08 -5.31 27.07
CA ARG D 147 -36.39 -5.56 26.51
C ARG D 147 -37.01 -4.27 26.03
N GLY D 148 -37.68 -4.32 24.88
CA GLY D 148 -38.35 -3.15 24.37
C GLY D 148 -37.38 -2.08 23.88
N ASP D 149 -37.88 -0.84 23.84
CA ASP D 149 -37.09 0.30 23.40
C ASP D 149 -36.56 1.14 24.55
N GLU D 150 -37.06 0.95 25.78
CA GLU D 150 -36.63 1.71 26.94
C GLU D 150 -35.98 0.76 27.95
N ILE D 151 -34.78 1.10 28.37
CA ILE D 151 -34.03 0.30 29.34
C ILE D 151 -34.61 0.55 30.73
N PRO D 152 -35.02 -0.49 31.46
CA PRO D 152 -35.62 -0.30 32.79
C PRO D 152 -34.57 -0.13 33.88
N ALA D 153 -33.76 0.93 33.77
CA ALA D 153 -32.70 1.20 34.72
C ALA D 153 -32.51 2.70 34.87
N GLN D 154 -31.99 3.10 36.02
CA GLN D 154 -31.74 4.51 36.28
C GLN D 154 -30.61 4.66 37.30
N LEU D 155 -29.80 5.70 37.13
CA LEU D 155 -28.68 5.98 38.00
C LEU D 155 -28.67 7.46 38.35
N GLU D 156 -28.40 7.77 39.62
CA GLU D 156 -28.36 9.15 40.07
C GLU D 156 -27.33 9.27 41.17
N ALA D 157 -27.10 10.50 41.63
CA ALA D 157 -26.16 10.80 42.71
C ALA D 157 -26.92 11.34 43.92
N GLN D 158 -26.37 11.10 45.10
CA GLN D 158 -26.98 11.53 46.35
C GLN D 158 -25.96 12.24 47.22
N PHE D 159 -26.45 13.15 48.04
CA PHE D 159 -25.64 14.09 48.80
C PHE D 159 -25.64 13.69 50.28
N HIS D 160 -24.46 13.68 50.91
CA HIS D 160 -24.37 13.38 52.33
C HIS D 160 -23.30 14.25 52.97
N VAL D 161 -23.49 14.52 54.26
CA VAL D 161 -22.61 15.39 55.04
C VAL D 161 -22.22 14.64 56.31
N ARG D 162 -21.09 15.03 56.90
CA ARG D 162 -20.67 14.56 58.21
C ARG D 162 -20.76 15.70 59.22
N PHE D 163 -21.45 15.45 60.33
CA PHE D 163 -21.64 16.47 61.34
C PHE D 163 -20.36 16.71 62.14
N SER D 164 -20.12 17.97 62.49
CA SER D 164 -18.97 18.33 63.31
C SER D 164 -19.27 19.64 64.02
N ASN D 165 -18.86 19.73 65.28
CA ASN D 165 -19.09 20.94 66.07
C ASN D 165 -18.08 22.04 65.77
N LYS D 166 -16.96 21.70 65.13
CA LYS D 166 -15.90 22.67 64.81
C LYS D 166 -15.56 22.54 63.34
N PRO D 167 -16.36 23.14 62.46
CA PRO D 167 -16.07 23.06 61.02
C PRO D 167 -14.72 23.68 60.69
N VAL D 168 -14.04 23.07 59.74
CA VAL D 168 -12.72 23.55 59.31
C VAL D 168 -12.65 23.58 57.79
N ALA D 173 -16.08 17.06 54.82
CA ALA D 173 -17.21 16.53 55.58
C ALA D 173 -18.44 16.37 54.69
N ILE D 174 -18.23 16.44 53.38
CA ILE D 174 -19.30 16.36 52.39
C ILE D 174 -18.88 15.37 51.31
N PHE D 175 -19.78 14.46 50.96
CA PHE D 175 -19.49 13.47 49.92
C PHE D 175 -20.75 13.15 49.15
N ASN D 176 -20.57 12.48 48.02
CA ASN D 176 -21.65 12.10 47.13
C ASN D 176 -21.54 10.62 46.80
N VAL D 177 -22.69 9.95 46.75
CA VAL D 177 -22.74 8.51 46.55
C VAL D 177 -23.68 8.21 45.37
N GLU D 178 -23.21 7.39 44.43
CA GLU D 178 -24.04 7.00 43.29
C GLU D 178 -24.97 5.87 43.68
N VAL D 179 -26.23 5.96 43.25
CA VAL D 179 -27.26 4.99 43.58
C VAL D 179 -28.04 4.67 42.31
N SER D 180 -28.30 3.37 42.09
CA SER D 180 -28.96 2.90 40.88
C SER D 180 -30.17 2.06 41.24
N SER D 181 -30.99 1.81 40.23
CA SER D 181 -32.18 0.95 40.37
C SER D 181 -32.46 0.31 39.02
N ALA D 182 -32.67 -1.00 39.01
CA ALA D 182 -32.77 -1.72 37.74
C ALA D 182 -33.51 -3.03 37.94
N LEU D 183 -33.76 -3.71 36.82
CA LEU D 183 -34.31 -5.06 36.78
C LEU D 183 -33.21 -5.94 36.18
N TYR D 184 -32.42 -6.57 37.04
CA TYR D 184 -31.21 -7.27 36.61
C TYR D 184 -31.53 -8.69 36.17
N THR D 185 -30.67 -9.22 35.31
CA THR D 185 -30.77 -10.62 34.87
C THR D 185 -29.37 -11.19 34.76
N PHE D 186 -29.23 -12.48 35.08
CA PHE D 186 -27.95 -13.13 34.89
C PHE D 186 -28.12 -14.64 34.83
N SER D 187 -27.11 -15.30 34.28
CA SER D 187 -27.13 -16.74 34.07
C SER D 187 -25.87 -17.36 34.67
N PHE D 188 -25.95 -18.65 34.99
CA PHE D 188 -24.86 -19.35 35.63
C PHE D 188 -24.80 -20.79 35.14
N GLU D 189 -23.64 -21.41 35.33
CA GLU D 189 -23.38 -22.77 34.89
C GLU D 189 -22.48 -23.47 35.90
N LEU D 190 -22.74 -24.76 36.13
CA LEU D 190 -21.98 -25.54 37.10
C LEU D 190 -21.99 -27.00 36.67
N ASP D 191 -20.83 -27.53 36.29
CA ASP D 191 -20.71 -28.93 35.88
C ASP D 191 -20.20 -29.74 37.07
N GLU D 192 -21.09 -30.52 37.68
CA GLU D 192 -20.77 -31.28 38.87
C GLU D 192 -20.13 -32.62 38.57
N ASP D 193 -20.04 -33.02 37.30
CA ASP D 193 -19.47 -34.32 36.96
C ASP D 193 -17.95 -34.33 36.99
N LEU D 194 -17.30 -33.16 37.08
CA LEU D 194 -15.85 -33.09 37.13
C LEU D 194 -15.33 -32.62 38.48
N ILE D 195 -16.21 -32.44 39.47
CA ILE D 195 -15.76 -32.11 40.82
C ILE D 195 -15.03 -33.30 41.42
N ALA D 196 -13.94 -33.03 42.13
CA ALA D 196 -13.15 -34.07 42.79
C ALA D 196 -12.58 -35.07 41.80
N VAL D 197 -12.19 -34.57 40.62
CA VAL D 197 -11.53 -35.37 39.61
C VAL D 197 -10.28 -34.63 39.14
N PRO D 198 -9.11 -35.25 39.12
CA PRO D 198 -7.92 -34.57 38.60
C PRO D 198 -8.09 -34.20 37.14
N SER D 199 -7.46 -33.08 36.75
CA SER D 199 -7.54 -32.58 35.39
C SER D 199 -6.26 -32.77 34.60
N THR D 200 -5.11 -32.78 35.25
CA THR D 200 -3.84 -32.97 34.54
C THR D 200 -3.70 -34.43 34.13
N PHE D 201 -3.30 -34.64 32.88
CA PHE D 201 -3.15 -36.00 32.37
C PHE D 201 -1.86 -36.63 32.90
N GLY D 202 -1.95 -37.90 33.28
CA GLY D 202 -0.79 -38.59 33.80
C GLY D 202 -1.18 -39.95 34.36
N GLU D 203 -0.25 -40.52 35.14
CA GLU D 203 -0.44 -41.82 35.75
C GLU D 203 -1.10 -41.68 37.11
N LYS D 204 -1.55 -42.83 37.64
CA LYS D 204 -2.19 -42.83 38.95
C LYS D 204 -1.19 -42.48 40.04
N VAL D 205 -1.65 -41.70 41.01
CA VAL D 205 -0.83 -41.25 42.12
C VAL D 205 -1.61 -41.48 43.42
N LYS D 206 -0.91 -41.96 44.44
CA LYS D 206 -1.54 -42.25 45.72
C LYS D 206 -2.23 -41.01 46.28
N GLY D 207 -3.41 -41.20 46.83
CA GLY D 207 -4.25 -40.13 47.33
C GLY D 207 -5.55 -39.95 46.60
N GLU D 208 -5.74 -40.59 45.45
CA GLU D 208 -6.99 -40.46 44.71
C GLU D 208 -8.12 -41.23 45.38
N GLU D 209 -7.81 -42.24 46.20
CA GLU D 209 -8.86 -42.97 46.91
C GLU D 209 -9.60 -42.07 47.87
N GLU D 210 -8.87 -41.22 48.59
CA GLU D 210 -9.53 -40.26 49.47
C GLU D 210 -10.40 -39.29 48.68
N LEU D 211 -9.93 -38.87 47.51
CA LEU D 211 -10.73 -38.00 46.65
C LEU D 211 -12.03 -38.68 46.26
N GLU D 212 -11.95 -39.96 45.87
CA GLU D 212 -13.16 -40.68 45.49
C GLU D 212 -14.09 -40.86 46.68
N ARG D 213 -13.53 -41.03 47.88
CA ARG D 213 -14.36 -41.13 49.07
C ARG D 213 -15.09 -39.82 49.34
N GLN D 214 -14.41 -38.68 49.18
CA GLN D 214 -14.97 -37.39 49.52
C GLN D 214 -15.77 -36.75 48.39
N LYS D 215 -15.80 -37.37 47.21
CA LYS D 215 -16.47 -36.79 46.06
C LYS D 215 -17.93 -36.45 46.35
N ALA D 216 -18.65 -37.38 46.98
CA ALA D 216 -20.08 -37.15 47.21
C ALA D 216 -20.31 -35.94 48.10
N LYS D 217 -19.56 -35.84 49.20
CA LYS D 217 -19.71 -34.69 50.08
C LYS D 217 -19.31 -33.40 49.38
N ARG D 218 -18.25 -33.43 48.59
CA ARG D 218 -17.82 -32.22 47.89
C ARG D 218 -18.90 -31.75 46.91
N VAL D 219 -19.49 -32.68 46.16
CA VAL D 219 -20.53 -32.31 45.21
C VAL D 219 -21.76 -31.77 45.94
N LYS D 220 -22.14 -32.41 47.05
CA LYS D 220 -23.28 -31.93 47.82
C LYS D 220 -23.04 -30.52 48.33
N SER D 221 -21.84 -30.26 48.84
CA SER D 221 -21.54 -28.91 49.34
C SER D 221 -21.54 -27.89 48.21
N ALA D 222 -20.99 -28.26 47.05
CA ALA D 222 -20.97 -27.32 45.92
C ALA D 222 -22.37 -26.97 45.47
N ILE D 223 -23.26 -27.97 45.44
CA ILE D 223 -24.65 -27.70 45.07
C ILE D 223 -25.33 -26.84 46.14
N LYS D 224 -25.06 -27.12 47.41
CA LYS D 224 -25.63 -26.32 48.49
C LYS D 224 -25.20 -24.87 48.42
N ALA D 225 -23.97 -24.62 47.96
CA ALA D 225 -23.44 -23.27 47.99
C ALA D 225 -24.17 -22.31 47.06
N LEU D 226 -24.97 -22.81 46.11
CA LEU D 226 -25.68 -21.93 45.19
C LEU D 226 -26.81 -21.15 45.87
N TYR D 227 -27.19 -21.54 47.08
CA TYR D 227 -28.29 -20.86 47.77
C TYR D 227 -27.94 -19.40 48.03
N SER D 228 -26.69 -19.12 48.38
CA SER D 228 -26.30 -17.75 48.65
C SER D 228 -26.44 -16.88 47.40
N LEU D 229 -26.00 -17.39 46.25
CA LEU D 229 -26.14 -16.62 45.02
C LEU D 229 -27.61 -16.43 44.65
N LEU D 230 -28.42 -17.49 44.78
CA LEU D 230 -29.82 -17.38 44.39
C LEU D 230 -30.66 -16.58 45.38
N SER D 231 -30.17 -16.37 46.60
CA SER D 231 -30.93 -15.66 47.62
C SER D 231 -30.72 -14.16 47.56
N GLY D 232 -29.49 -13.70 47.31
CA GLY D 232 -29.22 -12.28 47.27
C GLY D 232 -28.14 -11.84 48.24
N ASN D 233 -27.25 -12.76 48.61
CA ASN D 233 -26.18 -12.47 49.55
C ASN D 233 -24.90 -12.21 48.75
N PHE D 234 -24.77 -10.99 48.24
CA PHE D 234 -23.58 -10.59 47.52
C PHE D 234 -23.52 -9.07 47.44
N GLY D 235 -22.35 -8.57 47.06
CA GLY D 235 -22.14 -7.16 46.89
C GLY D 235 -21.65 -6.47 48.16
N GLY D 236 -21.14 -5.25 47.98
CA GLY D 236 -20.62 -4.45 49.06
C GLY D 236 -21.55 -3.30 49.44
N LYS D 237 -21.09 -2.54 50.42
CA LYS D 237 -21.84 -1.40 50.95
C LYS D 237 -23.23 -1.81 51.43
N ARG D 238 -23.32 -2.98 52.04
CA ARG D 238 -24.58 -3.46 52.61
C ARG D 238 -24.85 -2.94 54.00
N SER D 239 -23.87 -2.31 54.64
CA SER D 239 -24.06 -1.85 56.01
C SER D 239 -25.05 -0.68 56.08
N ARG D 240 -24.96 0.26 55.13
CA ARG D 240 -25.80 1.44 55.15
C ARG D 240 -26.70 1.57 53.94
N PHE D 241 -26.50 0.75 52.90
CA PHE D 241 -27.27 0.81 51.66
C PHE D 241 -27.85 -0.55 51.33
N LEU D 242 -28.50 -1.18 52.31
CA LEU D 242 -29.05 -2.51 52.10
C LEU D 242 -30.10 -2.48 51.00
N PRO D 243 -29.92 -3.23 49.92
CA PRO D 243 -30.86 -3.16 48.80
C PRO D 243 -32.10 -4.00 49.03
N SER D 244 -33.13 -3.70 48.25
CA SER D 244 -34.40 -4.41 48.27
C SER D 244 -34.46 -5.31 47.05
N MET D 245 -34.37 -6.61 47.28
CA MET D 245 -34.36 -7.60 46.21
C MET D 245 -35.61 -8.46 46.25
N LYS D 246 -36.05 -8.90 45.07
CA LYS D 246 -37.24 -9.72 44.95
C LYS D 246 -37.10 -10.59 43.71
N LEU D 247 -37.17 -11.91 43.89
CA LEU D 247 -37.07 -12.82 42.76
C LEU D 247 -38.32 -12.72 41.89
N MET D 248 -38.13 -12.81 40.58
CA MET D 248 -39.24 -12.69 39.64
C MET D 248 -39.37 -13.89 38.72
N SER D 249 -38.27 -14.48 38.26
CA SER D 249 -38.35 -15.60 37.36
C SER D 249 -37.03 -16.37 37.40
N LEU D 250 -37.14 -17.70 37.33
CA LEU D 250 -35.95 -18.55 37.43
C LEU D 250 -36.17 -19.82 36.64
N VAL D 251 -35.17 -20.20 35.83
CA VAL D 251 -35.19 -21.45 35.08
C VAL D 251 -33.89 -22.19 35.37
N VAL D 252 -34.00 -23.47 35.75
CA VAL D 252 -32.84 -24.31 36.04
C VAL D 252 -32.96 -25.60 35.25
N THR D 253 -31.88 -25.98 34.59
CA THR D 253 -31.86 -27.15 33.72
C THR D 253 -30.73 -28.08 34.14
N LYS D 254 -31.04 -29.37 34.23
CA LYS D 254 -30.08 -30.41 34.58
C LYS D 254 -29.99 -31.40 33.41
N THR D 255 -28.80 -31.51 32.81
CA THR D 255 -28.61 -32.33 31.62
C THR D 255 -27.34 -33.15 31.76
N ASP D 256 -27.17 -34.08 30.81
CA ASP D 256 -25.95 -34.86 30.67
C ASP D 256 -25.08 -34.39 29.51
N PHE D 257 -25.52 -33.36 28.80
CA PHE D 257 -24.86 -32.83 27.61
C PHE D 257 -24.80 -31.32 27.71
N PRO D 258 -23.88 -30.68 26.99
CA PRO D 258 -23.79 -29.21 27.04
C PRO D 258 -25.11 -28.56 26.60
N PHE D 259 -25.48 -27.50 27.32
CA PHE D 259 -26.70 -26.77 27.03
C PHE D 259 -26.62 -25.40 27.68
N MET D 260 -27.23 -24.42 27.01
CA MET D 260 -27.23 -23.05 27.50
C MET D 260 -28.62 -22.44 27.38
N PRO D 261 -29.29 -22.15 28.49
CA PRO D 261 -30.64 -21.58 28.42
C PRO D 261 -30.62 -20.17 27.84
N GLU D 262 -31.78 -19.75 27.36
CA GLU D 262 -31.90 -18.43 26.77
C GLU D 262 -31.70 -17.35 27.84
N PRO D 263 -31.05 -16.24 27.50
CA PRO D 263 -30.90 -15.16 28.47
C PRO D 263 -32.25 -14.56 28.84
N ALA D 264 -32.31 -13.99 30.04
CA ALA D 264 -33.57 -13.44 30.54
C ALA D 264 -33.82 -12.04 29.99
N HIS D 265 -33.75 -11.89 28.67
CA HIS D 265 -33.99 -10.61 28.02
C HIS D 265 -35.42 -10.45 27.52
N ASP D 266 -35.99 -11.51 26.96
CA ASP D 266 -37.32 -11.46 26.37
C ASP D 266 -38.36 -12.02 27.33
N ASP D 267 -39.58 -11.50 27.23
CA ASP D 267 -40.65 -11.92 28.13
C ASP D 267 -40.95 -13.41 28.00
N ASP D 268 -40.73 -13.98 26.82
CA ASP D 268 -40.97 -15.39 26.57
C ASP D 268 -39.61 -16.07 26.39
N TYR D 269 -39.02 -16.48 27.52
CA TYR D 269 -37.74 -17.18 27.49
C TYR D 269 -37.78 -18.50 28.26
N ILE D 270 -38.95 -18.95 28.69
CA ILE D 270 -39.09 -20.23 29.38
C ILE D 270 -39.61 -21.30 28.43
N LYS D 271 -40.61 -20.97 27.62
CA LYS D 271 -41.10 -21.92 26.63
C LYS D 271 -40.03 -22.26 25.61
N THR D 272 -39.30 -21.25 25.14
CA THR D 272 -38.29 -21.45 24.12
C THR D 272 -37.19 -22.38 24.61
N THR D 273 -36.71 -22.18 25.84
CA THR D 273 -35.62 -23.01 26.32
C THR D 273 -36.08 -24.44 26.57
N ILE D 274 -37.34 -24.65 26.95
CA ILE D 274 -37.82 -26.02 27.13
C ILE D 274 -37.94 -26.73 25.78
N MET D 275 -38.47 -26.04 24.77
CA MET D 275 -38.52 -26.64 23.44
C MET D 275 -37.13 -26.97 22.94
N ARG D 276 -36.19 -26.05 23.12
CA ARG D 276 -34.81 -26.29 22.70
C ARG D 276 -34.20 -27.44 23.47
N LEU D 277 -34.53 -27.56 24.76
CA LEU D 277 -34.01 -28.66 25.57
C LEU D 277 -34.50 -30.00 25.04
N GLY D 278 -35.79 -30.09 24.73
CA GLY D 278 -36.31 -31.32 24.17
C GLY D 278 -35.64 -31.68 22.86
N LYS D 279 -35.55 -30.72 21.96
CA LYS D 279 -34.94 -30.99 20.65
C LYS D 279 -33.46 -31.32 20.78
N ALA D 280 -32.76 -30.66 21.69
CA ALA D 280 -31.34 -30.93 21.88
C ALA D 280 -31.12 -32.32 22.45
N LYS D 281 -31.94 -32.73 23.43
CA LYS D 281 -31.84 -34.09 23.94
C LYS D 281 -32.11 -35.10 22.84
N GLY D 282 -33.07 -34.80 21.96
CA GLY D 282 -33.31 -35.67 20.83
C GLY D 282 -32.13 -35.78 19.89
N VAL D 283 -31.48 -34.65 19.59
CA VAL D 283 -30.47 -34.62 18.54
C VAL D 283 -29.09 -35.07 19.01
N LEU D 284 -28.73 -34.82 20.27
CA LEU D 284 -27.39 -35.10 20.75
C LEU D 284 -27.24 -36.48 21.38
N ASN D 285 -28.30 -37.29 21.37
CA ASN D 285 -28.28 -38.64 21.93
C ASN D 285 -27.95 -38.60 23.43
N GLY D 286 -28.74 -37.80 24.15
CA GLY D 286 -28.60 -37.71 25.59
C GLY D 286 -29.39 -38.79 26.31
N ASN D 287 -29.32 -38.75 27.64
CA ASN D 287 -30.06 -39.69 28.45
C ASN D 287 -30.71 -39.06 29.68
N LEU D 288 -30.64 -37.74 29.84
CA LEU D 288 -31.23 -37.09 31.00
C LEU D 288 -31.42 -35.62 30.69
N ALA D 289 -32.62 -35.11 30.95
CA ALA D 289 -32.91 -33.69 30.73
C ALA D 289 -34.10 -33.32 31.61
N LYS D 290 -33.84 -32.51 32.64
CA LYS D 290 -34.88 -32.08 33.55
C LYS D 290 -34.87 -30.57 33.68
N ALA D 291 -36.04 -29.99 33.92
CA ALA D 291 -36.18 -28.55 34.02
C ALA D 291 -37.03 -28.21 35.24
N TYR D 292 -36.71 -27.06 35.85
CA TYR D 292 -37.46 -26.51 36.97
C TYR D 292 -37.67 -25.03 36.73
N VAL D 293 -38.87 -24.55 37.03
CA VAL D 293 -39.26 -23.17 36.75
C VAL D 293 -39.89 -22.58 38.00
N ILE D 294 -39.48 -21.36 38.34
CA ILE D 294 -40.14 -20.57 39.37
C ILE D 294 -40.64 -19.30 38.71
N ASN D 295 -41.95 -19.06 38.80
CA ASN D 295 -42.60 -17.93 38.17
C ASN D 295 -43.41 -17.17 39.21
N ASN D 296 -43.24 -15.85 39.25
CA ASN D 296 -43.99 -14.99 40.17
C ASN D 296 -44.52 -13.75 39.47
N GLU D 297 -44.49 -13.70 38.13
CA GLU D 297 -44.95 -12.55 37.38
C GLU D 297 -46.06 -12.90 36.40
N GLY D 298 -46.51 -14.15 36.36
CA GLY D 298 -47.60 -14.53 35.49
C GLY D 298 -47.32 -14.42 34.01
N ILE D 299 -46.17 -14.92 33.57
CA ILE D 299 -45.82 -14.96 32.17
C ILE D 299 -46.01 -16.39 31.65
N GLU D 300 -45.96 -16.55 30.33
CA GLU D 300 -46.20 -17.85 29.72
C GLU D 300 -45.12 -18.84 30.14
N VAL D 301 -45.53 -20.07 30.42
CA VAL D 301 -44.62 -21.11 30.90
C VAL D 301 -44.57 -22.26 29.90
N GLY D 302 -45.71 -22.89 29.67
CA GLY D 302 -45.76 -24.05 28.79
C GLY D 302 -46.57 -25.19 29.38
N GLU D 303 -46.25 -26.42 28.98
CA GLU D 303 -46.96 -27.60 29.45
C GLU D 303 -45.95 -28.65 29.88
N GLY D 304 -46.36 -29.47 30.84
CA GLY D 304 -45.49 -30.53 31.35
C GLY D 304 -44.24 -30.00 32.03
N VAL D 305 -44.37 -28.96 32.84
CA VAL D 305 -43.25 -28.32 33.50
C VAL D 305 -43.49 -28.34 35.00
N THR D 306 -42.49 -28.80 35.76
CA THR D 306 -42.58 -28.76 37.21
C THR D 306 -42.51 -27.31 37.69
N VAL D 307 -43.40 -26.96 38.62
CA VAL D 307 -43.47 -25.61 39.16
C VAL D 307 -43.22 -25.69 40.67
N LEU D 308 -42.29 -24.86 41.15
CA LEU D 308 -41.95 -24.80 42.55
C LEU D 308 -42.50 -23.51 43.17
N SER D 309 -42.17 -23.28 44.43
CA SER D 309 -42.60 -22.09 45.15
C SER D 309 -41.45 -21.25 45.67
N THR D 310 -40.41 -21.88 46.21
CA THR D 310 -39.27 -21.16 46.75
C THR D 310 -37.97 -21.68 46.19
N VAL D 311 -36.84 -21.19 46.70
CA VAL D 311 -35.53 -21.63 46.23
C VAL D 311 -35.02 -22.82 47.03
N GLU D 312 -35.40 -22.92 48.30
CA GLU D 312 -34.97 -24.05 49.13
C GLU D 312 -35.49 -25.36 48.56
N ASP D 313 -36.72 -25.35 48.02
CA ASP D 313 -37.25 -26.54 47.37
C ASP D 313 -36.40 -26.94 46.18
N LEU D 314 -35.97 -25.95 45.38
CA LEU D 314 -35.10 -26.25 44.24
C LEU D 314 -33.77 -26.81 44.71
N VAL D 315 -33.20 -26.26 45.77
CA VAL D 315 -31.93 -26.76 46.29
C VAL D 315 -32.07 -28.19 46.75
N VAL D 316 -33.15 -28.49 47.48
CA VAL D 316 -33.37 -29.86 47.96
C VAL D 316 -33.55 -30.81 46.79
N LYS D 317 -34.32 -30.40 45.77
CA LYS D 317 -34.55 -31.25 44.62
C LYS D 317 -33.25 -31.52 43.86
N LEU D 318 -32.42 -30.49 43.70
CA LEU D 318 -31.14 -30.68 43.02
C LEU D 318 -30.23 -31.61 43.81
N GLU D 319 -30.22 -31.47 45.15
CA GLU D 319 -29.41 -32.37 45.98
C GLU D 319 -29.88 -33.81 45.85
N GLU D 320 -31.20 -34.02 45.89
CA GLU D 320 -31.74 -35.37 45.94
C GLU D 320 -31.41 -36.14 44.66
N GLU D 321 -31.56 -35.51 43.51
CA GLU D 321 -31.28 -36.17 42.24
C GLU D 321 -29.77 -36.20 41.98
N MET E 1 -22.19 -29.17 -0.79
CA MET E 1 -21.69 -28.14 0.10
C MET E 1 -22.80 -27.54 0.96
N ILE E 2 -22.43 -27.11 2.16
CA ILE E 2 -23.31 -26.40 3.07
C ILE E 2 -22.67 -25.06 3.38
N SER E 3 -23.35 -23.98 3.03
CA SER E 3 -22.81 -22.63 3.23
C SER E 3 -23.79 -21.84 4.09
N GLY E 4 -23.28 -20.99 4.95
CA GLY E 4 -24.13 -20.27 5.88
C GLY E 4 -23.62 -18.89 6.20
N SER E 5 -24.55 -18.01 6.54
CA SER E 5 -24.27 -16.69 7.10
C SER E 5 -25.10 -16.52 8.37
N VAL E 6 -24.47 -15.99 9.42
CA VAL E 6 -25.06 -15.95 10.75
C VAL E 6 -24.79 -14.58 11.37
N ARG E 7 -25.78 -14.07 12.11
CA ARG E 7 -25.67 -12.79 12.81
C ARG E 7 -25.98 -12.98 14.28
N PHE E 8 -25.10 -12.45 15.15
CA PHE E 8 -25.19 -12.60 16.59
C PHE E 8 -25.19 -11.22 17.24
N LEU E 9 -25.77 -11.13 18.43
CA LEU E 9 -25.73 -9.91 19.23
C LEU E 9 -25.11 -10.23 20.58
N VAL E 10 -23.97 -9.61 20.90
CA VAL E 10 -23.19 -9.97 22.08
C VAL E 10 -22.95 -8.72 22.92
N ASN E 11 -23.11 -8.86 24.24
CA ASN E 11 -22.96 -7.74 25.16
C ASN E 11 -22.03 -8.13 26.32
N LEU E 12 -21.16 -7.19 26.69
CA LEU E 12 -20.25 -7.32 27.83
C LEU E 12 -19.41 -8.59 27.70
N GLU E 13 -18.55 -8.56 26.69
CA GLU E 13 -17.84 -9.72 26.21
C GLU E 13 -16.33 -9.50 26.20
N SER E 14 -15.58 -10.56 26.49
CA SER E 14 -14.15 -10.59 26.24
C SER E 14 -13.79 -12.04 25.94
N LEU E 15 -13.81 -12.40 24.65
CA LEU E 15 -13.62 -13.78 24.23
C LEU E 15 -12.28 -14.04 23.55
N ASN E 16 -11.63 -13.01 23.03
CA ASN E 16 -10.32 -13.15 22.42
C ASN E 16 -9.38 -12.12 23.02
N GLY E 17 -8.15 -12.54 23.30
CA GLY E 17 -7.18 -11.69 23.93
C GLY E 17 -5.93 -11.55 23.09
N VAL E 18 -5.13 -10.55 23.44
CA VAL E 18 -3.88 -10.25 22.76
C VAL E 18 -2.86 -9.84 23.83
N GLU E 19 -1.66 -9.49 23.39
CA GLU E 19 -0.58 -9.17 24.32
C GLU E 19 -0.98 -8.03 25.26
N SER E 20 -0.55 -8.13 26.51
CA SER E 20 -0.94 -7.21 27.56
C SER E 20 0.12 -6.14 27.77
N ILE E 21 -0.33 -4.96 28.19
CA ILE E 21 0.55 -3.84 28.52
C ILE E 21 0.28 -3.42 29.95
N GLY E 22 1.33 -3.37 30.77
CA GLY E 22 1.16 -3.02 32.16
C GLY E 22 0.25 -3.99 32.87
N ASN E 23 -0.74 -3.46 33.59
CA ASN E 23 -1.76 -4.26 34.22
C ASN E 23 -3.08 -4.23 33.45
N LEU E 24 -3.02 -4.12 32.13
CA LEU E 24 -4.18 -4.04 31.26
C LEU E 24 -4.18 -5.22 30.30
N THR E 25 -5.30 -5.92 30.22
CA THR E 25 -5.49 -6.98 29.25
C THR E 25 -6.32 -6.45 28.09
N LYS E 26 -5.80 -6.57 26.88
CA LYS E 26 -6.39 -5.92 25.73
C LYS E 26 -7.22 -6.88 24.90
N HIS E 27 -8.21 -6.32 24.20
CA HIS E 27 -9.08 -7.07 23.31
C HIS E 27 -8.63 -6.86 21.88
N ARG E 28 -8.71 -7.91 21.06
CA ARG E 28 -8.25 -7.84 19.69
C ARG E 28 -9.00 -6.77 18.91
N THR E 29 -8.26 -6.00 18.10
CA THR E 29 -8.83 -4.94 17.28
C THR E 29 -8.24 -5.00 15.89
N ALA E 30 -8.98 -4.50 14.90
CA ALA E 30 -8.54 -4.56 13.52
C ALA E 30 -9.08 -3.35 12.75
N PRO E 31 -8.43 -2.98 11.64
CA PRO E 31 -8.94 -1.89 10.81
C PRO E 31 -9.93 -2.38 9.79
N VAL E 32 -10.96 -1.57 9.56
CA VAL E 32 -12.00 -1.86 8.58
C VAL E 32 -12.23 -0.61 7.73
N VAL E 33 -12.55 -0.83 6.46
CA VAL E 33 -12.90 0.22 5.52
C VAL E 33 -14.42 0.24 5.38
N LEU E 34 -15.02 1.40 5.61
CA LEU E 34 -16.47 1.53 5.66
C LEU E 34 -16.91 2.63 4.72
N LYS E 35 -18.11 2.49 4.16
CA LYS E 35 -18.65 3.47 3.23
C LYS E 35 -19.78 4.25 3.89
N THR E 36 -19.63 5.57 3.93
CA THR E 36 -20.66 6.48 4.41
C THR E 36 -21.06 7.42 3.29
N SER E 37 -22.07 8.26 3.57
CA SER E 37 -22.56 9.22 2.60
C SER E 37 -21.48 10.20 2.17
N THR E 38 -20.44 10.40 2.98
CA THR E 38 -19.35 11.30 2.64
C THR E 38 -18.19 10.61 1.95
N GLY E 39 -18.28 9.30 1.70
CA GLY E 39 -17.21 8.60 1.02
C GLY E 39 -16.78 7.33 1.73
N TYR E 40 -15.47 7.18 1.93
CA TYR E 40 -14.93 5.97 2.54
C TYR E 40 -14.01 6.35 3.70
N LEU E 41 -14.15 5.63 4.80
CA LEU E 41 -13.41 5.92 6.03
C LEU E 41 -12.77 4.65 6.55
N VAL E 42 -11.75 4.84 7.39
CA VAL E 42 -11.02 3.75 8.02
C VAL E 42 -11.26 3.82 9.52
N ARG E 43 -11.65 2.71 10.12
CA ARG E 43 -11.95 2.66 11.54
C ARG E 43 -11.25 1.47 12.19
N TYR E 44 -11.13 1.51 13.50
CA TYR E 44 -10.55 0.43 14.28
C TYR E 44 -11.62 -0.15 15.18
N VAL E 45 -11.87 -1.45 15.06
CA VAL E 45 -13.03 -2.08 15.71
C VAL E 45 -12.60 -3.39 16.36
N PRO E 46 -13.18 -3.77 17.51
CA PRO E 46 -12.89 -5.10 18.06
C PRO E 46 -13.35 -6.21 17.13
N VAL E 47 -12.59 -7.30 17.11
CA VAL E 47 -12.91 -8.49 16.31
C VAL E 47 -12.60 -9.74 17.13
N ILE E 48 -13.01 -10.88 16.59
CA ILE E 48 -12.68 -12.19 17.16
C ILE E 48 -12.13 -13.06 16.04
N SER E 49 -10.97 -13.66 16.27
CA SER E 49 -10.32 -14.46 15.24
C SER E 49 -11.08 -15.76 15.00
N GLY E 50 -10.81 -16.38 13.85
CA GLY E 50 -11.47 -17.61 13.48
C GLY E 50 -10.83 -18.88 14.02
N GLU E 51 -9.60 -18.79 14.52
CA GLU E 51 -8.93 -19.97 15.03
C GLU E 51 -9.54 -20.43 16.35
N ALA E 52 -10.06 -19.51 17.16
CA ALA E 52 -10.80 -19.91 18.34
C ALA E 52 -12.04 -20.70 17.97
N LEU E 53 -12.76 -20.24 16.94
CA LEU E 53 -13.93 -20.99 16.46
C LEU E 53 -13.52 -22.36 15.95
N ALA E 54 -12.40 -22.44 15.23
CA ALA E 54 -11.92 -23.72 14.75
C ALA E 54 -11.61 -24.65 15.91
N HIS E 55 -10.99 -24.14 16.96
CA HIS E 55 -10.68 -24.96 18.13
C HIS E 55 -11.94 -25.47 18.79
N ALA E 56 -12.94 -24.60 18.95
CA ALA E 56 -14.20 -25.05 19.57
C ALA E 56 -14.87 -26.13 18.72
N TYR E 57 -14.91 -25.94 17.40
CA TYR E 57 -15.49 -26.93 16.52
C TYR E 57 -14.77 -28.27 16.63
N GLN E 58 -13.43 -28.25 16.61
CA GLN E 58 -12.69 -29.51 16.64
C GLN E 58 -12.83 -30.20 17.99
N ALA E 59 -12.92 -29.43 19.08
CA ALA E 59 -13.14 -30.04 20.39
C ALA E 59 -14.50 -30.74 20.44
N SER E 60 -15.55 -30.08 19.94
CA SER E 60 -16.86 -30.72 19.91
C SER E 60 -16.84 -31.96 19.03
N LEU E 61 -16.12 -31.91 17.91
CA LEU E 61 -16.02 -33.08 17.04
C LEU E 61 -15.33 -34.23 17.75
N VAL E 62 -14.27 -33.94 18.52
CA VAL E 62 -13.61 -34.99 19.30
C VAL E 62 -14.59 -35.62 20.28
N ASP E 63 -15.36 -34.78 20.99
CA ASP E 63 -16.32 -35.30 21.95
C ASP E 63 -17.31 -36.24 21.27
N ILE E 64 -17.91 -35.80 20.17
CA ILE E 64 -18.92 -36.61 19.50
C ILE E 64 -18.31 -37.90 18.94
N ALA E 65 -17.11 -37.80 18.35
CA ALA E 65 -16.46 -38.97 17.79
C ALA E 65 -16.17 -40.01 18.86
N LYS E 66 -15.65 -39.59 20.01
CA LYS E 66 -15.40 -40.54 21.08
C LYS E 66 -16.71 -41.11 21.62
N LYS E 67 -17.77 -40.31 21.62
CA LYS E 67 -19.06 -40.82 22.10
C LYS E 67 -19.62 -41.89 21.16
N GLU E 68 -19.42 -41.73 19.85
CA GLU E 68 -20.05 -42.62 18.88
C GLU E 68 -19.16 -43.78 18.45
N GLY E 69 -17.93 -43.86 18.94
CA GLY E 69 -17.07 -44.99 18.66
C GLY E 69 -16.10 -44.83 17.52
N LEU E 70 -16.06 -43.66 16.87
CA LEU E 70 -15.09 -43.45 15.81
C LEU E 70 -13.69 -43.31 16.39
N PRO E 71 -12.66 -43.67 15.63
CA PRO E 71 -11.29 -43.60 16.16
C PRO E 71 -10.85 -42.17 16.41
N VAL E 72 -10.07 -41.98 17.47
CA VAL E 72 -9.52 -40.68 17.83
C VAL E 72 -8.05 -40.86 18.18
N GLY E 73 -7.21 -39.94 17.70
CA GLY E 73 -5.79 -40.06 17.93
C GLY E 73 -5.42 -39.89 19.39
N SER E 74 -4.22 -40.35 19.72
CA SER E 74 -3.76 -40.31 21.11
C SER E 74 -3.53 -38.88 21.58
N LEU E 75 -2.77 -38.10 20.80
CA LEU E 75 -2.50 -36.71 21.19
C LEU E 75 -3.76 -35.87 21.15
N SER E 76 -4.61 -36.06 20.13
CA SER E 76 -5.82 -35.27 20.01
C SER E 76 -6.90 -35.72 20.99
N SER E 77 -6.73 -36.86 21.64
CA SER E 77 -7.66 -37.25 22.70
C SER E 77 -7.63 -36.22 23.83
N GLN E 78 -6.44 -35.82 24.24
CA GLN E 78 -6.28 -34.57 24.96
C GLN E 78 -6.38 -33.42 23.96
N TYR E 79 -6.98 -32.33 24.40
CA TYR E 79 -7.34 -31.25 23.47
C TYR E 79 -6.10 -30.44 23.10
N GLU E 80 -5.25 -31.07 22.28
CA GLU E 80 -4.04 -30.44 21.77
C GLU E 80 -3.93 -30.81 20.29
N PHE E 81 -4.31 -29.88 19.42
CA PHE E 81 -4.40 -30.15 17.99
C PHE E 81 -3.08 -29.81 17.29
N ILE E 82 -1.99 -30.39 17.80
CA ILE E 82 -0.75 -30.39 17.03
C ILE E 82 -0.88 -31.31 15.84
N LYS E 83 -1.81 -32.27 15.88
CA LYS E 83 -2.07 -33.21 14.79
C LYS E 83 -0.78 -33.98 14.53
N PHE E 84 -0.33 -34.11 13.30
CA PHE E 84 0.86 -34.90 12.99
C PHE E 84 1.93 -34.02 12.35
N SER E 85 2.15 -32.84 12.93
CA SER E 85 3.07 -31.89 12.33
C SER E 85 4.53 -32.29 12.53
N THR E 86 4.94 -32.47 13.78
CA THR E 86 6.33 -32.76 14.11
C THR E 86 6.56 -34.27 14.19
N ASP E 87 7.84 -34.64 14.25
CA ASP E 87 8.19 -36.05 14.35
C ASP E 87 7.90 -36.61 15.72
N GLU E 88 7.87 -35.77 16.76
CA GLU E 88 7.54 -36.23 18.09
C GLU E 88 6.12 -36.77 18.14
N ALA E 89 5.18 -36.10 17.47
CA ALA E 89 3.81 -36.59 17.42
C ALA E 89 3.73 -37.94 16.72
N LEU E 90 4.48 -38.09 15.63
CA LEU E 90 4.52 -39.38 14.93
C LEU E 90 5.07 -40.47 15.82
N LYS E 91 6.12 -40.16 16.59
CA LYS E 91 6.68 -41.16 17.49
C LYS E 91 5.69 -41.54 18.58
N ILE E 92 4.98 -40.55 19.13
CA ILE E 92 4.00 -40.83 20.18
C ILE E 92 2.87 -41.69 19.64
N GLU E 93 2.33 -41.33 18.48
CA GLU E 93 1.21 -42.09 17.92
C GLU E 93 1.66 -43.45 17.41
N GLY E 94 2.85 -43.52 16.82
CA GLY E 94 3.37 -44.77 16.32
C GLY E 94 3.12 -44.99 14.84
N ILE E 95 3.45 -44.01 14.03
CA ILE E 95 3.26 -44.08 12.58
C ILE E 95 4.60 -43.82 11.91
N LYS E 96 4.98 -44.72 11.00
CA LYS E 96 6.23 -44.55 10.27
C LYS E 96 6.14 -43.39 9.30
N GLU E 97 7.21 -42.63 9.19
CA GLU E 97 7.24 -41.50 8.28
C GLU E 97 7.29 -41.98 6.83
N PRO E 98 6.77 -41.18 5.89
CA PRO E 98 6.82 -41.57 4.49
C PRO E 98 8.26 -41.64 3.98
N LYS E 99 8.51 -42.58 3.07
CA LYS E 99 9.84 -42.76 2.50
C LYS E 99 10.05 -41.89 1.27
N ASP E 100 9.16 -42.01 0.28
CA ASP E 100 9.30 -41.25 -0.96
C ASP E 100 7.95 -40.68 -1.38
N TYR E 101 7.90 -40.12 -2.59
CA TYR E 101 6.63 -39.59 -3.10
C TYR E 101 5.61 -40.70 -3.29
N ASN E 102 6.05 -41.86 -3.77
CA ASN E 102 5.13 -42.96 -4.03
C ASN E 102 4.52 -43.51 -2.74
N ASP E 103 5.16 -43.28 -1.60
CA ASP E 103 4.67 -43.79 -0.32
C ASP E 103 3.71 -42.83 0.37
N ALA E 104 3.47 -41.65 -0.20
CA ALA E 104 2.68 -40.63 0.47
C ALA E 104 1.26 -41.09 0.73
N ARG E 105 0.66 -41.76 -0.26
CA ARG E 105 -0.74 -42.16 -0.14
C ARG E 105 -0.95 -43.12 1.02
N ARG E 106 -0.02 -44.06 1.20
CA ARG E 106 -0.09 -44.99 2.32
C ARG E 106 -0.06 -44.24 3.65
N PHE E 107 0.86 -43.29 3.78
CA PHE E 107 0.95 -42.52 5.02
C PHE E 107 -0.32 -41.73 5.28
N GLU E 108 -0.87 -41.11 4.23
CA GLU E 108 -2.11 -40.34 4.39
C GLU E 108 -3.24 -41.25 4.85
N VAL E 109 -3.35 -42.44 4.27
CA VAL E 109 -4.42 -43.36 4.67
C VAL E 109 -4.20 -43.84 6.10
N GLU E 110 -2.95 -44.12 6.48
CA GLU E 110 -2.68 -44.56 7.85
C GLU E 110 -3.04 -43.50 8.87
N VAL E 111 -2.66 -42.25 8.60
CA VAL E 111 -3.00 -41.15 9.51
C VAL E 111 -4.51 -40.94 9.53
N MET E 112 -5.16 -41.09 8.37
CA MET E 112 -6.57 -40.80 8.22
C MET E 112 -7.46 -41.86 8.84
N LEU E 113 -6.92 -43.05 9.12
CA LEU E 113 -7.67 -44.13 9.74
C LEU E 113 -7.59 -44.15 11.25
N LYS E 114 -6.80 -43.26 11.86
CA LYS E 114 -6.62 -43.25 13.30
C LYS E 114 -7.27 -42.06 13.98
N ASP E 115 -7.32 -40.90 13.34
CA ASP E 115 -7.86 -39.69 13.94
C ASP E 115 -8.82 -39.04 12.96
N VAL E 116 -10.08 -38.90 13.36
CA VAL E 116 -11.05 -38.21 12.51
C VAL E 116 -10.67 -36.75 12.35
N ILE E 117 -10.01 -36.17 13.35
CA ILE E 117 -9.65 -34.75 13.28
C ILE E 117 -8.71 -34.49 12.12
N ALA E 118 -7.70 -35.36 11.94
CA ALA E 118 -6.78 -35.19 10.82
C ALA E 118 -7.52 -35.35 9.50
N ASP E 119 -8.59 -36.14 9.48
CA ASP E 119 -9.36 -36.32 8.26
C ASP E 119 -10.18 -35.08 7.92
N VAL E 120 -10.86 -34.51 8.91
CA VAL E 120 -11.80 -33.43 8.63
C VAL E 120 -11.09 -32.08 8.58
N GLY E 121 -10.28 -31.78 9.59
CA GLY E 121 -9.66 -30.48 9.71
C GLY E 121 -8.35 -30.30 8.97
N GLY E 122 -7.89 -31.30 8.23
CA GLY E 122 -6.66 -31.17 7.48
C GLY E 122 -5.43 -31.16 8.34
N PHE E 123 -4.26 -31.33 7.73
CA PHE E 123 -3.00 -31.38 8.48
C PHE E 123 -1.85 -31.14 7.52
N MET E 124 -0.66 -31.00 8.08
CA MET E 124 0.55 -30.79 7.31
C MET E 124 1.73 -31.43 8.01
N TYR E 125 2.52 -32.18 7.25
CA TYR E 125 3.73 -32.81 7.75
C TYR E 125 4.90 -32.36 6.88
N ALA E 126 5.96 -31.88 7.54
CA ALA E 126 7.13 -31.33 6.86
C ALA E 126 8.30 -32.29 7.02
N GLY E 127 9.01 -32.51 5.92
CA GLY E 127 10.15 -33.42 5.94
C GLY E 127 10.66 -33.68 4.54
N GLY E 128 11.29 -34.84 4.37
CA GLY E 128 11.76 -35.23 3.05
C GLY E 128 10.62 -35.35 2.05
N ALA E 129 9.47 -35.86 2.50
CA ALA E 129 8.28 -35.97 1.68
C ALA E 129 7.12 -35.30 2.42
N PRO E 130 7.03 -33.97 2.33
CA PRO E 130 5.92 -33.29 3.01
C PRO E 130 4.57 -33.74 2.47
N VAL E 131 3.60 -33.81 3.37
CA VAL E 131 2.25 -34.25 3.02
C VAL E 131 1.26 -33.23 3.53
N ARG E 132 0.33 -32.83 2.66
CA ARG E 132 -0.60 -31.77 2.97
C ARG E 132 -2.04 -32.26 2.82
N ARG E 133 -2.93 -31.69 3.60
CA ARG E 133 -4.36 -31.99 3.47
C ARG E 133 -5.14 -30.76 3.92
N THR E 134 -5.83 -30.12 2.98
CA THR E 134 -6.56 -28.89 3.26
C THR E 134 -7.79 -29.19 4.11
N SER E 135 -8.16 -28.23 4.95
CA SER E 135 -9.32 -28.40 5.82
C SER E 135 -10.60 -28.48 5.00
N ARG E 136 -11.59 -29.18 5.55
CA ARG E 136 -12.89 -29.32 4.91
C ARG E 136 -13.93 -28.35 5.47
N ILE E 137 -13.62 -27.63 6.54
CA ILE E 137 -14.48 -26.60 7.09
C ILE E 137 -13.70 -25.29 7.08
N LYS E 138 -14.31 -24.24 6.57
CA LYS E 138 -13.64 -22.96 6.36
C LYS E 138 -14.38 -21.86 7.12
N LEU E 139 -13.64 -21.11 7.93
CA LEU E 139 -14.17 -20.08 8.80
C LEU E 139 -13.44 -18.78 8.53
N GLY E 140 -13.88 -17.71 9.21
CA GLY E 140 -13.26 -16.41 9.05
C GLY E 140 -13.46 -15.57 10.28
N TYR E 141 -12.85 -14.39 10.26
CA TYR E 141 -12.93 -13.48 11.39
C TYR E 141 -14.37 -13.06 11.66
N MET E 142 -14.66 -12.75 12.91
CA MET E 142 -15.99 -12.33 13.34
C MET E 142 -16.00 -10.81 13.47
N ILE E 143 -16.68 -10.15 12.54
CA ILE E 143 -16.69 -8.69 12.47
C ILE E 143 -18.09 -8.18 12.83
N PRO E 144 -18.21 -7.03 13.48
CA PRO E 144 -19.53 -6.40 13.61
C PRO E 144 -20.03 -5.89 12.27
N ALA E 145 -21.35 -5.80 12.15
CA ALA E 145 -21.96 -5.43 10.89
C ALA E 145 -21.61 -4.00 10.50
N LEU E 146 -21.12 -3.83 9.28
CA LEU E 146 -20.77 -2.51 8.75
C LEU E 146 -21.97 -1.90 8.02
N ARG E 147 -23.03 -1.65 8.78
CA ARG E 147 -24.27 -1.12 8.25
C ARG E 147 -24.40 0.36 8.60
N GLY E 148 -24.90 1.15 7.66
CA GLY E 148 -25.13 2.55 7.94
C GLY E 148 -23.85 3.34 8.07
N ASP E 149 -23.95 4.43 8.83
CA ASP E 149 -22.83 5.34 9.04
C ASP E 149 -22.16 5.17 10.40
N GLU E 150 -22.81 4.51 11.36
CA GLU E 150 -22.28 4.32 12.70
C GLU E 150 -22.13 2.83 12.97
N ILE E 151 -20.93 2.42 13.39
CA ILE E 151 -20.65 1.03 13.70
C ILE E 151 -21.32 0.69 15.03
N PRO E 152 -22.13 -0.37 15.09
CA PRO E 152 -22.84 -0.72 16.34
C PRO E 152 -21.97 -1.53 17.29
N ALA E 153 -20.85 -0.94 17.71
CA ALA E 153 -19.91 -1.61 18.58
C ALA E 153 -19.29 -0.61 19.53
N GLN E 154 -18.80 -1.10 20.67
CA GLN E 154 -18.15 -0.25 21.66
C GLN E 154 -17.17 -1.08 22.48
N LEU E 155 -16.10 -0.42 22.92
CA LEU E 155 -15.04 -1.07 23.69
C LEU E 155 -14.63 -0.15 24.84
N GLU E 156 -14.37 -0.74 26.00
CA GLU E 156 -13.98 0.04 27.17
C GLU E 156 -13.10 -0.82 28.07
N ALA E 157 -12.50 -0.17 29.08
CA ALA E 157 -11.67 -0.85 30.05
C ALA E 157 -12.31 -0.80 31.44
N GLN E 158 -12.11 -1.84 32.21
CA GLN E 158 -12.73 -2.00 33.52
C GLN E 158 -11.68 -2.29 34.58
N PHE E 159 -12.04 -1.99 35.82
CA PHE E 159 -11.14 -1.95 36.97
C PHE E 159 -11.45 -3.13 37.89
N HIS E 160 -10.41 -3.84 38.34
CA HIS E 160 -10.62 -4.96 39.25
C HIS E 160 -9.48 -5.03 40.26
N VAL E 161 -9.81 -5.48 41.47
CA VAL E 161 -8.90 -5.50 42.61
C VAL E 161 -8.93 -6.89 43.23
N ARG E 162 -7.81 -7.30 43.81
CA ARG E 162 -7.70 -8.53 44.57
C ARG E 162 -7.53 -8.21 46.05
N PHE E 163 -8.41 -8.74 46.88
CA PHE E 163 -8.41 -8.44 48.31
C PHE E 163 -7.23 -9.09 49.00
N SER E 164 -6.71 -8.42 50.02
CA SER E 164 -5.59 -8.93 50.82
C SER E 164 -5.61 -8.29 52.18
N ASN E 165 -5.31 -9.07 53.21
CA ASN E 165 -5.27 -8.55 54.57
C ASN E 165 -3.97 -7.81 54.89
N LYS E 166 -2.92 -8.02 54.09
CA LYS E 166 -1.61 -7.43 54.33
C LYS E 166 -1.13 -6.79 53.04
N PRO E 167 -1.63 -5.60 52.71
CA PRO E 167 -1.21 -4.95 51.46
C PRO E 167 0.30 -4.67 51.47
N VAL E 168 0.92 -4.85 50.30
CA VAL E 168 2.35 -4.66 50.15
C VAL E 168 2.64 -3.79 48.94
N ALA E 173 -2.06 -5.75 42.94
CA ALA E 173 -3.38 -6.22 43.36
C ALA E 173 -4.47 -5.48 42.61
N ILE E 174 -4.09 -4.83 41.50
CA ILE E 174 -5.01 -4.07 40.67
C ILE E 174 -4.75 -4.43 39.21
N PHE E 175 -5.81 -4.74 38.48
CA PHE E 175 -5.67 -5.02 37.05
C PHE E 175 -6.88 -4.46 36.30
N ASN E 176 -6.71 -4.35 34.98
CA ASN E 176 -7.72 -3.77 34.11
C ASN E 176 -8.00 -4.73 32.96
N VAL E 177 -9.28 -4.85 32.61
CA VAL E 177 -9.74 -5.82 31.62
C VAL E 177 -10.60 -5.11 30.59
N GLU E 178 -10.37 -5.40 29.31
CA GLU E 178 -11.12 -4.76 28.24
C GLU E 178 -12.41 -5.54 27.95
N VAL E 179 -13.51 -4.82 27.82
CA VAL E 179 -14.83 -5.40 27.61
C VAL E 179 -15.49 -4.71 26.42
N SER E 180 -16.10 -5.52 25.55
CA SER E 180 -16.67 -5.04 24.31
C SER E 180 -18.13 -5.45 24.19
N SER E 181 -18.86 -4.70 23.37
CA SER E 181 -20.27 -4.97 23.10
C SER E 181 -20.54 -4.68 21.63
N ALA E 182 -21.10 -5.65 20.90
CA ALA E 182 -21.18 -5.51 19.46
C ALA E 182 -22.29 -6.40 18.90
N LEU E 183 -22.49 -6.28 17.58
CA LEU E 183 -23.41 -7.11 16.82
C LEU E 183 -22.57 -7.80 15.75
N TYR E 184 -22.13 -9.02 16.06
CA TYR E 184 -21.16 -9.74 15.24
C TYR E 184 -21.84 -10.45 14.08
N THR E 185 -21.06 -10.71 13.03
CA THR E 185 -21.52 -11.46 11.88
C THR E 185 -20.41 -12.39 11.42
N PHE E 186 -20.78 -13.54 10.85
CA PHE E 186 -19.77 -14.41 10.24
C PHE E 186 -20.43 -15.44 9.35
N SER E 187 -19.64 -15.99 8.43
CA SER E 187 -20.09 -16.96 7.46
C SER E 187 -19.18 -18.18 7.49
N PHE E 188 -19.72 -19.32 7.04
CA PHE E 188 -19.00 -20.59 7.10
C PHE E 188 -19.36 -21.44 5.89
N GLU E 189 -18.51 -22.44 5.65
CA GLU E 189 -18.63 -23.33 4.49
C GLU E 189 -18.11 -24.71 4.85
N LEU E 190 -18.82 -25.75 4.41
CA LEU E 190 -18.46 -27.13 4.72
C LEU E 190 -18.81 -28.03 3.54
N ASP E 191 -17.80 -28.63 2.92
CA ASP E 191 -18.01 -29.54 1.80
C ASP E 191 -17.98 -31.00 2.26
N GLU E 192 -19.18 -31.60 2.37
CA GLU E 192 -19.30 -32.96 2.86
C GLU E 192 -19.10 -34.01 1.77
N ASP E 193 -18.87 -33.60 0.52
CA ASP E 193 -18.64 -34.56 -0.54
C ASP E 193 -17.20 -35.04 -0.61
N LEU E 194 -16.30 -34.49 0.19
CA LEU E 194 -14.90 -34.89 0.21
C LEU E 194 -14.46 -35.47 1.56
N ILE E 195 -15.38 -35.62 2.51
CA ILE E 195 -15.04 -36.24 3.78
C ILE E 195 -14.78 -37.73 3.55
N ALA E 196 -13.75 -38.26 4.21
CA ALA E 196 -13.39 -39.68 4.10
C ALA E 196 -13.01 -40.05 2.67
N VAL E 197 -12.31 -39.15 1.98
CA VAL E 197 -11.80 -39.39 0.65
C VAL E 197 -10.33 -38.97 0.62
N PRO E 198 -9.41 -39.85 0.21
CA PRO E 198 -8.00 -39.45 0.11
C PRO E 198 -7.81 -38.35 -0.92
N SER E 199 -6.82 -37.49 -0.67
CA SER E 199 -6.55 -36.35 -1.52
C SER E 199 -5.28 -36.47 -2.35
N THR E 200 -4.29 -37.23 -1.88
CA THR E 200 -3.04 -37.37 -2.63
C THR E 200 -3.23 -38.35 -3.78
N PHE E 201 -2.74 -37.96 -4.95
CA PHE E 201 -2.93 -38.76 -6.15
C PHE E 201 -2.00 -39.97 -6.14
N GLY E 202 -2.54 -41.13 -6.51
CA GLY E 202 -1.74 -42.33 -6.54
C GLY E 202 -2.62 -43.55 -6.80
N GLU E 203 -2.06 -44.71 -6.53
CA GLU E 203 -2.73 -45.98 -6.76
C GLU E 203 -3.50 -46.41 -5.53
N LYS E 204 -4.37 -47.41 -5.71
CA LYS E 204 -5.17 -47.93 -4.61
C LYS E 204 -4.27 -48.59 -3.57
N VAL E 205 -4.64 -48.42 -2.30
CA VAL E 205 -3.90 -48.97 -1.18
C VAL E 205 -4.88 -49.62 -0.23
N LYS E 206 -4.51 -50.80 0.29
CA LYS E 206 -5.37 -51.53 1.20
C LYS E 206 -5.71 -50.69 2.41
N GLY E 207 -6.97 -50.76 2.84
CA GLY E 207 -7.48 -49.95 3.94
C GLY E 207 -8.52 -48.94 3.54
N GLU E 208 -8.74 -48.72 2.24
CA GLU E 208 -9.76 -47.77 1.80
C GLU E 208 -11.17 -48.31 2.00
N GLU E 209 -11.33 -49.63 2.08
CA GLU E 209 -12.65 -50.21 2.29
C GLU E 209 -13.21 -49.80 3.65
N GLU E 210 -12.36 -49.77 4.69
CA GLU E 210 -12.81 -49.30 5.99
C GLU E 210 -13.24 -47.84 5.92
N LEU E 211 -12.50 -47.02 5.16
CA LEU E 211 -12.90 -45.63 4.98
C LEU E 211 -14.27 -45.53 4.31
N GLU E 212 -14.50 -46.35 3.28
CA GLU E 212 -15.80 -46.31 2.62
C GLU E 212 -16.91 -46.77 3.55
N ARG E 213 -16.62 -47.73 4.43
CA ARG E 213 -17.61 -48.15 5.42
C ARG E 213 -17.93 -47.02 6.40
N GLN E 214 -16.91 -46.29 6.84
CA GLN E 214 -17.08 -45.27 7.86
C GLN E 214 -17.46 -43.91 7.31
N LYS E 215 -17.55 -43.76 5.98
CA LYS E 215 -17.85 -42.46 5.39
C LYS E 215 -19.15 -41.86 5.92
N ALA E 216 -20.21 -42.67 5.97
CA ALA E 216 -21.51 -42.14 6.42
C ALA E 216 -21.44 -41.65 7.85
N LYS E 217 -20.83 -42.43 8.73
CA LYS E 217 -20.72 -42.03 10.13
C LYS E 217 -19.88 -40.77 10.27
N ARG E 218 -18.77 -40.67 9.52
CA ARG E 218 -17.94 -39.49 9.61
C ARG E 218 -18.69 -38.24 9.14
N VAL E 219 -19.44 -38.36 8.04
CA VAL E 219 -20.21 -37.22 7.56
C VAL E 219 -21.26 -36.82 8.58
N LYS E 220 -21.93 -37.81 9.18
CA LYS E 220 -22.94 -37.52 10.19
C LYS E 220 -22.33 -36.78 11.37
N SER E 221 -21.17 -37.24 11.85
CA SER E 221 -20.52 -36.60 12.98
C SER E 221 -20.06 -35.18 12.63
N ALA E 222 -19.50 -35.00 11.43
CA ALA E 222 -19.05 -33.67 11.03
C ALA E 222 -20.20 -32.69 10.95
N ILE E 223 -21.34 -33.13 10.41
CA ILE E 223 -22.50 -32.24 10.35
C ILE E 223 -23.04 -31.97 11.74
N LYS E 224 -23.01 -32.97 12.63
CA LYS E 224 -23.47 -32.78 13.99
C LYS E 224 -22.61 -31.77 14.73
N ALA E 225 -21.31 -31.74 14.46
CA ALA E 225 -20.41 -30.90 15.23
C ALA E 225 -20.73 -29.41 15.11
N LEU E 226 -21.41 -29.00 14.04
CA LEU E 226 -21.69 -27.58 13.82
C LEU E 226 -22.64 -26.99 14.86
N TYR E 227 -23.30 -27.84 15.64
CA TYR E 227 -24.24 -27.32 16.65
C TYR E 227 -23.52 -26.47 17.68
N SER E 228 -22.27 -26.81 17.99
CA SER E 228 -21.50 -26.01 18.94
C SER E 228 -21.25 -24.61 18.41
N LEU E 229 -20.79 -24.51 17.16
CA LEU E 229 -20.54 -23.19 16.57
C LEU E 229 -21.82 -22.38 16.43
N LEU E 230 -22.91 -23.02 16.01
CA LEU E 230 -24.17 -22.29 15.84
C LEU E 230 -24.83 -21.96 17.17
N SER E 231 -24.48 -22.66 18.26
CA SER E 231 -25.07 -22.38 19.56
C SER E 231 -24.33 -21.30 20.33
N GLY E 232 -23.01 -21.30 20.27
CA GLY E 232 -22.23 -20.26 20.93
C GLY E 232 -21.26 -20.75 21.98
N ASN E 233 -20.79 -21.98 21.84
CA ASN E 233 -19.79 -22.54 22.76
C ASN E 233 -18.41 -22.31 22.18
N PHE E 234 -17.91 -21.09 22.36
CA PHE E 234 -16.56 -20.77 21.90
C PHE E 234 -16.05 -19.57 22.68
N GLY E 235 -14.76 -19.32 22.55
CA GLY E 235 -14.12 -18.20 23.20
C GLY E 235 -13.59 -18.54 24.59
N GLY E 236 -12.72 -17.66 25.09
CA GLY E 236 -12.10 -17.84 26.37
C GLY E 236 -12.66 -16.91 27.44
N LYS E 237 -12.08 -17.02 28.63
CA LYS E 237 -12.48 -16.22 29.79
C LYS E 237 -13.97 -16.37 30.07
N ARG E 238 -14.47 -17.60 29.96
CA ARG E 238 -15.87 -17.90 30.22
C ARG E 238 -16.16 -18.15 31.68
N SER E 239 -15.14 -18.19 32.54
CA SER E 239 -15.37 -18.50 33.94
C SER E 239 -16.00 -17.32 34.69
N ARG E 240 -15.54 -16.10 34.42
CA ARG E 240 -16.05 -14.93 35.10
C ARG E 240 -16.63 -13.88 34.16
N PHE E 241 -16.53 -14.06 32.85
CA PHE E 241 -17.05 -13.13 31.86
C PHE E 241 -17.95 -13.86 30.88
N LEU E 242 -18.89 -14.63 31.40
CA LEU E 242 -19.82 -15.35 30.56
C LEU E 242 -20.66 -14.37 29.74
N PRO E 243 -20.66 -14.45 28.42
CA PRO E 243 -21.35 -13.46 27.62
C PRO E 243 -22.84 -13.74 27.49
N SER E 244 -23.55 -12.74 26.99
CA SER E 244 -24.99 -12.81 26.75
C SER E 244 -25.22 -12.82 25.25
N MET E 245 -25.44 -14.01 24.70
CA MET E 245 -25.57 -14.20 23.25
C MET E 245 -27.03 -14.42 22.88
N LYS E 246 -27.36 -14.05 21.64
CA LYS E 246 -28.72 -14.19 21.13
C LYS E 246 -28.67 -14.19 19.62
N LEU E 247 -29.16 -15.26 18.99
CA LEU E 247 -29.20 -15.36 17.54
C LEU E 247 -30.24 -14.40 16.98
N MET E 248 -29.95 -13.85 15.80
CA MET E 248 -30.85 -12.89 15.17
C MET E 248 -31.22 -13.25 13.74
N SER E 249 -30.30 -13.80 12.95
CA SER E 249 -30.60 -14.08 11.55
C SER E 249 -29.64 -15.14 11.04
N LEU E 250 -30.16 -16.08 10.25
CA LEU E 250 -29.37 -17.20 9.77
C LEU E 250 -29.85 -17.64 8.41
N VAL E 251 -28.92 -17.85 7.49
CA VAL E 251 -29.22 -18.39 6.16
C VAL E 251 -28.28 -19.56 5.89
N VAL E 252 -28.85 -20.70 5.52
CA VAL E 252 -28.07 -21.89 5.18
C VAL E 252 -28.52 -22.41 3.82
N THR E 253 -27.55 -22.73 2.98
CA THR E 253 -27.81 -23.21 1.62
C THR E 253 -27.09 -24.53 1.41
N LYS E 254 -27.79 -25.48 0.81
CA LYS E 254 -27.24 -26.79 0.45
C LYS E 254 -27.28 -26.94 -1.06
N THR E 255 -26.11 -27.10 -1.68
CA THR E 255 -26.01 -27.14 -3.13
C THR E 255 -25.04 -28.23 -3.56
N ASP E 256 -24.97 -28.43 -4.88
CA ASP E 256 -24.05 -29.37 -5.49
C ASP E 256 -22.94 -28.66 -6.28
N PHE E 257 -22.87 -27.35 -6.23
CA PHE E 257 -21.92 -26.54 -6.97
C PHE E 257 -21.38 -25.44 -6.06
N PRO E 258 -20.24 -24.86 -6.40
CA PRO E 258 -19.71 -23.76 -5.58
C PRO E 258 -20.68 -22.58 -5.53
N PHE E 259 -20.78 -21.98 -4.35
CA PHE E 259 -21.71 -20.89 -4.10
C PHE E 259 -21.38 -20.23 -2.78
N MET E 260 -21.62 -18.92 -2.71
CA MET E 260 -21.29 -18.14 -1.52
C MET E 260 -22.40 -17.14 -1.19
N PRO E 261 -23.07 -17.28 -0.07
CA PRO E 261 -24.12 -16.32 0.29
C PRO E 261 -23.54 -14.95 0.64
N GLU E 262 -24.41 -13.96 0.65
CA GLU E 262 -23.98 -12.59 0.91
C GLU E 262 -23.58 -12.44 2.37
N PRO E 263 -22.62 -11.55 2.66
CA PRO E 263 -22.28 -11.27 4.07
C PRO E 263 -23.45 -10.59 4.78
N ALA E 264 -23.51 -10.79 6.09
CA ALA E 264 -24.61 -10.25 6.88
C ALA E 264 -24.36 -8.79 7.25
N HIS E 265 -24.06 -7.96 6.26
CA HIS E 265 -23.80 -6.54 6.49
C HIS E 265 -25.01 -5.67 6.19
N ASP E 266 -25.75 -5.96 5.14
CA ASP E 266 -26.91 -5.18 4.74
C ASP E 266 -28.18 -5.80 5.33
N ASP E 267 -29.17 -4.94 5.60
CA ASP E 267 -30.42 -5.42 6.17
C ASP E 267 -31.14 -6.37 5.22
N ASP E 268 -30.87 -6.27 3.93
CA ASP E 268 -31.46 -7.15 2.92
C ASP E 268 -30.35 -8.02 2.34
N TYR E 269 -30.09 -9.15 2.99
CA TYR E 269 -29.12 -10.12 2.49
C TYR E 269 -29.68 -11.52 2.39
N ILE E 270 -30.97 -11.71 2.66
CA ILE E 270 -31.62 -13.01 2.51
C ILE E 270 -32.34 -13.11 1.18
N LYS E 271 -33.03 -12.06 0.76
CA LYS E 271 -33.66 -12.05 -0.56
C LYS E 271 -32.60 -12.16 -1.66
N THR E 272 -31.53 -11.38 -1.54
CA THR E 272 -30.51 -11.34 -2.57
C THR E 272 -29.85 -12.70 -2.75
N THR E 273 -29.53 -13.37 -1.63
CA THR E 273 -28.85 -14.65 -1.75
C THR E 273 -29.76 -15.72 -2.33
N ILE E 274 -31.07 -15.66 -2.06
CA ILE E 274 -31.98 -16.64 -2.63
C ILE E 274 -32.14 -16.42 -4.13
N MET E 275 -32.30 -15.17 -4.56
CA MET E 275 -32.37 -14.88 -5.99
C MET E 275 -31.08 -15.33 -6.69
N ARG E 276 -29.93 -15.02 -6.08
CA ARG E 276 -28.67 -15.42 -6.67
C ARG E 276 -28.54 -16.94 -6.71
N LEU E 277 -29.06 -17.62 -5.70
CA LEU E 277 -29.01 -19.08 -5.68
C LEU E 277 -29.81 -19.68 -6.83
N GLY E 278 -31.03 -19.17 -7.03
CA GLY E 278 -31.82 -19.66 -8.16
C GLY E 278 -31.14 -19.43 -9.49
N LYS E 279 -30.64 -18.22 -9.72
CA LYS E 279 -30.00 -17.92 -11.00
C LYS E 279 -28.70 -18.72 -11.17
N ALA E 280 -27.95 -18.92 -10.08
CA ALA E 280 -26.70 -19.67 -10.18
C ALA E 280 -26.96 -21.13 -10.49
N LYS E 281 -27.99 -21.73 -9.88
CA LYS E 281 -28.36 -23.09 -10.25
C LYS E 281 -28.77 -23.16 -11.71
N GLY E 282 -29.50 -22.15 -12.18
CA GLY E 282 -29.86 -22.12 -13.59
C GLY E 282 -28.65 -22.07 -14.50
N VAL E 283 -27.64 -21.28 -14.13
CA VAL E 283 -26.54 -21.01 -15.05
C VAL E 283 -25.43 -22.06 -14.97
N LEU E 284 -25.22 -22.70 -13.82
CA LEU E 284 -24.11 -23.62 -13.66
C LEU E 284 -24.49 -25.08 -13.89
N ASN E 285 -25.72 -25.35 -14.33
CA ASN E 285 -26.17 -26.71 -14.63
C ASN E 285 -26.07 -27.61 -13.39
N GLY E 286 -26.64 -27.12 -12.30
CA GLY E 286 -26.69 -27.89 -11.07
C GLY E 286 -27.88 -28.82 -11.04
N ASN E 287 -27.99 -29.57 -9.95
CA ASN E 287 -29.10 -30.49 -9.77
C ASN E 287 -29.67 -30.50 -8.36
N LEU E 288 -29.27 -29.58 -7.49
CA LEU E 288 -29.78 -29.54 -6.13
C LEU E 288 -29.46 -28.18 -5.53
N ALA E 289 -30.48 -27.52 -4.99
CA ALA E 289 -30.29 -26.22 -4.36
C ALA E 289 -31.43 -26.00 -3.37
N LYS E 290 -31.12 -26.05 -2.08
CA LYS E 290 -32.11 -25.87 -1.03
C LYS E 290 -31.66 -24.76 -0.08
N ALA E 291 -32.64 -24.07 0.48
CA ALA E 291 -32.38 -22.93 1.36
C ALA E 291 -33.19 -23.07 2.64
N TYR E 292 -32.58 -22.69 3.76
CA TYR E 292 -33.24 -22.63 5.06
C TYR E 292 -32.92 -21.28 5.70
N VAL E 293 -33.93 -20.69 6.31
CA VAL E 293 -33.85 -19.34 6.84
C VAL E 293 -34.39 -19.34 8.26
N ILE E 294 -33.66 -18.68 9.17
CA ILE E 294 -34.13 -18.40 10.52
C ILE E 294 -34.13 -16.90 10.71
N ASN E 295 -35.28 -16.35 11.08
CA ASN E 295 -35.47 -14.91 11.23
C ASN E 295 -36.12 -14.63 12.57
N ASN E 296 -35.52 -13.71 13.34
CA ASN E 296 -36.07 -13.29 14.62
C ASN E 296 -36.12 -11.77 14.74
N GLU E 297 -35.80 -11.03 13.68
CA GLU E 297 -35.81 -9.58 13.72
C GLU E 297 -36.80 -8.96 12.74
N GLY E 298 -37.60 -9.77 12.03
CA GLY E 298 -38.64 -9.26 11.18
C GLY E 298 -38.17 -8.43 10.00
N ILE E 299 -37.19 -8.92 9.26
CA ILE E 299 -36.73 -8.27 8.05
C ILE E 299 -37.27 -9.03 6.84
N GLU E 300 -37.15 -8.43 5.66
CA GLU E 300 -37.69 -9.02 4.45
C GLU E 300 -37.02 -10.35 4.14
N VAL E 301 -37.83 -11.33 3.76
CA VAL E 301 -37.34 -12.69 3.53
C VAL E 301 -37.49 -13.06 2.07
N GLY E 302 -38.73 -13.04 1.56
CA GLY E 302 -38.99 -13.45 0.20
C GLY E 302 -40.20 -14.36 0.11
N GLU E 303 -40.21 -15.25 -0.88
CA GLU E 303 -41.31 -16.19 -1.06
C GLU E 303 -40.75 -17.58 -1.38
N GLY E 304 -41.51 -18.60 -1.01
CA GLY E 304 -41.11 -19.97 -1.29
C GLY E 304 -39.85 -20.41 -0.59
N VAL E 305 -39.71 -20.05 0.69
CA VAL E 305 -38.54 -20.39 1.48
C VAL E 305 -38.99 -21.05 2.77
N THR E 306 -38.36 -22.17 3.11
CA THR E 306 -38.67 -22.84 4.36
C THR E 306 -38.22 -21.97 5.53
N VAL E 307 -39.09 -21.83 6.53
CA VAL E 307 -38.80 -21.02 7.71
C VAL E 307 -38.76 -21.96 8.91
N LEU E 308 -37.63 -21.95 9.63
CA LEU E 308 -37.44 -22.79 10.80
C LEU E 308 -37.62 -21.95 12.06
N SER E 309 -37.46 -22.59 13.21
CA SER E 309 -37.64 -21.93 14.49
C SER E 309 -36.39 -21.96 15.35
N THR E 310 -35.68 -23.08 15.40
CA THR E 310 -34.48 -23.19 16.22
C THR E 310 -33.32 -23.73 15.40
N VAL E 311 -32.22 -24.05 16.06
CA VAL E 311 -31.05 -24.59 15.37
C VAL E 311 -31.06 -26.12 15.35
N GLU E 312 -31.67 -26.75 16.36
CA GLU E 312 -31.75 -28.21 16.37
C GLU E 312 -32.55 -28.71 15.18
N ASP E 313 -33.62 -28.00 14.82
CA ASP E 313 -34.39 -28.38 13.65
C ASP E 313 -33.53 -28.33 12.39
N LEU E 314 -32.72 -27.27 12.25
CA LEU E 314 -31.84 -27.16 11.10
C LEU E 314 -30.82 -28.30 11.07
N VAL E 315 -30.27 -28.65 12.23
CA VAL E 315 -29.28 -29.73 12.28
C VAL E 315 -29.92 -31.05 11.88
N VAL E 316 -31.12 -31.32 12.39
CA VAL E 316 -31.82 -32.55 12.03
C VAL E 316 -32.12 -32.60 10.54
N LYS E 317 -32.59 -31.47 9.98
CA LYS E 317 -32.90 -31.43 8.56
C LYS E 317 -31.64 -31.64 7.71
N LEU E 318 -30.52 -31.05 8.11
CA LEU E 318 -29.28 -31.24 7.38
C LEU E 318 -28.82 -32.69 7.44
N GLU E 319 -28.97 -33.33 8.61
CA GLU E 319 -28.60 -34.74 8.73
C GLU E 319 -29.47 -35.62 7.85
N GLU E 320 -30.77 -35.36 7.85
CA GLU E 320 -31.71 -36.25 7.15
C GLU E 320 -31.45 -36.29 5.66
N GLU E 321 -31.23 -35.13 5.05
CA GLU E 321 -30.99 -35.06 3.61
C GLU E 321 -29.55 -35.45 3.28
N MET F 1 28.65 43.10 -35.43
CA MET F 1 28.66 41.65 -35.30
C MET F 1 27.67 41.18 -34.25
N ILE F 2 27.46 39.87 -34.21
CA ILE F 2 26.60 39.23 -33.22
C ILE F 2 27.40 38.10 -32.58
N SER F 3 27.39 38.04 -31.26
CA SER F 3 28.09 37.00 -30.53
C SER F 3 27.15 36.39 -29.51
N GLY F 4 27.32 35.10 -29.24
CA GLY F 4 26.43 34.47 -28.29
C GLY F 4 27.00 33.32 -27.50
N SER F 5 26.53 33.17 -26.26
CA SER F 5 26.83 32.02 -25.42
C SER F 5 25.51 31.44 -24.90
N VAL F 6 25.35 30.13 -25.02
CA VAL F 6 24.07 29.47 -24.77
C VAL F 6 24.31 28.21 -23.96
N ARG F 7 23.40 27.93 -23.02
CA ARG F 7 23.48 26.79 -22.13
C ARG F 7 22.25 25.90 -22.31
N PHE F 8 22.48 24.60 -22.54
CA PHE F 8 21.41 23.66 -22.86
C PHE F 8 21.40 22.49 -21.88
N LEU F 9 20.24 21.84 -21.78
CA LEU F 9 20.05 20.67 -20.93
C LEU F 9 19.34 19.59 -21.74
N VAL F 10 19.98 18.44 -21.91
CA VAL F 10 19.51 17.41 -22.82
C VAL F 10 19.46 16.06 -22.10
N ASN F 11 18.42 15.28 -22.37
CA ASN F 11 18.20 14.00 -21.70
C ASN F 11 17.88 12.89 -22.70
N LEU F 12 18.44 11.71 -22.45
CA LEU F 12 18.20 10.50 -23.25
C LEU F 12 18.40 10.79 -24.74
N GLU F 13 19.67 11.00 -25.05
CA GLU F 13 20.14 11.64 -26.26
C GLU F 13 21.22 10.84 -26.97
N SER F 14 21.09 10.76 -28.29
CA SER F 14 22.18 10.25 -29.13
C SER F 14 22.05 10.95 -30.49
N LEU F 15 22.76 12.06 -30.66
CA LEU F 15 22.73 12.83 -31.89
C LEU F 15 23.94 12.62 -32.78
N ASN F 16 25.11 12.38 -32.21
CA ASN F 16 26.36 12.29 -32.97
C ASN F 16 27.02 10.95 -32.67
N GLY F 17 26.79 9.97 -33.55
CA GLY F 17 27.47 8.69 -33.45
C GLY F 17 28.82 8.71 -34.14
N VAL F 18 29.56 7.61 -33.97
CA VAL F 18 30.91 7.48 -34.48
C VAL F 18 31.06 6.06 -35.02
N GLU F 19 32.26 5.73 -35.48
CA GLU F 19 32.54 4.44 -36.13
C GLU F 19 31.98 3.28 -35.32
N SER F 20 31.29 2.38 -36.01
CA SER F 20 30.64 1.25 -35.36
C SER F 20 31.61 0.09 -35.19
N ILE F 21 31.55 -0.57 -34.05
CA ILE F 21 32.38 -1.73 -33.74
C ILE F 21 31.47 -2.90 -33.45
N GLY F 22 31.69 -4.01 -34.15
CA GLY F 22 30.86 -5.19 -33.98
C GLY F 22 29.42 -4.94 -34.36
N ASN F 23 28.54 -4.92 -33.36
CA ASN F 23 27.14 -4.59 -33.53
C ASN F 23 26.74 -3.43 -32.63
N LEU F 24 27.67 -2.52 -32.38
CA LEU F 24 27.49 -1.44 -31.43
C LEU F 24 27.79 -0.11 -32.09
N THR F 25 26.96 0.88 -31.83
CA THR F 25 27.16 2.25 -32.26
C THR F 25 27.57 3.09 -31.06
N LYS F 26 28.68 3.79 -31.18
CA LYS F 26 29.30 4.50 -30.06
C LYS F 26 29.10 6.00 -30.20
N HIS F 27 29.02 6.66 -29.05
CA HIS F 27 28.91 8.11 -28.99
C HIS F 27 30.29 8.75 -29.11
N ARG F 28 30.30 10.05 -29.35
CA ARG F 28 31.54 10.80 -29.49
C ARG F 28 31.94 11.37 -28.13
N THR F 29 33.16 11.08 -27.69
CA THR F 29 33.64 11.51 -26.39
C THR F 29 35.03 12.11 -26.53
N ALA F 30 35.38 12.95 -25.55
CA ALA F 30 36.67 13.61 -25.45
C ALA F 30 37.19 13.52 -24.03
N PRO F 31 38.51 13.52 -23.85
CA PRO F 31 39.08 13.44 -22.50
C PRO F 31 39.23 14.80 -21.84
N VAL F 32 38.97 14.85 -20.54
CA VAL F 32 39.18 16.04 -19.73
C VAL F 32 39.91 15.64 -18.47
N VAL F 33 40.57 16.61 -17.87
CA VAL F 33 41.32 16.43 -16.63
C VAL F 33 40.64 17.23 -15.53
N LEU F 34 40.29 16.56 -14.44
CA LEU F 34 39.59 17.17 -13.32
C LEU F 34 40.52 17.19 -12.11
N LYS F 35 40.53 18.31 -11.41
CA LYS F 35 41.41 18.52 -10.27
C LYS F 35 40.72 18.12 -8.98
N THR F 36 41.41 17.29 -8.19
CA THR F 36 40.92 16.86 -6.89
C THR F 36 41.97 17.14 -5.83
N SER F 37 41.57 16.98 -4.57
CA SER F 37 42.52 17.15 -3.47
C SER F 37 43.64 16.10 -3.55
N THR F 38 43.28 14.86 -3.86
CA THR F 38 44.29 13.82 -4.03
C THR F 38 45.18 14.10 -5.23
N GLY F 39 44.59 14.57 -6.33
CA GLY F 39 45.35 14.84 -7.54
C GLY F 39 44.50 15.12 -8.75
N TYR F 40 44.79 14.45 -9.86
CA TYR F 40 44.10 14.66 -11.12
C TYR F 40 43.44 13.37 -11.57
N LEU F 41 42.27 13.51 -12.21
CA LEU F 41 41.55 12.38 -12.76
C LEU F 41 41.25 12.64 -14.23
N VAL F 42 41.40 11.63 -15.06
CA VAL F 42 41.10 11.74 -16.49
C VAL F 42 39.74 11.10 -16.74
N ARG F 43 38.81 11.87 -17.29
CA ARG F 43 37.45 11.41 -17.51
C ARG F 43 37.07 11.61 -18.97
N TYR F 44 36.35 10.64 -19.53
CA TYR F 44 35.86 10.73 -20.90
C TYR F 44 34.44 11.26 -20.87
N VAL F 45 34.18 12.31 -21.64
CA VAL F 45 32.91 13.02 -21.56
C VAL F 45 32.32 13.14 -22.96
N PRO F 46 31.02 12.93 -23.13
CA PRO F 46 30.42 13.04 -24.47
C PRO F 46 30.47 14.46 -25.01
N VAL F 47 30.57 14.56 -26.33
CA VAL F 47 30.61 15.84 -27.04
C VAL F 47 29.78 15.73 -28.31
N ILE F 48 29.51 16.89 -28.92
CA ILE F 48 28.89 16.97 -30.24
C ILE F 48 29.76 17.87 -31.11
N SER F 49 30.08 17.41 -32.31
CA SER F 49 31.03 18.11 -33.16
C SER F 49 30.44 19.41 -33.66
N GLY F 50 31.30 20.20 -34.31
CA GLY F 50 30.92 21.46 -34.91
C GLY F 50 30.50 21.38 -36.36
N GLU F 51 30.41 20.18 -36.93
CA GLU F 51 30.02 20.03 -38.32
C GLU F 51 28.53 19.74 -38.46
N ALA F 52 27.95 18.99 -37.53
CA ALA F 52 26.52 18.73 -37.55
C ALA F 52 25.74 20.02 -37.41
N LEU F 53 26.19 20.91 -36.54
CA LEU F 53 25.53 22.19 -36.36
C LEU F 53 25.59 23.02 -37.64
N ALA F 54 26.73 23.03 -38.31
CA ALA F 54 26.86 23.76 -39.56
C ALA F 54 25.93 23.18 -40.63
N HIS F 55 25.84 21.85 -40.70
CA HIS F 55 24.94 21.23 -41.67
C HIS F 55 23.49 21.61 -41.39
N ALA F 56 23.09 21.57 -40.12
CA ALA F 56 21.72 21.95 -39.78
C ALA F 56 21.45 23.41 -40.12
N TYR F 57 22.40 24.30 -39.81
CA TYR F 57 22.22 25.70 -40.12
C TYR F 57 22.09 25.94 -41.62
N GLN F 58 22.94 25.28 -42.40
CA GLN F 58 22.88 25.44 -43.85
C GLN F 58 21.57 24.91 -44.42
N ALA F 59 21.10 23.77 -43.91
CA ALA F 59 19.82 23.24 -44.37
C ALA F 59 18.67 24.20 -44.05
N SER F 60 18.67 24.75 -42.83
CA SER F 60 17.62 25.70 -42.47
C SER F 60 17.68 26.95 -43.35
N LEU F 61 18.89 27.42 -43.65
CA LEU F 61 19.04 28.58 -44.52
C LEU F 61 18.53 28.28 -45.92
N VAL F 62 18.79 27.08 -46.43
CA VAL F 62 18.29 26.70 -47.76
C VAL F 62 16.76 26.72 -47.75
N ASP F 63 16.17 26.12 -46.72
CA ASP F 63 14.71 26.07 -46.65
C ASP F 63 14.11 27.46 -46.57
N ILE F 64 14.71 28.36 -45.79
CA ILE F 64 14.18 29.71 -45.70
C ILE F 64 14.38 30.47 -47.00
N ALA F 65 15.53 30.27 -47.65
CA ALA F 65 15.86 31.04 -48.85
C ALA F 65 14.96 30.67 -50.01
N LYS F 66 14.69 29.38 -50.20
CA LYS F 66 13.85 28.99 -51.33
C LYS F 66 12.42 29.51 -51.20
N LYS F 67 11.99 29.89 -49.99
CA LYS F 67 10.66 30.47 -49.83
C LYS F 67 10.59 31.91 -50.28
N GLU F 68 11.68 32.67 -50.14
CA GLU F 68 11.71 34.08 -50.51
C GLU F 68 12.22 34.31 -51.92
N GLY F 69 12.55 33.26 -52.67
CA GLY F 69 12.93 33.41 -54.05
C GLY F 69 14.38 33.74 -54.31
N LEU F 70 15.24 33.71 -53.29
CA LEU F 70 16.65 33.96 -53.50
C LEU F 70 17.27 32.81 -54.30
N PRO F 71 18.32 33.09 -55.08
CA PRO F 71 18.93 32.03 -55.89
C PRO F 71 19.52 30.92 -55.03
N VAL F 72 19.35 29.69 -55.48
CA VAL F 72 19.91 28.51 -54.81
C VAL F 72 20.51 27.60 -55.87
N GLY F 73 21.69 27.06 -55.57
CA GLY F 73 22.37 26.20 -56.53
C GLY F 73 21.62 24.91 -56.78
N SER F 74 21.95 24.27 -57.90
CA SER F 74 21.29 23.03 -58.28
C SER F 74 21.63 21.91 -57.31
N LEU F 75 22.92 21.70 -57.04
CA LEU F 75 23.34 20.65 -56.12
C LEU F 75 23.05 20.98 -54.66
N SER F 76 22.81 22.25 -54.34
CA SER F 76 22.43 22.62 -52.98
C SER F 76 20.93 22.62 -52.76
N SER F 77 20.13 22.61 -53.82
CA SER F 77 18.70 22.38 -53.68
C SER F 77 18.44 21.01 -53.08
N GLN F 78 19.12 20.00 -53.61
CA GLN F 78 19.27 18.74 -52.90
C GLN F 78 20.22 18.96 -51.73
N TYR F 79 19.94 18.32 -50.60
CA TYR F 79 20.72 18.55 -49.38
C TYR F 79 22.07 17.85 -49.50
N GLU F 80 22.87 18.35 -50.45
CA GLU F 80 24.19 17.81 -50.76
C GLU F 80 25.13 19.01 -50.90
N PHE F 81 25.77 19.38 -49.80
CA PHE F 81 26.56 20.61 -49.73
C PHE F 81 28.01 20.36 -50.19
N ILE F 82 28.13 19.86 -51.43
CA ILE F 82 29.46 19.75 -52.02
C ILE F 82 29.97 21.13 -52.40
N LYS F 83 29.09 22.03 -52.82
CA LYS F 83 29.43 23.36 -53.30
C LYS F 83 30.34 23.29 -54.51
N PHE F 84 30.69 24.45 -55.08
CA PHE F 84 31.37 24.48 -56.37
C PHE F 84 32.86 24.26 -56.12
N SER F 85 33.20 22.99 -55.83
CA SER F 85 34.54 22.62 -55.40
C SER F 85 35.40 22.14 -56.57
N THR F 86 34.92 21.18 -57.34
CA THR F 86 35.68 20.62 -58.46
C THR F 86 34.95 20.88 -59.77
N ASP F 87 35.58 20.45 -60.87
CA ASP F 87 35.04 20.72 -62.20
C ASP F 87 33.69 20.05 -62.40
N GLU F 88 33.52 18.85 -61.84
CA GLU F 88 32.24 18.15 -61.98
C GLU F 88 31.11 18.94 -61.34
N ALA F 89 31.39 19.60 -60.21
CA ALA F 89 30.37 20.44 -59.59
C ALA F 89 30.02 21.63 -60.47
N LEU F 90 31.02 22.26 -61.08
CA LEU F 90 30.75 23.40 -61.94
C LEU F 90 29.99 23.00 -63.20
N LYS F 91 30.22 21.77 -63.68
CA LYS F 91 29.57 21.35 -64.93
C LYS F 91 28.06 21.30 -64.78
N ILE F 92 27.56 20.80 -63.65
CA ILE F 92 26.13 20.70 -63.45
C ILE F 92 25.49 22.08 -63.34
N GLU F 93 26.12 22.99 -62.60
CA GLU F 93 25.55 24.31 -62.40
C GLU F 93 25.71 25.20 -63.63
N GLY F 94 26.80 25.03 -64.37
CA GLY F 94 26.99 25.79 -65.59
C GLY F 94 27.76 27.08 -65.40
N ILE F 95 28.94 27.01 -64.78
CA ILE F 95 29.80 28.16 -64.57
C ILE F 95 31.16 27.85 -65.18
N LYS F 96 31.68 28.77 -65.99
CA LYS F 96 33.01 28.62 -66.54
C LYS F 96 34.06 28.83 -65.45
N GLU F 97 35.13 28.04 -65.51
CA GLU F 97 36.18 28.16 -64.52
C GLU F 97 36.94 29.48 -64.69
N PRO F 98 37.52 30.00 -63.62
CA PRO F 98 38.29 31.25 -63.72
C PRO F 98 39.48 31.09 -64.66
N LYS F 99 39.81 32.17 -65.36
CA LYS F 99 40.90 32.12 -66.33
C LYS F 99 42.26 32.24 -65.66
N ASP F 100 42.47 33.34 -64.91
CA ASP F 100 43.75 33.59 -64.27
C ASP F 100 43.49 34.29 -62.95
N TYR F 101 44.58 34.74 -62.31
CA TYR F 101 44.46 35.40 -61.01
C TYR F 101 43.68 36.70 -61.11
N ASN F 102 43.88 37.46 -62.19
CA ASN F 102 43.21 38.74 -62.33
C ASN F 102 41.70 38.58 -62.50
N ASP F 103 41.27 37.43 -63.03
CA ASP F 103 39.85 37.18 -63.26
C ASP F 103 39.18 36.46 -62.10
N ALA F 104 39.90 36.23 -60.99
CA ALA F 104 39.34 35.50 -59.86
C ALA F 104 38.11 36.21 -59.30
N ARG F 105 38.17 37.54 -59.19
CA ARG F 105 37.07 38.28 -58.58
C ARG F 105 35.78 38.12 -59.36
N ARG F 106 35.86 38.12 -60.69
CA ARG F 106 34.67 37.93 -61.52
C ARG F 106 34.03 36.57 -61.24
N PHE F 107 34.86 35.53 -61.16
CA PHE F 107 34.36 34.19 -60.86
C PHE F 107 33.72 34.16 -59.47
N GLU F 108 34.35 34.83 -58.50
CA GLU F 108 33.78 34.89 -57.16
C GLU F 108 32.40 35.53 -57.18
N VAL F 109 32.27 36.65 -57.91
CA VAL F 109 30.98 37.33 -57.97
C VAL F 109 29.94 36.44 -58.65
N GLU F 110 30.32 35.75 -59.73
CA GLU F 110 29.38 34.88 -60.42
C GLU F 110 28.89 33.77 -59.50
N VAL F 111 29.81 33.09 -58.81
CA VAL F 111 29.43 32.06 -57.85
C VAL F 111 28.54 32.65 -56.77
N MET F 112 28.91 33.81 -56.24
CA MET F 112 28.16 34.45 -55.17
C MET F 112 26.76 34.82 -55.59
N LEU F 113 26.56 35.13 -56.88
CA LEU F 113 25.24 35.45 -57.40
C LEU F 113 24.43 34.23 -57.80
N LYS F 114 25.07 33.10 -58.08
CA LYS F 114 24.34 31.91 -58.46
C LYS F 114 23.95 31.02 -57.29
N ASP F 115 24.40 31.32 -56.08
CA ASP F 115 24.12 30.45 -54.94
C ASP F 115 24.31 31.23 -53.65
N VAL F 116 23.26 31.29 -52.83
CA VAL F 116 23.36 32.01 -51.55
C VAL F 116 24.25 31.26 -50.57
N ILE F 117 24.15 29.93 -50.55
CA ILE F 117 24.90 29.14 -49.58
C ILE F 117 26.40 29.29 -49.82
N ALA F 118 26.82 29.33 -51.08
CA ALA F 118 28.23 29.57 -51.37
C ALA F 118 28.68 30.94 -50.88
N ASP F 119 27.76 31.88 -50.69
CA ASP F 119 28.12 33.18 -50.13
C ASP F 119 28.17 33.14 -48.62
N VAL F 120 27.06 32.83 -47.96
CA VAL F 120 27.02 32.85 -46.51
C VAL F 120 27.86 31.71 -45.94
N GLY F 121 27.68 30.50 -46.46
CA GLY F 121 28.43 29.37 -45.95
C GLY F 121 29.91 29.44 -46.29
N GLY F 122 30.23 29.94 -47.47
CA GLY F 122 31.60 29.96 -47.93
C GLY F 122 31.96 28.73 -48.75
N PHE F 123 32.96 28.89 -49.61
CA PHE F 123 33.34 27.83 -50.52
C PHE F 123 34.83 27.88 -50.76
N MET F 124 35.37 26.78 -51.29
CA MET F 124 36.74 26.73 -51.75
C MET F 124 36.78 25.97 -53.07
N TYR F 125 37.48 26.52 -54.06
CA TYR F 125 37.64 25.89 -55.36
C TYR F 125 39.11 25.53 -55.55
N ALA F 126 39.39 24.24 -55.67
CA ALA F 126 40.74 23.78 -55.94
C ALA F 126 41.01 23.82 -57.44
N GLY F 127 42.24 24.15 -57.80
CA GLY F 127 42.62 24.19 -59.21
C GLY F 127 43.85 25.07 -59.39
N GLY F 128 44.08 25.45 -60.65
CA GLY F 128 45.22 26.28 -60.97
C GLY F 128 45.14 27.66 -60.33
N ALA F 129 43.94 28.21 -60.21
CA ALA F 129 43.72 29.53 -59.61
C ALA F 129 42.67 29.37 -58.51
N PRO F 130 43.07 28.94 -57.32
CA PRO F 130 42.11 28.73 -56.25
C PRO F 130 41.46 30.02 -55.80
N VAL F 131 40.19 29.90 -55.38
CA VAL F 131 39.43 31.02 -54.84
C VAL F 131 38.91 30.62 -53.46
N ARG F 132 38.95 31.54 -52.52
CA ARG F 132 38.61 31.25 -51.13
C ARG F 132 37.51 32.17 -50.66
N ARG F 133 36.74 31.70 -49.68
CA ARG F 133 35.74 32.53 -49.02
C ARG F 133 35.45 31.91 -47.65
N THR F 134 35.85 32.61 -46.59
CA THR F 134 35.63 32.11 -45.24
C THR F 134 34.15 32.21 -44.86
N SER F 135 33.69 31.26 -44.05
CA SER F 135 32.31 31.26 -43.61
C SER F 135 32.00 32.49 -42.78
N ARG F 136 30.78 32.98 -42.90
CA ARG F 136 30.34 34.12 -42.10
C ARG F 136 29.82 33.70 -40.73
N ILE F 137 29.65 32.41 -40.46
CA ILE F 137 29.15 31.94 -39.17
C ILE F 137 30.19 30.99 -38.57
N LYS F 138 30.54 31.24 -37.31
CA LYS F 138 31.52 30.44 -36.60
C LYS F 138 30.83 29.73 -35.45
N LEU F 139 30.95 28.39 -35.42
CA LEU F 139 30.36 27.54 -34.41
C LEU F 139 31.43 26.66 -33.79
N GLY F 140 31.28 26.37 -32.50
CA GLY F 140 32.23 25.57 -31.78
C GLY F 140 31.60 24.30 -31.24
N TYR F 141 32.45 23.43 -30.68
CA TYR F 141 32.00 22.16 -30.16
C TYR F 141 31.05 22.35 -29.00
N MET F 142 30.14 21.40 -28.82
CA MET F 142 29.21 21.41 -27.70
C MET F 142 29.77 20.50 -26.62
N ILE F 143 30.25 21.10 -25.52
CA ILE F 143 30.87 20.35 -24.44
C ILE F 143 30.16 20.68 -23.14
N PRO F 144 29.84 19.69 -22.30
CA PRO F 144 29.17 19.99 -21.03
C PRO F 144 30.06 20.80 -20.10
N ALA F 145 29.41 21.61 -19.28
CA ALA F 145 30.13 22.59 -18.47
C ALA F 145 30.94 21.90 -17.38
N LEU F 146 32.23 22.25 -17.31
CA LEU F 146 33.12 21.75 -16.27
C LEU F 146 33.07 22.74 -15.12
N ARG F 147 31.99 22.66 -14.35
CA ARG F 147 31.73 23.59 -13.26
C ARG F 147 31.74 22.84 -11.94
N GLY F 148 32.48 23.37 -10.97
CA GLY F 148 32.58 22.70 -9.69
C GLY F 148 33.56 21.54 -9.74
N ASP F 149 33.28 20.52 -8.93
CA ASP F 149 34.12 19.33 -8.86
C ASP F 149 33.41 18.09 -9.37
N GLU F 150 32.32 18.25 -10.12
CA GLU F 150 31.58 17.13 -10.67
C GLU F 150 31.22 17.44 -12.11
N ILE F 151 31.28 16.41 -12.96
CA ILE F 151 30.91 16.54 -14.37
C ILE F 151 29.50 16.00 -14.52
N PRO F 152 28.51 16.83 -14.85
CA PRO F 152 27.12 16.35 -14.97
C PRO F 152 26.84 15.74 -16.34
N ALA F 153 27.42 14.57 -16.58
CA ALA F 153 27.22 13.85 -17.83
C ALA F 153 27.39 12.36 -17.60
N GLN F 154 26.58 11.57 -18.28
CA GLN F 154 26.64 10.12 -18.21
C GLN F 154 26.52 9.54 -19.61
N LEU F 155 26.79 8.24 -19.72
CA LEU F 155 26.79 7.56 -21.01
C LEU F 155 26.61 6.07 -20.76
N GLU F 156 25.51 5.50 -21.26
CA GLU F 156 25.19 4.11 -21.01
C GLU F 156 24.90 3.41 -22.34
N ALA F 157 24.92 2.08 -22.32
CA ALA F 157 24.63 1.27 -23.50
C ALA F 157 23.28 0.59 -23.33
N GLN F 158 22.45 0.68 -24.35
CA GLN F 158 21.12 0.08 -24.36
C GLN F 158 21.07 -1.02 -25.39
N PHE F 159 20.31 -2.07 -25.06
CA PHE F 159 20.24 -3.31 -25.80
C PHE F 159 18.90 -3.40 -26.53
N HIS F 160 18.94 -3.66 -27.84
CA HIS F 160 17.72 -3.67 -28.64
C HIS F 160 17.69 -4.90 -29.54
N VAL F 161 16.48 -5.37 -29.81
CA VAL F 161 16.23 -6.64 -30.49
C VAL F 161 15.15 -6.42 -31.55
N ARG F 162 15.31 -7.07 -32.70
CA ARG F 162 14.28 -7.12 -33.74
C ARG F 162 13.64 -8.50 -33.74
N PHE F 163 12.31 -8.51 -33.72
CA PHE F 163 11.55 -9.75 -33.57
C PHE F 163 11.28 -10.38 -34.93
N SER F 164 11.48 -11.70 -35.02
CA SER F 164 11.19 -12.45 -36.23
C SER F 164 10.60 -13.79 -35.87
N ASN F 165 9.80 -14.34 -36.78
CA ASN F 165 9.12 -15.60 -36.54
C ASN F 165 9.97 -16.82 -36.85
N LYS F 166 11.09 -16.65 -37.56
CA LYS F 166 11.95 -17.77 -37.94
C LYS F 166 13.38 -17.43 -37.54
N PRO F 167 13.72 -17.54 -36.25
CA PRO F 167 15.06 -17.19 -35.80
C PRO F 167 16.12 -18.05 -36.47
N VAL F 168 17.25 -17.42 -36.81
CA VAL F 168 18.35 -18.11 -37.46
C VAL F 168 19.66 -17.74 -36.78
N ALA F 173 19.70 -9.71 -35.28
CA ALA F 173 18.50 -9.57 -34.48
C ALA F 173 18.80 -8.87 -33.16
N ILE F 174 20.05 -8.42 -33.00
CA ILE F 174 20.52 -7.79 -31.78
C ILE F 174 21.43 -6.63 -32.14
N PHE F 175 21.27 -5.51 -31.45
CA PHE F 175 22.19 -4.39 -31.60
C PHE F 175 22.20 -3.57 -30.30
N ASN F 176 23.19 -2.69 -30.19
CA ASN F 176 23.37 -1.86 -29.01
C ASN F 176 23.61 -0.43 -29.42
N VAL F 177 23.12 0.50 -28.61
CA VAL F 177 23.21 1.93 -28.91
C VAL F 177 23.57 2.68 -27.63
N GLU F 178 24.49 3.64 -27.74
CA GLU F 178 24.92 4.43 -26.59
C GLU F 178 24.06 5.68 -26.46
N VAL F 179 23.55 5.91 -25.25
CA VAL F 179 22.67 7.03 -24.96
C VAL F 179 23.30 7.85 -23.84
N SER F 180 22.98 9.15 -23.81
CA SER F 180 23.63 10.07 -22.90
C SER F 180 22.64 11.09 -22.37
N SER F 181 23.08 11.86 -21.37
CA SER F 181 22.31 12.94 -20.79
C SER F 181 23.28 13.89 -20.11
N ALA F 182 23.44 15.10 -20.64
CA ALA F 182 24.43 16.04 -20.15
C ALA F 182 23.82 17.42 -20.01
N LEU F 183 24.67 18.40 -19.68
CA LEU F 183 24.29 19.80 -19.56
C LEU F 183 25.24 20.58 -20.47
N TYR F 184 24.80 20.83 -21.70
CA TYR F 184 25.69 21.33 -22.74
C TYR F 184 25.75 22.85 -22.76
N THR F 185 26.83 23.37 -23.34
CA THR F 185 27.06 24.80 -23.50
C THR F 185 27.83 25.02 -24.80
N PHE F 186 27.44 26.05 -25.56
CA PHE F 186 28.23 26.37 -26.73
C PHE F 186 28.10 27.85 -27.06
N SER F 187 29.05 28.36 -27.83
CA SER F 187 29.11 29.76 -28.20
C SER F 187 29.35 29.90 -29.70
N PHE F 188 28.91 31.03 -30.24
CA PHE F 188 28.95 31.22 -31.69
C PHE F 188 29.16 32.70 -32.02
N GLU F 189 29.57 32.93 -33.27
CA GLU F 189 29.80 34.27 -33.79
C GLU F 189 29.22 34.39 -35.19
N LEU F 190 28.67 35.55 -35.51
CA LEU F 190 28.15 35.83 -36.83
C LEU F 190 28.44 37.28 -37.18
N ASP F 191 28.76 37.54 -38.45
CA ASP F 191 29.11 38.90 -38.89
C ASP F 191 28.18 39.29 -40.04
N GLU F 192 27.04 39.87 -39.70
CA GLU F 192 26.07 40.29 -40.71
C GLU F 192 26.55 41.47 -41.54
N ASP F 193 27.62 42.15 -41.12
CA ASP F 193 28.09 43.31 -41.88
C ASP F 193 28.82 42.89 -43.15
N LEU F 194 29.42 41.70 -43.18
CA LEU F 194 30.18 41.25 -44.33
C LEU F 194 29.36 40.42 -45.30
N ILE F 195 28.06 40.28 -45.07
CA ILE F 195 27.21 39.51 -45.97
C ILE F 195 27.06 40.26 -47.29
N ALA F 196 27.10 39.52 -48.40
CA ALA F 196 26.94 40.08 -49.74
C ALA F 196 28.06 41.04 -50.10
N VAL F 197 29.26 40.79 -49.61
CA VAL F 197 30.43 41.59 -49.93
C VAL F 197 31.49 40.66 -50.49
N PRO F 198 32.05 40.94 -51.66
CA PRO F 198 33.13 40.09 -52.19
C PRO F 198 34.36 40.16 -51.31
N SER F 199 35.18 39.12 -51.40
CA SER F 199 36.34 39.00 -50.51
C SER F 199 37.63 38.85 -51.29
N THR F 200 37.85 39.70 -52.29
CA THR F 200 39.09 39.68 -53.06
C THR F 200 39.34 41.08 -53.61
N PHE F 201 40.57 41.56 -53.50
CA PHE F 201 40.92 42.87 -54.01
C PHE F 201 40.94 42.87 -55.53
N GLY F 202 40.69 44.05 -56.09
CA GLY F 202 40.64 44.24 -57.52
C GLY F 202 39.70 45.38 -57.86
N GLU F 203 39.31 45.42 -59.13
CA GLU F 203 38.38 46.41 -59.62
C GLU F 203 36.97 45.84 -59.69
N LYS F 204 35.98 46.70 -59.48
CA LYS F 204 34.60 46.26 -59.48
C LYS F 204 34.21 45.67 -60.83
N VAL F 205 33.51 44.54 -60.78
CA VAL F 205 33.07 43.82 -61.98
C VAL F 205 31.57 43.96 -62.08
N LYS F 206 31.07 44.04 -63.33
CA LYS F 206 29.65 44.21 -63.56
C LYS F 206 28.85 43.11 -62.89
N GLY F 207 27.77 43.49 -62.20
CA GLY F 207 26.95 42.56 -61.43
C GLY F 207 26.95 42.81 -59.94
N GLU F 208 27.77 43.73 -59.42
CA GLU F 208 27.78 44.00 -57.99
C GLU F 208 26.54 44.76 -57.54
N GLU F 209 25.87 45.47 -58.44
CA GLU F 209 24.67 46.21 -58.08
C GLU F 209 23.56 45.26 -57.64
N GLU F 210 23.47 44.10 -58.28
CA GLU F 210 22.51 43.09 -57.84
C GLU F 210 22.81 42.65 -56.41
N LEU F 211 24.09 42.46 -56.09
CA LEU F 211 24.46 42.12 -54.71
C LEU F 211 24.08 43.22 -53.74
N GLU F 212 24.31 44.48 -54.14
CA GLU F 212 23.92 45.59 -53.28
C GLU F 212 22.42 45.61 -53.05
N ARG F 213 21.64 45.27 -54.07
CA ARG F 213 20.18 45.22 -53.91
C ARG F 213 19.76 44.07 -53.01
N GLN F 214 20.44 42.93 -53.10
CA GLN F 214 20.07 41.73 -52.37
C GLN F 214 20.68 41.66 -50.97
N LYS F 215 21.52 42.62 -50.60
CA LYS F 215 22.19 42.59 -49.31
C LYS F 215 21.20 42.49 -48.15
N ALA F 216 20.16 43.32 -48.16
CA ALA F 216 19.23 43.36 -47.04
C ALA F 216 18.50 42.03 -46.87
N LYS F 217 18.01 41.47 -47.98
CA LYS F 217 17.31 40.20 -47.91
C LYS F 217 18.23 39.07 -47.46
N ARG F 218 19.47 39.06 -47.95
CA ARG F 218 20.41 38.02 -47.53
C ARG F 218 20.72 38.13 -46.04
N VAL F 219 20.89 39.36 -45.55
CA VAL F 219 21.15 39.55 -44.12
C VAL F 219 19.96 39.07 -43.29
N LYS F 220 18.75 39.42 -43.72
CA LYS F 220 17.56 39.01 -42.99
C LYS F 220 17.44 37.49 -42.94
N SER F 221 17.69 36.83 -44.07
CA SER F 221 17.61 35.37 -44.11
C SER F 221 18.68 34.74 -43.23
N ALA F 222 19.91 35.26 -43.26
CA ALA F 222 20.98 34.72 -42.46
C ALA F 222 20.68 34.85 -40.98
N ILE F 223 20.11 35.98 -40.57
CA ILE F 223 19.71 36.13 -39.17
C ILE F 223 18.58 35.16 -38.83
N LYS F 224 17.60 35.02 -39.74
CA LYS F 224 16.48 34.13 -39.47
C LYS F 224 16.92 32.69 -39.30
N ALA F 225 17.98 32.27 -40.00
CA ALA F 225 18.41 30.88 -39.92
C ALA F 225 18.93 30.50 -38.53
N LEU F 226 19.23 31.48 -37.66
CA LEU F 226 19.70 31.16 -36.32
C LEU F 226 18.62 30.59 -35.43
N TYR F 227 17.35 30.83 -35.77
CA TYR F 227 16.24 30.32 -34.96
C TYR F 227 16.25 28.81 -34.89
N SER F 228 16.62 28.15 -35.98
CA SER F 228 16.66 26.69 -35.99
C SER F 228 17.69 26.16 -35.02
N LEU F 229 18.91 26.70 -35.06
CA LEU F 229 19.94 26.25 -34.13
C LEU F 229 19.57 26.56 -32.69
N LEU F 230 19.05 27.76 -32.43
CA LEU F 230 18.68 28.11 -31.06
C LEU F 230 17.42 27.40 -30.59
N SER F 231 16.70 26.75 -31.49
CA SER F 231 15.52 25.97 -31.11
C SER F 231 15.79 24.48 -30.99
N GLY F 232 16.91 23.98 -31.53
CA GLY F 232 17.29 22.60 -31.35
C GLY F 232 16.86 21.64 -32.44
N ASN F 233 17.19 21.95 -33.69
CA ASN F 233 16.87 21.10 -34.83
C ASN F 233 18.12 20.55 -35.50
N PHE F 234 19.08 20.10 -34.70
CA PHE F 234 20.35 19.58 -35.21
C PHE F 234 20.52 18.13 -34.77
N GLY F 235 21.56 17.49 -35.33
CA GLY F 235 21.89 16.13 -34.96
C GLY F 235 21.10 15.10 -35.72
N GLY F 236 21.31 13.84 -35.32
CA GLY F 236 20.67 12.73 -35.99
C GLY F 236 19.96 11.75 -35.08
N LYS F 237 19.45 10.66 -35.65
CA LYS F 237 18.71 9.63 -34.92
C LYS F 237 17.52 10.21 -34.19
N ARG F 238 16.84 11.16 -34.82
CA ARG F 238 15.67 11.79 -34.24
C ARG F 238 14.39 11.02 -34.48
N SER F 239 14.41 10.00 -35.32
CA SER F 239 13.18 9.26 -35.63
C SER F 239 12.73 8.42 -34.44
N ARG F 240 13.66 7.69 -33.82
CA ARG F 240 13.34 6.86 -32.66
C ARG F 240 13.99 7.37 -31.37
N PHE F 241 15.01 8.21 -31.45
CA PHE F 241 15.69 8.72 -30.27
C PHE F 241 15.57 10.24 -30.19
N LEU F 242 14.36 10.76 -30.40
CA LEU F 242 14.16 12.19 -30.33
C LEU F 242 14.51 12.71 -28.94
N PRO F 243 15.40 13.68 -28.82
CA PRO F 243 15.86 14.13 -27.50
C PRO F 243 14.84 15.05 -26.85
N SER F 244 15.22 15.57 -25.69
CA SER F 244 14.37 16.47 -24.90
C SER F 244 15.23 17.63 -24.42
N MET F 245 15.22 18.74 -25.17
CA MET F 245 16.09 19.86 -24.89
C MET F 245 15.35 20.93 -24.08
N LYS F 246 16.12 21.88 -23.56
CA LYS F 246 15.58 22.99 -22.77
C LYS F 246 16.65 24.06 -22.66
N LEU F 247 16.22 25.31 -22.65
CA LEU F 247 17.12 26.46 -22.58
C LEU F 247 17.22 26.95 -21.14
N MET F 248 18.44 27.23 -20.68
CA MET F 248 18.68 27.66 -19.31
C MET F 248 19.21 29.08 -19.25
N SER F 249 20.31 29.38 -19.94
CA SER F 249 20.91 30.71 -19.91
C SER F 249 21.38 31.08 -21.31
N LEU F 250 21.22 32.36 -21.64
CA LEU F 250 21.57 32.84 -22.97
C LEU F 250 22.02 34.28 -22.89
N VAL F 251 23.18 34.59 -23.47
CA VAL F 251 23.68 35.95 -23.57
C VAL F 251 24.06 36.23 -25.02
N VAL F 252 23.49 37.27 -25.60
CA VAL F 252 23.80 37.67 -26.98
C VAL F 252 24.20 39.14 -26.98
N THR F 253 25.31 39.44 -27.63
CA THR F 253 25.85 40.79 -27.68
C THR F 253 25.95 41.25 -29.13
N LYS F 254 25.47 42.46 -29.40
CA LYS F 254 25.56 43.08 -30.71
C LYS F 254 26.41 44.34 -30.60
N THR F 255 27.47 44.42 -31.41
CA THR F 255 28.43 45.52 -31.37
C THR F 255 28.78 45.95 -32.79
N ASP F 256 29.76 46.85 -32.89
CA ASP F 256 30.30 47.30 -34.16
C ASP F 256 31.80 47.03 -34.28
N PHE F 257 32.31 46.10 -33.48
CA PHE F 257 33.74 45.81 -33.41
C PHE F 257 33.91 44.40 -32.91
N PRO F 258 35.07 43.78 -33.12
CA PRO F 258 35.28 42.40 -32.65
C PRO F 258 35.13 42.29 -31.15
N PHE F 259 34.45 41.24 -30.71
CA PHE F 259 34.21 40.95 -29.30
C PHE F 259 33.55 39.59 -29.18
N MET F 260 33.81 38.91 -28.07
CA MET F 260 33.15 37.65 -27.76
C MET F 260 32.93 37.56 -26.25
N PRO F 261 31.90 36.82 -25.83
CA PRO F 261 31.64 36.67 -24.40
C PRO F 261 32.43 35.51 -23.79
N GLU F 262 32.36 35.42 -22.47
CA GLU F 262 33.05 34.37 -21.75
C GLU F 262 32.37 33.02 -22.01
N PRO F 263 33.13 31.92 -21.96
CA PRO F 263 32.51 30.60 -22.05
C PRO F 263 31.59 30.34 -20.88
N ALA F 264 30.51 29.61 -21.15
CA ALA F 264 29.50 29.33 -20.11
C ALA F 264 29.91 28.11 -19.28
N HIS F 265 31.13 28.13 -18.76
CA HIS F 265 31.64 27.04 -17.94
C HIS F 265 31.61 27.34 -16.45
N ASP F 266 31.52 28.61 -16.07
CA ASP F 266 31.39 29.01 -14.68
C ASP F 266 29.94 29.39 -14.40
N ASP F 267 29.61 29.45 -13.11
CA ASP F 267 28.24 29.78 -12.72
C ASP F 267 27.94 31.26 -12.87
N ASP F 268 28.97 32.10 -13.00
CA ASP F 268 28.81 33.55 -13.15
C ASP F 268 29.61 33.99 -14.37
N TYR F 269 28.99 33.95 -15.54
CA TYR F 269 29.64 34.30 -16.79
C TYR F 269 28.97 35.45 -17.53
N ILE F 270 27.93 36.05 -16.96
CA ILE F 270 27.29 37.20 -17.58
C ILE F 270 27.86 38.50 -17.04
N LYS F 271 28.12 38.56 -15.73
CA LYS F 271 28.73 39.76 -15.15
C LYS F 271 30.09 40.02 -15.75
N THR F 272 30.90 38.96 -15.90
CA THR F 272 32.23 39.10 -16.49
C THR F 272 32.15 39.63 -17.91
N THR F 273 31.23 39.10 -18.72
CA THR F 273 31.17 39.53 -20.10
C THR F 273 30.60 40.95 -20.21
N ILE F 274 29.72 41.36 -19.31
CA ILE F 274 29.24 42.74 -19.34
C ILE F 274 30.38 43.70 -19.00
N MET F 275 31.16 43.38 -17.97
CA MET F 275 32.29 44.23 -17.61
C MET F 275 33.31 44.30 -18.75
N ARG F 276 33.61 43.17 -19.36
CA ARG F 276 34.57 43.15 -20.46
C ARG F 276 34.03 43.88 -21.68
N LEU F 277 32.72 43.81 -21.93
CA LEU F 277 32.12 44.59 -23.02
C LEU F 277 32.29 46.07 -22.76
N GLY F 278 32.05 46.51 -21.54
CA GLY F 278 32.27 47.91 -21.21
C GLY F 278 33.71 48.34 -21.47
N LYS F 279 34.66 47.54 -20.99
CA LYS F 279 36.07 47.89 -21.16
C LYS F 279 36.46 47.89 -22.64
N ALA F 280 35.99 46.90 -23.41
CA ALA F 280 36.35 46.81 -24.81
C ALA F 280 35.78 47.98 -25.61
N LYS F 281 34.52 48.34 -25.33
CA LYS F 281 33.97 49.53 -25.97
C LYS F 281 34.76 50.77 -25.60
N GLY F 282 35.20 50.87 -24.34
CA GLY F 282 36.00 52.00 -23.94
C GLY F 282 37.34 52.08 -24.66
N VAL F 283 37.96 50.94 -24.93
CA VAL F 283 39.32 50.96 -25.46
C VAL F 283 39.34 51.04 -26.99
N LEU F 284 38.39 50.38 -27.65
CA LEU F 284 38.39 50.30 -29.11
C LEU F 284 37.58 51.40 -29.78
N ASN F 285 37.06 52.35 -29.02
CA ASN F 285 36.29 53.48 -29.56
C ASN F 285 35.07 53.01 -30.36
N GLY F 286 34.33 52.07 -29.79
CA GLY F 286 33.11 51.62 -30.41
C GLY F 286 31.96 52.58 -30.17
N ASN F 287 30.88 52.36 -30.91
CA ASN F 287 29.69 53.20 -30.80
C ASN F 287 28.45 52.43 -30.37
N LEU F 288 28.24 51.24 -30.90
CA LEU F 288 27.07 50.43 -30.58
C LEU F 288 27.48 49.24 -29.73
N ALA F 289 26.73 49.00 -28.65
CA ALA F 289 27.00 47.86 -27.78
C ALA F 289 25.72 47.55 -27.02
N LYS F 290 25.08 46.43 -27.35
CA LYS F 290 23.84 46.03 -26.70
C LYS F 290 23.93 44.58 -26.27
N ALA F 291 23.31 44.26 -25.14
CA ALA F 291 23.34 42.91 -24.57
C ALA F 291 21.92 42.48 -24.24
N TYR F 292 21.56 41.27 -24.67
CA TYR F 292 20.28 40.66 -24.35
C TYR F 292 20.52 39.35 -23.62
N VAL F 293 19.81 39.16 -22.51
CA VAL F 293 20.01 38.00 -21.64
C VAL F 293 18.67 37.33 -21.37
N ILE F 294 18.66 36.00 -21.49
CA ILE F 294 17.54 35.16 -21.07
C ILE F 294 18.03 34.28 -19.94
N ASN F 295 17.36 34.36 -18.79
CA ASN F 295 17.78 33.68 -17.58
C ASN F 295 16.66 32.77 -17.09
N ASN F 296 16.98 31.50 -16.85
CA ASN F 296 16.02 30.53 -16.35
C ASN F 296 16.51 29.74 -15.16
N GLU F 297 17.82 29.66 -14.91
CA GLU F 297 18.34 28.98 -13.74
C GLU F 297 18.65 29.94 -12.60
N GLY F 298 18.28 31.21 -12.72
CA GLY F 298 18.39 32.14 -11.60
C GLY F 298 19.80 32.48 -11.15
N ILE F 299 20.71 32.75 -12.09
CA ILE F 299 22.05 33.17 -11.75
C ILE F 299 22.13 34.69 -11.83
N GLU F 300 23.19 35.24 -11.22
CA GLU F 300 23.33 36.69 -11.16
C GLU F 300 23.58 37.28 -12.54
N VAL F 301 22.93 38.40 -12.82
CA VAL F 301 22.97 39.03 -14.13
C VAL F 301 23.81 40.30 -14.12
N GLY F 302 23.42 41.29 -13.32
CA GLY F 302 24.08 42.57 -13.33
C GLY F 302 23.12 43.72 -13.57
N GLU F 303 23.59 44.78 -14.22
CA GLU F 303 22.75 45.92 -14.52
C GLU F 303 23.05 46.43 -15.93
N GLY F 304 22.05 47.04 -16.55
CA GLY F 304 22.22 47.62 -17.87
C GLY F 304 22.01 46.63 -19.01
N VAL F 305 21.07 45.71 -18.85
CA VAL F 305 20.79 44.69 -19.84
C VAL F 305 19.29 44.50 -19.96
N THR F 306 18.79 44.47 -21.19
CA THR F 306 17.40 44.15 -21.44
C THR F 306 17.16 42.66 -21.23
N VAL F 307 16.07 42.33 -20.53
CA VAL F 307 15.74 40.95 -20.20
C VAL F 307 14.57 40.51 -21.08
N LEU F 308 14.77 39.45 -21.84
CA LEU F 308 13.76 38.89 -22.72
C LEU F 308 13.14 37.65 -22.07
N SER F 309 12.30 36.95 -22.81
CA SER F 309 11.64 35.76 -22.26
C SER F 309 11.81 34.54 -23.16
N THR F 310 11.89 34.75 -24.47
CA THR F 310 11.98 33.64 -25.43
C THR F 310 13.04 33.97 -26.47
N VAL F 311 13.14 33.11 -27.47
CA VAL F 311 14.11 33.30 -28.55
C VAL F 311 13.54 34.11 -29.70
N GLU F 312 12.22 34.05 -29.91
CA GLU F 312 11.59 34.84 -30.97
C GLU F 312 11.78 36.33 -30.73
N ASP F 313 11.68 36.75 -29.46
CA ASP F 313 11.95 38.14 -29.12
C ASP F 313 13.39 38.50 -29.48
N LEU F 314 14.32 37.60 -29.21
CA LEU F 314 15.72 37.85 -29.53
C LEU F 314 15.91 38.02 -31.04
N VAL F 315 15.27 37.17 -31.83
CA VAL F 315 15.43 37.26 -33.28
C VAL F 315 14.80 38.55 -33.80
N VAL F 316 13.63 38.93 -33.27
CA VAL F 316 12.99 40.17 -33.69
C VAL F 316 13.89 41.36 -33.39
N LYS F 317 14.43 41.42 -32.17
CA LYS F 317 15.28 42.53 -31.79
C LYS F 317 16.56 42.56 -32.61
N LEU F 318 17.12 41.39 -32.93
CA LEU F 318 18.30 41.33 -33.77
C LEU F 318 18.01 41.86 -35.16
N GLU F 319 16.86 41.49 -35.73
CA GLU F 319 16.51 41.96 -37.07
C GLU F 319 16.26 43.47 -37.09
N GLU F 320 15.63 44.00 -36.04
CA GLU F 320 15.26 45.42 -36.04
C GLU F 320 16.49 46.30 -36.14
N GLU F 321 17.54 45.98 -35.40
CA GLU F 321 18.75 46.79 -35.43
C GLU F 321 19.64 46.39 -36.60
N MET G 1 62.10 48.93 -28.05
CA MET G 1 61.42 47.64 -28.15
C MET G 1 60.27 47.56 -27.18
N ILE G 2 59.05 47.58 -27.70
CA ILE G 2 57.85 47.54 -26.87
C ILE G 2 57.32 46.12 -26.82
N TYR G 3 56.58 45.83 -25.74
CA TYR G 3 56.02 44.51 -25.50
C TYR G 3 54.58 44.65 -25.01
N SER G 4 53.81 43.58 -25.22
CA SER G 4 52.44 43.51 -24.77
C SER G 4 52.12 42.07 -24.35
N LYS G 5 51.34 41.94 -23.29
CA LYS G 5 50.87 40.66 -22.78
C LYS G 5 49.35 40.61 -22.97
N VAL G 6 48.84 39.44 -23.32
CA VAL G 6 47.40 39.23 -23.46
C VAL G 6 47.02 37.91 -22.81
N PHE G 7 45.88 37.92 -22.13
CA PHE G 7 45.33 36.74 -21.47
C PHE G 7 44.08 36.30 -22.21
N LEU G 8 44.08 35.06 -22.70
CA LEU G 8 42.97 34.51 -23.48
C LEU G 8 42.33 33.36 -22.71
N LYS G 9 41.00 33.30 -22.75
CA LYS G 9 40.26 32.17 -22.20
C LYS G 9 39.74 31.34 -23.37
N LEU G 10 40.15 30.07 -23.42
CA LEU G 10 39.76 29.20 -24.51
C LEU G 10 38.40 28.57 -24.25
N HIS G 11 37.70 28.22 -25.32
CA HIS G 11 36.38 27.62 -25.19
C HIS G 11 36.44 26.10 -25.11
N TRP G 12 37.11 25.46 -26.07
CA TRP G 12 37.35 24.02 -25.97
C TRP G 12 38.77 23.60 -26.30
N GLY G 13 39.53 24.37 -27.06
CA GLY G 13 40.88 24.00 -27.41
C GLY G 13 41.21 24.46 -28.81
N PHE G 14 42.41 24.09 -29.27
CA PHE G 14 42.91 24.47 -30.59
C PHE G 14 43.33 23.22 -31.36
N SER G 15 43.42 23.36 -32.67
CA SER G 15 43.78 22.24 -33.54
C SER G 15 44.51 22.77 -34.76
N VAL G 16 45.79 22.44 -34.88
CA VAL G 16 46.59 22.74 -36.07
C VAL G 16 47.25 21.44 -36.52
N VAL G 17 46.99 21.05 -37.76
CA VAL G 17 47.48 19.78 -38.28
C VAL G 17 48.87 19.98 -38.88
N LYS G 18 49.73 18.98 -38.70
CA LYS G 18 51.07 19.06 -39.26
C LYS G 18 51.02 18.99 -40.79
N PRO G 19 51.88 19.75 -41.46
CA PRO G 19 51.97 19.62 -42.92
C PRO G 19 52.56 18.28 -43.32
N LEU G 20 52.20 17.86 -44.53
CA LEU G 20 52.62 16.55 -45.07
C LEU G 20 52.18 15.41 -44.17
N ALA G 24 46.34 9.80 -42.19
CA ALA G 24 46.91 10.22 -40.91
C ALA G 24 47.06 11.73 -40.85
N LYS G 25 46.48 12.34 -39.82
CA LYS G 25 46.54 13.79 -39.63
C LYS G 25 46.91 14.11 -38.17
N PRO G 26 48.17 13.92 -37.82
CA PRO G 26 48.62 14.32 -36.47
C PRO G 26 48.65 15.84 -36.34
N GLY G 27 48.52 16.31 -35.10
CA GLY G 27 48.49 17.72 -34.80
C GLY G 27 49.66 18.15 -33.94
N PHE G 28 49.73 19.46 -33.70
CA PHE G 28 50.80 20.05 -32.90
C PHE G 28 50.36 20.19 -31.45
N TYR G 29 51.35 20.39 -30.57
CA TYR G 29 51.09 20.56 -29.15
C TYR G 29 50.78 22.01 -28.79
N LEU G 30 51.54 22.96 -29.30
CA LEU G 30 51.29 24.38 -29.09
C LEU G 30 51.26 25.11 -30.42
N PRO G 31 50.49 26.20 -30.51
CA PRO G 31 50.36 26.90 -31.79
C PRO G 31 51.70 27.47 -32.23
N PRO G 32 51.98 27.47 -33.52
CA PRO G 32 53.24 28.02 -34.02
C PRO G 32 53.21 29.54 -34.02
N PRO G 33 54.36 30.20 -34.16
CA PRO G 33 54.35 31.67 -34.22
C PRO G 33 53.57 32.21 -35.41
N THR G 34 53.50 31.46 -36.51
CA THR G 34 52.74 31.91 -37.68
C THR G 34 51.28 32.13 -37.33
N THR G 35 50.70 31.19 -36.58
CA THR G 35 49.30 31.32 -36.17
C THR G 35 49.10 32.53 -35.27
N LEU G 36 50.02 32.77 -34.34
CA LEU G 36 49.89 33.93 -33.46
C LEU G 36 49.99 35.23 -34.24
N ILE G 37 50.91 35.30 -35.19
CA ILE G 37 51.05 36.51 -36.00
C ILE G 37 49.80 36.73 -36.84
N GLY G 38 49.24 35.66 -37.40
CA GLY G 38 48.00 35.80 -38.15
C GLY G 38 46.84 36.25 -37.28
N ALA G 39 46.74 35.72 -36.07
CA ALA G 39 45.69 36.13 -35.16
C ALA G 39 45.83 37.61 -34.81
N LEU G 40 47.07 38.07 -34.64
CA LEU G 40 47.30 39.50 -34.44
C LEU G 40 46.86 40.31 -35.65
N SER G 41 47.21 39.85 -36.85
CA SER G 41 46.90 40.60 -38.07
C SER G 41 45.42 40.62 -38.38
N TYR G 42 44.65 39.67 -37.84
CA TYR G 42 43.21 39.65 -38.12
C TYR G 42 42.53 40.94 -37.71
N GLY G 43 43.05 41.64 -36.70
CA GLY G 43 42.41 42.85 -36.21
C GLY G 43 42.41 43.98 -37.21
N LYS G 44 43.34 43.98 -38.16
CA LYS G 44 43.44 45.05 -39.15
C LYS G 44 42.98 44.64 -40.53
N PHE G 45 43.14 43.37 -40.90
CA PHE G 45 42.82 42.88 -42.24
C PHE G 45 41.52 42.08 -42.28
N ARG G 46 40.56 42.42 -41.43
CA ARG G 46 39.32 41.65 -41.36
C ARG G 46 38.48 41.88 -42.61
N GLY G 47 38.02 40.78 -43.21
CA GLY G 47 37.14 40.85 -44.35
C GLY G 47 37.78 40.51 -45.69
N VAL G 48 39.11 40.48 -45.78
CA VAL G 48 39.81 40.21 -47.02
C VAL G 48 40.58 38.91 -46.88
N ASP G 49 40.52 38.08 -47.93
CA ASP G 49 41.19 36.79 -47.95
C ASP G 49 42.32 36.68 -48.96
N ASN G 50 42.40 37.59 -49.93
CA ASN G 50 43.47 37.56 -50.92
C ASN G 50 43.90 38.98 -51.23
N ILE G 51 45.16 39.29 -50.99
CA ILE G 51 45.76 40.56 -51.37
C ILE G 51 46.90 40.28 -52.33
N ASN G 52 47.11 41.19 -53.28
CA ASN G 52 48.18 41.04 -54.26
C ASN G 52 49.49 41.47 -53.61
N LEU G 53 50.32 40.50 -53.24
CA LEU G 53 51.60 40.81 -52.62
C LEU G 53 52.54 41.53 -53.58
N GLY G 54 52.25 41.49 -54.88
CA GLY G 54 53.10 42.10 -55.87
C GLY G 54 53.42 41.14 -57.00
N ASN G 55 53.47 39.85 -56.67
CA ASN G 55 53.78 38.84 -57.67
C ASN G 55 52.76 37.70 -57.66
N VAL G 56 52.18 37.42 -56.49
CA VAL G 56 51.27 36.29 -56.36
C VAL G 56 50.37 36.54 -55.15
N TYR G 57 49.13 36.08 -55.25
CA TYR G 57 48.18 36.14 -54.14
C TYR G 57 48.54 35.05 -53.14
N GLY G 58 49.10 35.43 -52.00
CA GLY G 58 49.44 34.40 -51.04
C GLY G 58 48.73 34.45 -49.70
N SER G 59 48.52 35.65 -49.14
CA SER G 59 47.79 35.81 -47.88
C SER G 59 47.68 37.29 -47.52
N PRO G 60 46.65 37.69 -46.77
CA PRO G 60 46.63 39.02 -46.16
C PRO G 60 47.37 39.07 -44.82
N ALA G 61 48.56 38.46 -44.79
CA ALA G 61 49.35 38.45 -43.57
C ALA G 61 50.85 38.49 -43.83
N TYR G 62 51.27 38.66 -45.08
CA TYR G 62 52.69 38.71 -45.42
C TYR G 62 53.34 40.05 -45.04
N ASN G 63 52.63 40.90 -44.31
CA ASN G 63 53.15 42.20 -43.91
C ASN G 63 53.48 42.29 -42.43
N PHE G 64 52.94 41.40 -41.60
CA PHE G 64 53.27 41.35 -40.18
C PHE G 64 54.35 40.33 -39.87
N ARG G 65 55.19 39.99 -40.86
CA ARG G 65 56.11 38.88 -40.73
C ARG G 65 57.28 39.17 -39.80
N ASN G 66 57.45 40.41 -39.36
CA ASN G 66 58.60 40.82 -38.54
CA ASN G 66 58.60 40.82 -38.54
C ASN G 66 58.18 41.22 -37.14
N ILE G 67 57.24 40.49 -36.55
CA ILE G 67 56.78 40.73 -35.19
C ILE G 67 57.09 39.48 -34.37
N MET G 68 57.70 39.66 -33.21
CA MET G 68 58.06 38.52 -32.38
C MET G 68 56.92 38.15 -31.44
N ALA G 69 56.65 36.86 -31.33
CA ALA G 69 55.51 36.40 -30.55
C ALA G 69 55.80 35.05 -29.92
N THR G 70 55.34 34.87 -28.68
CA THR G 70 55.41 33.59 -27.99
C THR G 70 54.13 33.41 -27.18
N ALA G 71 53.90 32.18 -26.72
CA ALA G 71 52.71 31.90 -25.93
C ALA G 71 52.97 30.70 -25.04
N ARG G 72 52.16 30.59 -23.97
CA ARG G 72 52.29 29.49 -23.04
C ARG G 72 50.95 29.19 -22.39
N LEU G 73 50.84 27.98 -21.86
CA LEU G 73 49.65 27.48 -21.20
C LEU G 73 49.64 27.90 -19.73
N GLU G 74 48.47 27.74 -19.10
CA GLU G 74 48.36 27.96 -17.66
C GLU G 74 47.45 26.93 -16.99
N SER G 75 47.05 25.88 -17.69
CA SER G 75 46.14 24.87 -17.14
C SER G 75 46.55 23.51 -17.67
N GLU G 76 45.67 22.52 -17.50
CA GLU G 76 45.95 21.14 -17.85
C GLU G 76 45.03 20.70 -18.98
N GLY G 77 45.59 19.98 -19.94
CA GLY G 77 44.85 19.51 -21.09
C GLY G 77 45.42 18.21 -21.61
N VAL G 78 44.73 17.63 -22.59
CA VAL G 78 45.09 16.32 -23.14
C VAL G 78 45.09 16.40 -24.66
N TYR G 79 46.09 15.77 -25.28
CA TYR G 79 46.15 15.67 -26.73
C TYR G 79 45.54 14.34 -27.18
N THR G 80 44.59 14.42 -28.11
CA THR G 80 43.82 13.25 -28.53
C THR G 80 43.65 13.25 -30.04
N GLU G 81 43.82 12.06 -30.63
CA GLU G 81 43.59 11.85 -32.06
C GLU G 81 42.30 11.05 -32.22
N ASP G 82 41.29 11.69 -32.82
CA ASP G 82 40.00 11.02 -33.04
C ASP G 82 39.19 11.79 -34.08
N THR G 109 43.18 13.49 -37.11
CA THR G 109 42.83 14.85 -36.75
C THR G 109 43.19 15.12 -35.30
N GLY G 110 44.45 15.45 -35.05
CA GLY G 110 44.91 15.70 -33.69
C GLY G 110 44.28 16.95 -33.12
N LYS G 111 43.88 16.87 -31.85
CA LYS G 111 43.30 17.98 -31.13
C LYS G 111 43.91 18.08 -29.74
N VAL G 112 43.84 19.26 -29.16
CA VAL G 112 44.35 19.52 -27.82
C VAL G 112 43.17 20.05 -27.01
N TYR G 113 42.56 19.18 -26.21
CA TYR G 113 41.42 19.59 -25.39
C TYR G 113 41.93 20.22 -24.10
N ILE G 114 41.55 21.47 -23.88
CA ILE G 114 41.87 22.18 -22.65
C ILE G 114 40.73 23.17 -22.40
N PRO G 115 39.50 22.69 -22.16
CA PRO G 115 38.37 23.61 -22.02
C PRO G 115 38.52 24.51 -20.81
N ASN G 116 38.02 25.73 -20.95
CA ASN G 116 38.01 26.74 -19.90
C ASN G 116 39.42 27.11 -19.44
N GLY G 117 40.44 26.78 -20.23
CA GLY G 117 41.81 27.06 -19.87
C GLY G 117 42.19 28.51 -20.13
N ARG G 118 43.45 28.81 -19.82
CA ARG G 118 44.02 30.13 -20.02
C ARG G 118 45.29 30.03 -20.85
N LEU G 119 45.45 30.97 -21.76
CA LEU G 119 46.64 31.06 -22.60
C LEU G 119 47.22 32.47 -22.48
N VAL G 120 48.52 32.56 -22.24
CA VAL G 120 49.19 33.84 -22.07
C VAL G 120 50.10 34.05 -23.27
N VAL G 121 49.91 35.16 -23.98
CA VAL G 121 50.64 35.43 -25.21
C VAL G 121 51.41 36.74 -25.05
N VAL G 122 52.67 36.71 -25.47
CA VAL G 122 53.58 37.86 -25.36
C VAL G 122 54.00 38.26 -26.75
N TYR G 123 53.78 39.54 -27.09
CA TYR G 123 54.17 40.12 -28.36
C TYR G 123 55.26 41.15 -28.10
N VAL G 124 56.40 41.00 -28.78
CA VAL G 124 57.51 41.94 -28.68
C VAL G 124 57.82 42.44 -30.09
N THR G 125 57.88 43.76 -30.24
CA THR G 125 58.12 44.36 -31.55
C THR G 125 58.48 45.82 -31.38
N ASP G 126 58.78 46.47 -32.50
CA ASP G 126 59.00 47.90 -32.54
C ASP G 126 58.41 48.57 -33.76
N SER G 127 57.70 47.84 -34.62
CA SER G 127 57.21 48.40 -35.88
C SER G 127 56.16 49.48 -35.64
N ILE G 128 55.21 49.23 -34.74
CA ILE G 128 54.13 50.16 -34.48
C ILE G 128 54.23 50.62 -33.03
N SER G 129 53.52 51.72 -32.74
CA SER G 129 53.54 52.28 -31.41
C SER G 129 52.69 51.42 -30.46
N LYS G 130 52.63 51.85 -29.20
CA LYS G 130 51.88 51.10 -28.19
C LYS G 130 50.39 51.09 -28.50
N GLU G 131 49.87 52.22 -28.99
CA GLU G 131 48.43 52.33 -29.23
C GLU G 131 47.96 51.32 -30.27
N GLU G 132 48.67 51.23 -31.40
CA GLU G 132 48.27 50.31 -32.45
C GLU G 132 48.36 48.86 -32.00
N LEU G 133 49.43 48.51 -31.28
CA LEU G 133 49.59 47.14 -30.80
C LEU G 133 48.50 46.79 -29.81
N GLU G 134 48.15 47.71 -28.92
CA GLU G 134 47.06 47.44 -27.97
C GLU G 134 45.72 47.28 -28.68
N LYS G 135 45.46 48.13 -29.68
CA LYS G 135 44.21 48.03 -30.42
C LYS G 135 44.12 46.70 -31.16
N LEU G 136 45.21 46.26 -31.76
CA LEU G 136 45.21 44.96 -32.43
C LEU G 136 45.20 43.81 -31.44
N CYS G 137 45.68 44.03 -30.22
CA CYS G 137 45.70 42.98 -29.21
C CYS G 137 44.31 42.72 -28.65
N TRP G 138 43.50 43.77 -28.53
CA TRP G 138 42.12 43.58 -28.11
C TRP G 138 41.24 42.94 -29.18
N SER G 139 41.77 42.68 -30.37
CA SER G 139 40.97 42.23 -31.51
C SER G 139 41.32 40.81 -31.94
N ILE G 140 41.49 39.89 -31.01
CA ILE G 140 41.79 38.49 -31.33
C ILE G 140 40.53 37.65 -31.09
N THR G 141 40.20 36.80 -32.05
CA THR G 141 38.97 35.99 -31.97
C THR G 141 39.22 34.49 -32.00
N ARG G 142 40.21 34.00 -32.73
CA ARG G 142 40.44 32.56 -32.76
C ARG G 142 41.90 32.29 -33.03
N ILE G 143 42.30 31.05 -32.74
CA ILE G 143 43.67 30.58 -32.95
C ILE G 143 43.58 29.24 -33.67
N GLY G 144 43.93 29.23 -34.95
CA GLY G 144 43.88 28.01 -35.73
C GLY G 144 42.69 27.96 -36.68
N CYS G 145 41.76 27.04 -36.44
CA CYS G 145 40.60 26.87 -37.28
C CYS G 145 39.41 27.63 -36.71
N LYS G 146 38.26 27.52 -37.38
CA LYS G 146 37.10 28.33 -37.02
C LYS G 146 36.60 28.00 -35.62
N GLU G 147 36.54 26.72 -35.26
CA GLU G 147 35.93 26.30 -34.01
C GLU G 147 36.69 26.79 -32.79
N CYS G 148 37.97 27.13 -32.94
CA CYS G 148 38.82 27.45 -31.79
C CYS G 148 38.68 28.91 -31.39
N LEU G 149 37.47 29.27 -30.95
CA LEU G 149 37.23 30.62 -30.47
C LEU G 149 37.95 30.84 -29.14
N ALA G 150 38.24 32.10 -28.84
CA ALA G 150 39.01 32.43 -27.64
C ALA G 150 38.71 33.87 -27.24
N SER G 151 38.17 34.05 -26.04
CA SER G 151 37.88 35.38 -25.52
C SER G 151 39.16 36.07 -25.05
N VAL G 152 39.04 37.36 -24.76
CA VAL G 152 40.14 38.16 -24.25
C VAL G 152 39.73 38.71 -22.88
N GLU G 153 40.61 38.59 -21.89
CA GLU G 153 40.30 39.01 -20.54
C GLU G 153 41.07 40.26 -20.11
N ASN G 154 42.36 40.35 -20.44
CA ASN G 154 43.13 41.53 -20.05
C ASN G 154 44.39 41.61 -20.91
N VAL G 155 44.91 42.84 -21.03
CA VAL G 155 46.14 43.13 -21.75
C VAL G 155 47.03 44.02 -20.90
N GLU G 156 48.31 44.03 -21.25
CA GLU G 156 49.32 44.88 -20.63
C GLU G 156 50.26 45.37 -21.72
N VAL G 157 50.69 46.62 -21.62
CA VAL G 157 51.62 47.21 -22.58
C VAL G 157 52.77 47.86 -21.82
N GLY G 158 53.97 47.74 -22.36
CA GLY G 158 55.12 48.36 -21.71
C GLY G 158 56.34 48.33 -22.60
N GLU G 159 57.45 48.79 -22.02
CA GLU G 159 58.75 48.78 -22.69
C GLU G 159 59.62 47.69 -22.06
N ALA G 160 60.24 46.88 -22.91
CA ALA G 160 61.05 45.76 -22.46
C ALA G 160 62.53 46.11 -22.47
N LYS G 161 63.29 45.36 -21.69
CA LYS G 161 64.74 45.52 -21.59
C LYS G 161 65.43 44.26 -22.08
N LYS G 162 66.61 44.43 -22.64
CA LYS G 162 67.38 43.33 -23.22
C LYS G 162 68.52 42.95 -22.30
N VAL G 163 68.65 41.65 -22.03
CA VAL G 163 69.72 41.10 -21.18
C VAL G 163 70.27 39.86 -21.85
N SER G 164 71.38 39.36 -21.29
CA SER G 164 72.01 38.15 -21.79
C SER G 164 72.45 37.19 -20.70
N GLY G 165 72.18 37.49 -19.43
CA GLY G 165 72.58 36.59 -18.36
C GLY G 165 71.70 35.37 -18.28
N ARG G 166 72.07 34.46 -17.37
CA ARG G 166 71.31 33.24 -17.18
C ARG G 166 69.92 33.56 -16.65
N VAL G 167 68.90 33.02 -17.30
CA VAL G 167 67.50 33.32 -16.99
C VAL G 167 66.71 32.02 -16.93
N LYS G 168 65.52 32.11 -16.39
CA LYS G 168 64.57 31.00 -16.35
C LYS G 168 63.32 31.42 -17.13
N THR G 169 62.85 30.54 -18.00
CA THR G 169 61.76 30.87 -18.90
C THR G 169 60.77 29.71 -18.99
N ARG G 170 59.55 30.03 -19.44
CA ARG G 170 58.53 29.04 -19.73
C ARG G 170 58.15 28.99 -21.19
N TYR G 171 58.35 30.07 -21.94
CA TYR G 171 57.99 30.11 -23.35
C TYR G 171 58.98 29.29 -24.16
N TYR G 172 58.48 28.68 -25.24
CA TYR G 172 59.34 27.86 -26.08
C TYR G 172 60.29 28.73 -26.89
N PHE G 173 61.42 28.14 -27.27
CA PHE G 173 62.48 28.86 -27.96
C PHE G 173 63.03 27.98 -29.07
N ARG G 174 64.12 28.44 -29.70
CA ARG G 174 64.70 27.76 -30.85
C ARG G 174 65.60 26.60 -30.41
N ASP G 175 66.03 25.82 -31.39
CA ASP G 175 66.84 24.64 -31.10
C ASP G 175 68.27 25.02 -30.73
N THR G 176 68.82 26.06 -31.36
CA THR G 176 70.22 26.40 -31.18
C THR G 176 70.53 26.94 -29.79
N VAL G 177 69.51 27.33 -29.01
CA VAL G 177 69.76 27.87 -27.68
C VAL G 177 70.26 26.76 -26.76
N LYS G 178 71.35 27.04 -26.05
CA LYS G 178 71.92 26.06 -25.14
C LYS G 178 71.04 25.90 -23.89
N VAL G 179 71.34 24.87 -23.12
CA VAL G 179 70.59 24.56 -21.90
C VAL G 179 71.59 24.19 -20.81
N VAL G 180 71.31 24.65 -19.59
CA VAL G 180 72.16 24.35 -18.45
C VAL G 180 71.53 23.35 -17.48
N GLY G 181 70.21 23.32 -17.37
CA GLY G 181 69.54 22.44 -16.44
C GLY G 181 69.48 21.01 -16.92
N ARG G 182 68.66 20.22 -16.23
CA ARG G 182 68.51 18.80 -16.54
C ARG G 182 67.50 18.61 -17.66
N LYS G 183 67.91 17.87 -18.69
CA LYS G 183 67.04 17.58 -19.82
C LYS G 183 65.99 16.55 -19.44
N GLU G 184 64.83 17.01 -18.96
CA GLU G 184 63.81 16.09 -18.50
C GLU G 184 62.44 16.41 -19.11
N PHE G 185 62.21 17.67 -19.45
CA PHE G 185 60.91 18.12 -19.94
C PHE G 185 61.05 18.86 -21.26
N LEU G 186 61.87 18.35 -22.17
CA LEU G 186 62.12 18.98 -23.45
C LEU G 186 61.62 18.10 -24.58
N GLU G 187 60.91 18.72 -25.53
CA GLU G 187 60.45 18.03 -26.73
C GLU G 187 60.87 18.81 -27.96
N TYR G 188 60.96 18.11 -29.09
CA TYR G 188 61.38 18.69 -30.35
C TYR G 188 60.21 18.73 -31.31
N VAL G 189 59.99 19.90 -31.93
CA VAL G 189 58.96 20.07 -32.94
C VAL G 189 59.58 20.78 -34.15
N THR G 190 58.87 20.74 -35.26
CA THR G 190 59.30 21.38 -36.49
C THR G 190 58.25 22.41 -36.90
N PHE G 191 58.66 23.66 -37.03
CA PHE G 191 57.81 24.76 -37.46
C PHE G 191 58.29 25.28 -38.80
N TRP G 192 57.59 26.31 -39.30
CA TRP G 192 57.91 26.89 -40.59
C TRP G 192 58.06 28.40 -40.46
N GLU G 193 58.82 28.97 -41.39
CA GLU G 193 58.99 30.42 -41.44
C GLU G 193 57.80 31.06 -42.13
N GLU G 194 57.91 32.36 -42.39
CA GLU G 194 56.83 33.08 -43.06
C GLU G 194 56.76 32.79 -44.55
N ASN G 195 57.78 32.13 -45.11
CA ASN G 195 57.78 31.82 -46.53
C ASN G 195 56.57 30.98 -46.92
N GLY G 196 56.01 30.22 -45.99
CA GLY G 196 54.84 29.41 -46.26
C GLY G 196 53.54 30.18 -46.33
N TYR G 197 53.57 31.51 -46.17
CA TYR G 197 52.34 32.28 -46.25
C TYR G 197 51.73 32.28 -47.65
N ILE G 198 52.49 31.91 -48.67
CA ILE G 198 52.02 31.91 -50.05
C ILE G 198 51.56 30.51 -50.42
N TRP G 199 50.39 30.42 -51.06
CA TRP G 199 49.85 29.13 -51.45
C TRP G 199 50.76 28.43 -52.46
N GLY G 200 50.60 27.11 -52.55
CA GLY G 200 51.39 26.33 -53.48
C GLY G 200 52.88 26.37 -53.20
N LYS G 201 53.27 26.50 -51.94
CA LYS G 201 54.68 26.58 -51.57
C LYS G 201 54.81 26.18 -50.11
N GLU G 202 55.89 25.46 -49.80
CA GLU G 202 56.13 24.95 -48.46
C GLU G 202 57.19 25.78 -47.77
N GLY G 203 56.92 26.18 -46.53
CA GLY G 203 57.87 26.98 -45.78
C GLY G 203 59.08 26.18 -45.33
N SER G 204 60.13 26.92 -44.98
CA SER G 204 61.37 26.29 -44.54
C SER G 204 61.17 25.60 -43.19
N PRO G 205 61.83 24.47 -42.96
CA PRO G 205 61.68 23.78 -41.67
C PRO G 205 62.67 24.29 -40.62
N VAL G 206 62.17 24.64 -39.44
CA VAL G 206 62.99 25.13 -38.35
C VAL G 206 62.67 24.33 -37.10
N ARG G 207 63.69 23.83 -36.43
CA ARG G 207 63.48 23.06 -35.20
C ARG G 207 63.20 23.97 -34.03
N TYR G 208 62.37 23.49 -33.11
CA TYR G 208 62.00 24.24 -31.92
C TYR G 208 61.94 23.28 -30.73
N ILE G 209 62.20 23.82 -29.55
CA ILE G 209 62.22 23.05 -28.30
C ILE G 209 61.08 23.54 -27.43
N LEU G 210 60.29 22.59 -26.92
CA LEU G 210 59.14 22.89 -26.08
C LEU G 210 59.36 22.36 -24.68
N PRO G 211 59.26 23.20 -23.65
CA PRO G 211 59.28 22.72 -22.24
C PRO G 211 57.89 22.32 -21.75
N ILE G 212 57.45 21.14 -22.18
CA ILE G 212 56.09 20.67 -21.95
C ILE G 212 56.14 19.22 -21.47
N THR G 213 55.21 18.87 -20.57
CA THR G 213 55.00 17.49 -20.17
C THR G 213 53.93 16.88 -21.08
N THR G 214 54.23 15.70 -21.64
CA THR G 214 53.38 15.15 -22.69
C THR G 214 52.01 14.73 -22.17
N TYR G 215 51.95 14.18 -20.96
CA TYR G 215 50.67 13.69 -20.46
C TYR G 215 50.64 13.71 -18.94
N PRO G 216 49.79 14.55 -18.32
CA PRO G 216 48.89 15.52 -18.94
C PRO G 216 49.66 16.76 -19.40
N LEU G 217 49.08 17.57 -20.28
CA LEU G 217 49.79 18.74 -20.79
C LEU G 217 49.89 19.82 -19.72
N ALA G 218 51.09 20.37 -19.57
CA ALA G 218 51.35 21.47 -18.66
C ALA G 218 52.65 22.15 -19.08
N SER G 219 52.98 23.23 -18.40
CA SER G 219 54.18 24.00 -18.69
C SER G 219 55.13 23.94 -17.50
N LYS G 220 56.43 23.86 -17.79
CA LYS G 220 57.45 23.80 -16.77
C LYS G 220 58.55 24.81 -17.08
N GLU G 221 59.23 25.25 -16.03
CA GLU G 221 60.28 26.25 -16.15
C GLU G 221 61.60 25.59 -16.53
N VAL G 222 62.35 26.25 -17.41
CA VAL G 222 63.65 25.77 -17.86
C VAL G 222 64.64 26.93 -17.81
N GLU G 223 65.85 26.65 -17.31
CA GLU G 223 66.89 27.67 -17.19
C GLU G 223 67.83 27.61 -18.38
N VAL G 224 68.04 28.76 -19.01
CA VAL G 224 68.90 28.86 -20.19
C VAL G 224 69.83 30.06 -20.05
N GLU G 225 70.93 30.01 -20.78
CA GLU G 225 71.88 31.13 -20.81
C GLU G 225 71.51 32.13 -21.90
N ALA G 226 71.47 31.68 -23.16
CA ALA G 226 71.05 32.47 -24.30
C ALA G 226 71.92 33.70 -24.53
N LYS G 227 71.56 34.50 -25.54
CA LYS G 227 72.24 35.73 -25.89
C LYS G 227 71.34 36.95 -25.84
N GLU G 228 70.10 36.81 -26.28
CA GLU G 228 69.11 37.90 -26.25
C GLU G 228 67.90 37.43 -25.48
N ALA G 229 67.55 38.14 -24.41
CA ALA G 229 66.35 37.83 -23.66
C ALA G 229 65.73 39.12 -23.16
N TYR G 230 64.43 39.29 -23.44
CA TYR G 230 63.72 40.49 -23.04
C TYR G 230 62.97 40.24 -21.75
N GLU G 231 63.10 41.16 -20.81
CA GLU G 231 62.36 41.13 -19.55
C GLU G 231 61.03 41.82 -19.76
N VAL G 232 59.94 41.06 -19.67
CA VAL G 232 58.60 41.60 -19.92
C VAL G 232 57.77 41.50 -18.65
N GLY G 233 58.43 41.59 -17.49
CA GLY G 233 57.73 41.53 -16.23
C GLY G 233 58.18 40.41 -15.33
N GLY G 234 59.45 40.01 -15.45
CA GLY G 234 59.99 38.94 -14.65
C GLY G 234 60.08 37.63 -15.40
N GLU G 235 59.07 37.34 -16.20
CA GLU G 235 59.07 36.15 -17.04
C GLU G 235 59.88 36.48 -18.30
N TYR G 236 61.19 36.24 -18.21
CA TYR G 236 62.06 36.53 -19.33
C TYR G 236 61.68 35.71 -20.55
N VAL G 237 61.71 36.34 -21.72
CA VAL G 237 61.40 35.70 -22.99
C VAL G 237 62.70 35.53 -23.77
N VAL G 238 62.95 34.32 -24.24
CA VAL G 238 64.19 33.97 -24.93
C VAL G 238 63.90 33.85 -26.42
N PHE G 239 64.75 34.49 -27.23
CA PHE G 239 64.60 34.44 -28.68
C PHE G 239 65.82 33.86 -29.40
N SER G 240 67.01 34.05 -28.88
CA SER G 240 68.21 33.50 -29.51
C SER G 240 69.36 33.44 -28.51
C TRS J . -28.43 14.33 68.12
C1 TRS J . -28.53 12.85 67.74
C2 TRS J . -27.06 14.88 67.72
C3 TRS J . -28.63 14.50 69.63
N TRS J . -29.47 15.07 67.41
O1 TRS J . -27.48 12.14 68.37
O2 TRS J . -26.89 14.71 66.33
O3 TRS J . -28.44 15.85 69.97
H11 TRS J . -28.47 12.76 66.78
H12 TRS J . -29.38 12.50 68.02
H21 TRS J . -26.36 14.43 68.20
H22 TRS J . -27.00 15.82 67.94
H31 TRS J . -28.02 13.93 70.11
H32 TRS J . -29.53 14.22 69.87
HN1 TRS J . -30.21 14.64 67.47
HN2 TRS J . -29.25 15.14 66.58
HN3 TRS J . -29.55 15.85 67.75
HO1 TRS J . -26.81 12.13 67.87
HO2 TRS J . -27.46 15.16 65.91
HO3 TRS J . -28.57 15.95 70.80
C TRS K . 1.47 -7.63 -31.73
C1 TRS K . 2.24 -7.49 -30.43
C2 TRS K . 2.33 -7.15 -32.88
C3 TRS K . 0.17 -6.83 -31.66
N TRS K . 1.14 -9.04 -31.94
O1 TRS K . 2.69 -6.15 -30.30
O2 TRS K . 3.59 -7.77 -32.81
O3 TRS K . -0.59 -7.06 -32.82
H11 TRS K . 2.99 -8.09 -30.41
H12 TRS K . 1.68 -7.72 -29.67
H21 TRS K . 2.44 -6.18 -32.84
H22 TRS K . 1.90 -7.35 -33.72
H31 TRS K . 0.37 -5.89 -31.57
H32 TRS K . -0.34 -7.09 -30.86
HN1 TRS K . 1.02 -9.43 -31.18
HN2 TRS K . 1.78 -9.42 -32.36
HN3 TRS K . 0.42 -9.10 -32.41
HO1 TRS K . 3.11 -6.07 -29.58
HO2 TRS K . 4.19 -7.23 -33.05
HO3 TRS K . -1.31 -6.62 -32.77
C TRS L . -5.96 -25.45 -6.49
C1 TRS L . -6.14 -24.53 -5.26
C2 TRS L . -4.46 -25.61 -6.84
C3 TRS L . -6.79 -24.93 -7.68
N TRS L . -6.49 -26.83 -6.15
O1 TRS L . -5.90 -23.15 -5.53
O2 TRS L . -3.83 -26.51 -5.93
O3 TRS L . -8.18 -25.05 -7.40
H11 TRS L . -5.55 -24.83 -4.53
H12 TRS L . -7.07 -24.62 -4.93
H21 TRS L . -4.03 -24.73 -6.80
H22 TRS L . -4.38 -25.95 -7.76
H31 TRS L . -6.56 -25.45 -8.48
H32 TRS L . -6.56 -23.99 -7.86
HN1 TRS L . -7.38 -26.81 -5.93
HN2 TRS L . -6.05 -27.19 -5.43
HN3 TRS L . -6.41 -27.41 -6.84
HO1 TRS L . -5.24 -22.98 -6.03
HO2 TRS L . -2.96 -26.61 -6.01
HO3 TRS L . -8.74 -24.77 -8.01
C TRS M . -15.81 -11.17 53.05
C1 TRS M . -17.30 -11.05 52.69
C2 TRS M . -14.96 -11.52 51.84
C3 TRS M . -15.64 -12.18 54.17
N TRS M . -15.35 -9.86 53.54
O1 TRS M . -17.88 -12.34 52.72
O2 TRS M . -15.68 -12.28 50.89
O3 TRS M . -15.98 -11.60 55.40
H11 TRS M . -17.40 -10.67 51.81
H12 TRS M . -17.74 -10.47 53.32
H21 TRS M . -14.18 -12.03 52.14
H22 TRS M . -14.64 -10.72 51.42
H31 TRS M . -14.72 -12.50 54.18
H32 TRS M . -16.21 -12.96 54.00
HN1 TRS M . -16.04 -9.38 53.72
HN2 TRS M . -14.88 -9.49 52.94
HN3 TRS M . -14.89 -9.98 54.25
HO1 TRS M . -17.46 -12.85 52.20
HO3 TRS M . -15.88 -12.16 56.01
C TRS N . -11.36 -27.00 25.95
C1 TRS N . -11.14 -25.49 25.85
C2 TRS N . -10.57 -27.68 24.86
C3 TRS N . -12.84 -27.33 25.83
N TRS N . -10.89 -27.46 27.26
O1 TRS N . -10.92 -25.17 24.50
O2 TRS N . -9.40 -26.95 24.59
O3 TRS N . -13.02 -28.72 25.96
H11 TRS N . -10.38 -25.23 26.39
H12 TRS N . -11.91 -25.01 26.19
H21 TRS N . -11.10 -27.76 24.05
H22 TRS N . -10.34 -28.59 25.13
H31 TRS N . -13.18 -27.03 24.97
H32 TRS N . -13.35 -26.86 26.50
HN1 TRS N . -11.02 -26.86 27.85
HN2 TRS N . -10.04 -27.64 27.21
HN3 TRS N . -11.30 -28.18 27.48
HO1 TRS N . -10.14 -25.38 24.28
HO2 TRS N . -9.27 -26.92 23.76
HO3 TRS N . -13.84 -28.91 25.89
C TRS O . 18.15 17.01 -43.53
C1 TRS O . 18.61 16.53 -42.16
C2 TRS O . 19.35 17.60 -44.28
C3 TRS O . 17.05 18.05 -43.39
N TRS O . 17.64 15.87 -44.30
O1 TRS O . 19.20 17.61 -41.47
O2 TRS O . 20.38 16.63 -44.33
O3 TRS O . 16.58 18.42 -44.66
H11 TRS O . 19.24 15.81 -42.26
H12 TRS O . 17.85 16.18 -41.66
H21 TRS O . 19.65 18.40 -43.84
H22 TRS O . 19.09 17.84 -45.18
H31 TRS O . 17.39 18.83 -42.92
H32 TRS O . 16.33 17.68 -42.85
HN1 TRS O . 17.22 15.34 -43.77
HN2 TRS O . 18.29 15.45 -44.67
HN3 TRS O . 17.09 16.15 -44.89
HO1 TRS O . 19.45 17.35 -40.71
HO2 TRS O . 21.12 17.03 -44.32
HO3 TRS O . 17.05 19.05 -44.96
#